data_9UI7
#
_entry.id   9UI7
#
_cell.length_a   1.00
_cell.length_b   1.00
_cell.length_c   1.00
_cell.angle_alpha   90.00
_cell.angle_beta   90.00
_cell.angle_gamma   90.00
#
_symmetry.space_group_name_H-M   'P 1'
#
loop_
_entity.id
_entity.type
_entity.pdbx_description
1 polymer 'DNA repair protein RAD51 homolog 1'
2 polymer 'DNA (48-MER)'
3 polymer 'DNA (48-MER)'
4 polymer 'DNA (27-MER)'
5 non-polymer 'MAGNESIUM ION'
6 non-polymer 'PHOSPHOAMINOPHOSPHONIC ACID-ADENYLATE ESTER'
#
loop_
_entity_poly.entity_id
_entity_poly.type
_entity_poly.pdbx_seq_one_letter_code
_entity_poly.pdbx_strand_id
1 'polypeptide(L)'
;MASWSHPQFEKGADDDDKVPDPMAMQMQLEASADTSVEEESFGPQPISRLEQCGINANDVKKLEEAGYHTVEAVAYAPKK
ELINIKGISEAKADKILTEAAKLVPMGFTTATEFHQRRSEIIQITTGSKELDKLLQGGIETGSITEMFGEFRTGKTQICH
TLAVTCQLPIDRGGGEGKAMYIDTEGTFRPERLLAVAERYGLSGSDVLDNVAYARGFNTDHQTQLLYQAEDMMVESRYAL
LIVDSATALYRTDYSGRGELSARQMHLARFLRMLLRLADEFGVAVVITNQVVAQVDGAAMFAADPKKPIGGNIIAHASTT
RLYLRKGRGETRICKIYDSPCLPEAEAMFAINADGVGDAKD
;
D,E,F,G,A,C,B
2 'polydeoxyribonucleotide'
;(DC)(DG)(DG)(DT)(DG)(DT)(DC)(DG)(DA)(DG)(DT)(DC)(DA)(DG)(DC)(DC)(DT)(DA)(DT)(DT)
(DC)(DT)(DT)(DT)(DT)(DT)(DT)(DT)(DT)(DT)(DA)(DT)(DT)(DC)(DA)(DA)(DT)(DT)(DA)(DA)
(DG)(DC)(DA)(DA)(DG)(DT)(DA)(DC)
;
H
3 'polydeoxyribonucleotide'
;(DG)(DT)(DA)(DC)(DT)(DT)(DG)(DC)(DT)(DT)(DA)(DA)(DT)(DT)(DG)(DA)(DA)(DT)(DA)(DA)
(DA)(DA)(DG)(DG)(DG)(DC)(DG)(DA)(DC)(DG)(DT)(DA)(DG)(DG)(DC)(DT)(DG)(DA)(DC)(DT)
(DC)(DG)(DA)(DC)(DA)(DC)(DC)(DG)
;
I
4 'polydeoxyribonucleotide'
;(DT)(DT)(DT)(DC)(DG)(DT)(DC)(DG)(DC)(DC)(DC)(DA)(DC)(DG)(DC)(DT)(DT)(DT)(DT)(DT)
(DT)(DT)(DT)(DT)(DT)(DT)(DT)
;
L
#
# COMPACT_ATOMS: atom_id res chain seq x y z
N PRO A 44 -32.58 6.73 27.98
CA PRO A 44 -32.55 7.92 28.84
C PRO A 44 -32.71 7.55 30.31
N GLN A 45 -31.77 6.75 30.82
CA GLN A 45 -31.88 6.25 32.18
C GLN A 45 -30.53 6.38 32.88
N PRO A 46 -30.39 7.29 33.82
CA PRO A 46 -29.06 7.63 34.34
C PRO A 46 -28.57 6.65 35.38
N ILE A 47 -27.43 7.02 35.98
CA ILE A 47 -26.78 6.21 36.99
C ILE A 47 -27.47 6.32 38.35
N SER A 48 -28.45 7.23 38.48
CA SER A 48 -29.24 7.28 39.70
C SER A 48 -30.11 6.04 39.85
N ARG A 49 -30.46 5.40 38.74
CA ARG A 49 -31.08 4.08 38.83
C ARG A 49 -30.05 3.01 39.14
N LEU A 50 -28.76 3.30 38.96
CA LEU A 50 -27.73 2.33 39.26
C LEU A 50 -27.19 2.46 40.68
N GLU A 51 -27.39 3.61 41.32
CA GLU A 51 -26.95 3.88 42.68
C GLU A 51 -27.63 2.98 43.73
N GLN A 52 -28.72 2.33 43.37
CA GLN A 52 -29.50 1.49 44.27
C GLN A 52 -28.95 0.07 44.25
N CYS A 53 -29.75 -0.86 44.81
CA CYS A 53 -29.49 -2.30 44.94
C CYS A 53 -28.08 -2.60 45.45
N GLY A 54 -27.70 -1.89 46.50
CA GLY A 54 -26.43 -2.11 47.16
C GLY A 54 -25.21 -1.65 46.39
N ILE A 55 -25.38 -1.09 45.19
CA ILE A 55 -24.24 -0.62 44.41
C ILE A 55 -23.75 0.68 45.03
N ASN A 56 -22.60 0.62 45.69
CA ASN A 56 -22.07 1.73 46.45
C ASN A 56 -21.66 2.90 45.54
N ALA A 57 -21.51 4.06 46.17
CA ALA A 57 -21.41 5.34 45.46
C ALA A 57 -19.98 5.75 45.14
N ASN A 58 -18.98 4.98 45.56
CA ASN A 58 -17.62 5.26 45.13
C ASN A 58 -17.40 4.83 43.69
N ASP A 59 -18.13 3.81 43.25
CA ASP A 59 -17.97 3.34 41.88
C ASP A 59 -18.65 4.25 40.87
N VAL A 60 -19.80 4.82 41.27
CA VAL A 60 -20.57 5.70 40.39
C VAL A 60 -19.75 6.93 40.01
N LYS A 61 -19.05 7.51 40.98
CA LYS A 61 -18.23 8.68 40.69
C LYS A 61 -16.95 8.33 39.94
N LYS A 62 -16.65 7.04 39.80
CA LYS A 62 -15.59 6.63 38.88
C LYS A 62 -16.16 6.35 37.49
N LEU A 63 -17.34 5.72 37.43
CA LEU A 63 -17.94 5.40 36.15
C LEU A 63 -18.51 6.63 35.48
N GLU A 64 -19.04 7.58 36.26
CA GLU A 64 -19.40 8.87 35.68
C GLU A 64 -18.17 9.63 35.27
N GLU A 65 -17.05 9.43 35.97
CA GLU A 65 -15.78 9.96 35.52
C GLU A 65 -15.32 9.24 34.26
N ALA A 66 -15.70 7.98 34.10
CA ALA A 66 -15.37 7.28 32.87
C ALA A 66 -16.19 7.76 31.68
N GLY A 67 -17.34 8.38 31.91
CA GLY A 67 -18.17 8.88 30.84
C GLY A 67 -19.43 8.07 30.57
N TYR A 68 -19.66 7.00 31.32
CA TYR A 68 -20.82 6.14 31.09
C TYR A 68 -22.01 6.75 31.83
N HIS A 69 -22.61 7.75 31.18
CA HIS A 69 -23.59 8.58 31.88
C HIS A 69 -24.95 7.93 32.04
N THR A 70 -25.21 6.81 31.37
CA THR A 70 -26.48 6.14 31.52
C THR A 70 -26.25 4.71 31.95
N VAL A 71 -27.32 4.07 32.45
CA VAL A 71 -27.23 2.64 32.73
C VAL A 71 -27.20 1.87 31.42
N GLU A 72 -27.75 2.45 30.35
CA GLU A 72 -27.58 1.90 29.03
C GLU A 72 -26.13 1.97 28.57
N ALA A 73 -25.38 2.96 29.04
CA ALA A 73 -23.99 3.11 28.62
C ALA A 73 -23.12 2.00 29.19
N VAL A 74 -23.42 1.54 30.39
CA VAL A 74 -22.72 0.36 30.87
C VAL A 74 -23.41 -0.91 30.40
N ALA A 75 -24.67 -0.79 29.95
CA ALA A 75 -25.31 -1.94 29.32
C ALA A 75 -24.74 -2.18 27.94
N TYR A 76 -24.26 -1.13 27.28
CA TYR A 76 -23.63 -1.27 25.98
C TYR A 76 -22.12 -1.23 26.10
N ALA A 77 -21.59 -1.70 27.21
CA ALA A 77 -20.16 -1.69 27.46
C ALA A 77 -19.70 -3.10 27.73
N PRO A 78 -18.66 -3.57 27.05
CA PRO A 78 -18.16 -4.92 27.31
C PRO A 78 -17.36 -4.96 28.59
N LYS A 79 -16.96 -6.19 28.97
CA LYS A 79 -16.38 -6.41 30.28
C LYS A 79 -14.98 -5.84 30.40
N LYS A 80 -14.17 -5.96 29.33
CA LYS A 80 -12.76 -5.57 29.41
C LYS A 80 -12.61 -4.07 29.56
N GLU A 81 -13.57 -3.32 29.02
CA GLU A 81 -13.59 -1.88 29.24
C GLU A 81 -14.01 -1.51 30.65
N LEU A 82 -14.59 -2.45 31.39
CA LEU A 82 -14.88 -2.18 32.79
C LEU A 82 -13.72 -2.61 33.68
N ILE A 83 -12.72 -3.30 33.11
CA ILE A 83 -11.58 -3.74 33.90
C ILE A 83 -10.59 -2.60 34.07
N ASN A 84 -10.21 -1.95 32.97
CA ASN A 84 -9.10 -1.01 32.96
C ASN A 84 -9.43 0.34 33.59
N ILE A 85 -10.70 0.60 33.93
CA ILE A 85 -11.05 1.78 34.70
C ILE A 85 -10.67 1.50 36.14
N LYS A 86 -9.51 1.99 36.57
CA LYS A 86 -8.96 1.44 37.79
C LYS A 86 -9.46 2.22 39.00
N GLY A 87 -9.58 1.49 40.11
CA GLY A 87 -10.54 1.79 41.15
C GLY A 87 -11.72 0.84 41.12
N ILE A 88 -11.62 -0.23 40.34
CA ILE A 88 -12.69 -1.20 40.14
C ILE A 88 -12.10 -2.59 40.28
N SER A 89 -12.68 -3.38 41.18
CA SER A 89 -12.30 -4.78 41.28
C SER A 89 -13.12 -5.63 40.32
N GLU A 90 -12.61 -6.81 40.03
CA GLU A 90 -13.15 -7.60 38.94
C GLU A 90 -14.45 -8.29 39.33
N ALA A 91 -14.66 -8.43 40.63
CA ALA A 91 -15.96 -8.91 41.10
C ALA A 91 -17.01 -7.82 40.96
N LYS A 92 -16.61 -6.56 41.14
CA LYS A 92 -17.55 -5.46 41.05
C LYS A 92 -17.98 -5.22 39.61
N ALA A 93 -17.02 -5.32 38.68
CA ALA A 93 -17.34 -5.20 37.25
C ALA A 93 -18.25 -6.33 36.80
N ASP A 94 -18.07 -7.52 37.37
CA ASP A 94 -19.05 -8.58 37.19
C ASP A 94 -20.38 -8.20 37.79
N LYS A 95 -20.36 -7.58 38.97
CA LYS A 95 -21.59 -7.18 39.62
C LYS A 95 -22.25 -6.02 38.87
N ILE A 96 -21.43 -5.19 38.21
CA ILE A 96 -21.96 -4.00 37.55
C ILE A 96 -22.74 -4.39 36.30
N LEU A 97 -22.18 -5.29 35.47
CA LEU A 97 -22.80 -5.63 34.20
C LEU A 97 -24.07 -6.44 34.42
N THR A 98 -24.11 -7.24 35.48
CA THR A 98 -25.33 -7.96 35.84
C THR A 98 -26.43 -6.99 36.24
N GLU A 99 -26.09 -6.00 37.06
CA GLU A 99 -27.09 -5.02 37.47
C GLU A 99 -27.29 -3.96 36.41
N ALA A 100 -26.38 -3.87 35.45
CA ALA A 100 -26.70 -3.15 34.23
C ALA A 100 -27.78 -3.86 33.45
N ALA A 101 -27.73 -5.20 33.43
CA ALA A 101 -28.62 -5.97 32.59
C ALA A 101 -30.04 -5.99 33.13
N LYS A 102 -30.21 -5.73 34.43
CA LYS A 102 -31.51 -5.91 35.05
C LYS A 102 -32.46 -4.76 34.77
N LEU A 103 -32.01 -3.75 34.05
CA LEU A 103 -32.81 -2.56 33.81
C LEU A 103 -33.07 -2.31 32.33
N VAL A 104 -32.58 -3.17 31.44
CA VAL A 104 -32.59 -2.91 30.01
C VAL A 104 -32.96 -4.19 29.27
N PRO A 105 -33.77 -4.12 28.21
CA PRO A 105 -34.05 -5.33 27.42
C PRO A 105 -32.83 -5.78 26.64
N MET A 106 -32.25 -6.91 27.06
CA MET A 106 -31.14 -7.51 26.35
C MET A 106 -31.49 -8.87 25.75
N GLY A 107 -32.63 -9.44 26.10
CA GLY A 107 -33.04 -10.73 25.57
C GLY A 107 -33.58 -10.65 24.16
N PHE A 108 -34.16 -11.74 23.73
CA PHE A 108 -34.67 -11.82 22.37
C PHE A 108 -36.09 -11.32 22.33
N THR A 109 -36.53 -10.88 21.16
CA THR A 109 -37.85 -10.30 21.02
C THR A 109 -38.44 -10.75 19.69
N THR A 110 -39.75 -10.97 19.67
CA THR A 110 -40.46 -11.16 18.42
C THR A 110 -40.40 -9.88 17.60
N ALA A 111 -40.10 -10.02 16.31
CA ALA A 111 -39.81 -8.83 15.50
C ALA A 111 -41.05 -8.03 15.17
N THR A 112 -42.24 -8.54 15.49
CA THR A 112 -43.44 -7.70 15.41
C THR A 112 -43.36 -6.56 16.40
N GLU A 113 -42.81 -6.81 17.58
CA GLU A 113 -42.61 -5.76 18.57
C GLU A 113 -41.52 -4.80 18.13
N PHE A 114 -40.58 -5.29 17.32
CA PHE A 114 -39.71 -4.37 16.61
C PHE A 114 -40.48 -3.62 15.54
N HIS A 115 -41.44 -4.29 14.88
CA HIS A 115 -42.09 -3.71 13.72
C HIS A 115 -43.08 -2.62 14.11
N GLN A 116 -43.76 -2.80 15.24
CA GLN A 116 -44.57 -1.69 15.74
C GLN A 116 -43.68 -0.56 16.24
N ARG A 117 -42.50 -0.91 16.75
CA ARG A 117 -41.53 0.11 17.17
C ARG A 117 -40.95 0.84 15.96
N ARG A 118 -40.93 0.17 14.81
CA ARG A 118 -40.61 0.85 13.56
C ARG A 118 -41.64 1.91 13.23
N SER A 119 -42.91 1.64 13.54
CA SER A 119 -43.95 2.63 13.30
C SER A 119 -43.91 3.78 14.29
N GLU A 120 -43.11 3.69 15.35
CA GLU A 120 -43.00 4.76 16.32
C GLU A 120 -41.74 5.60 16.15
N ILE A 121 -40.96 5.36 15.10
CA ILE A 121 -39.80 6.19 14.84
C ILE A 121 -40.26 7.54 14.33
N ILE A 122 -39.53 8.59 14.70
CA ILE A 122 -40.00 9.96 14.53
C ILE A 122 -40.01 10.36 13.07
N GLN A 123 -38.86 10.20 12.40
CA GLN A 123 -38.69 10.48 10.97
C GLN A 123 -39.02 11.94 10.62
N ILE A 124 -38.14 12.82 11.10
CA ILE A 124 -38.25 14.25 10.83
C ILE A 124 -38.11 14.53 9.34
N THR A 125 -38.64 15.67 8.92
CA THR A 125 -38.64 16.02 7.51
C THR A 125 -37.45 16.91 7.18
N THR A 126 -37.34 17.26 5.90
CA THR A 126 -36.27 18.12 5.41
C THR A 126 -36.78 19.39 4.74
N GLY A 127 -37.74 19.29 3.82
CA GLY A 127 -38.33 20.48 3.26
C GLY A 127 -38.53 20.42 1.76
N SER A 128 -37.61 19.77 1.06
CA SER A 128 -37.77 19.51 -0.36
C SER A 128 -38.63 18.29 -0.54
N LYS A 129 -39.77 18.45 -1.23
CA LYS A 129 -40.74 17.39 -1.29
C LYS A 129 -40.27 16.27 -2.21
N GLU A 130 -39.31 16.57 -3.09
CA GLU A 130 -38.65 15.51 -3.83
C GLU A 130 -37.75 14.68 -2.91
N LEU A 131 -37.08 15.34 -1.97
CA LEU A 131 -36.26 14.62 -1.00
C LEU A 131 -37.13 13.80 -0.05
N ASP A 132 -38.25 14.38 0.39
CA ASP A 132 -39.09 13.68 1.35
C ASP A 132 -39.82 12.52 0.71
N LYS A 133 -40.09 12.61 -0.60
CA LYS A 133 -40.59 11.47 -1.33
C LYS A 133 -39.50 10.45 -1.55
N LEU A 134 -38.25 10.91 -1.59
CA LEU A 134 -37.14 9.99 -1.77
C LEU A 134 -36.83 9.24 -0.49
N LEU A 135 -36.83 9.94 0.63
CA LEU A 135 -36.50 9.31 1.91
C LEU A 135 -37.69 8.68 2.59
N GLN A 136 -38.84 8.63 1.90
CA GLN A 136 -40.09 8.05 2.41
C GLN A 136 -40.50 8.70 3.72
N GLY A 137 -40.73 10.01 3.68
CA GLY A 137 -40.84 10.77 4.89
C GLY A 137 -39.57 11.56 5.07
N GLY A 138 -38.69 11.11 5.95
CA GLY A 138 -37.41 11.77 6.09
C GLY A 138 -36.34 10.88 6.66
N ILE A 139 -35.33 11.47 7.30
CA ILE A 139 -34.26 10.67 7.88
C ILE A 139 -34.78 9.96 9.11
N GLU A 140 -34.08 8.93 9.54
CA GLU A 140 -34.57 8.07 10.62
C GLU A 140 -33.99 8.52 11.94
N THR A 141 -34.83 8.57 12.98
CA THR A 141 -34.35 8.93 14.30
C THR A 141 -33.82 7.72 15.04
N GLY A 142 -32.55 7.78 15.43
CA GLY A 142 -31.91 6.64 16.04
C GLY A 142 -30.98 5.88 15.13
N SER A 143 -30.47 6.51 14.08
CA SER A 143 -29.59 5.87 13.14
C SER A 143 -28.73 6.92 12.48
N ILE A 144 -27.51 6.54 12.10
CA ILE A 144 -26.65 7.45 11.38
C ILE A 144 -27.24 7.71 10.00
N THR A 145 -26.86 8.84 9.43
CA THR A 145 -27.16 9.13 8.04
C THR A 145 -26.05 10.01 7.51
N GLU A 146 -25.37 9.50 6.51
CA GLU A 146 -24.11 10.07 6.07
C GLU A 146 -24.40 10.90 4.82
N MET A 147 -23.43 11.72 4.42
CA MET A 147 -23.60 12.60 3.28
C MET A 147 -22.24 12.92 2.73
N PHE A 148 -22.15 13.11 1.41
CA PHE A 148 -20.89 13.61 0.89
C PHE A 148 -21.14 14.43 -0.36
N GLY A 149 -20.05 14.83 -1.01
CA GLY A 149 -20.11 15.66 -2.19
C GLY A 149 -18.73 16.26 -2.38
N GLU A 150 -18.57 17.06 -3.42
CA GLU A 150 -17.25 17.62 -3.67
C GLU A 150 -16.97 18.76 -2.70
N PHE A 151 -17.77 19.79 -2.84
CA PHE A 151 -17.90 21.03 -2.08
C PHE A 151 -19.06 21.69 -2.78
N ARG A 152 -19.48 22.85 -2.26
CA ARG A 152 -20.54 23.73 -2.78
C ARG A 152 -21.84 23.02 -3.09
N THR A 153 -22.05 21.81 -2.58
CA THR A 153 -23.14 20.99 -3.04
C THR A 153 -24.33 21.10 -2.10
N GLY A 154 -24.07 21.33 -0.83
CA GLY A 154 -25.12 21.60 0.10
C GLY A 154 -24.97 20.87 1.41
N LYS A 155 -23.88 20.13 1.56
CA LYS A 155 -23.74 19.19 2.68
C LYS A 155 -23.66 19.92 4.02
N THR A 156 -23.02 21.09 4.05
CA THR A 156 -23.06 21.92 5.26
C THR A 156 -24.21 22.89 5.21
N GLN A 157 -24.93 22.92 4.09
CA GLN A 157 -26.10 23.77 4.02
C GLN A 157 -27.36 22.98 4.37
N ILE A 158 -27.35 21.69 4.06
CA ILE A 158 -28.52 20.88 4.39
C ILE A 158 -28.59 20.63 5.89
N CYS A 159 -27.46 20.67 6.58
CA CYS A 159 -27.49 20.47 8.02
C CYS A 159 -28.07 21.68 8.72
N HIS A 160 -27.74 22.88 8.24
CA HIS A 160 -28.27 24.10 8.84
C HIS A 160 -29.77 24.16 8.74
N THR A 161 -30.30 23.82 7.57
CA THR A 161 -31.75 23.80 7.45
C THR A 161 -32.34 22.55 8.05
N LEU A 162 -31.50 21.58 8.45
CA LEU A 162 -32.04 20.48 9.22
C LEU A 162 -32.16 20.87 10.69
N ALA A 163 -31.23 21.70 11.18
CA ALA A 163 -31.20 22.05 12.58
C ALA A 163 -32.34 22.99 12.94
N VAL A 164 -32.91 23.65 11.95
CA VAL A 164 -34.17 24.35 12.19
C VAL A 164 -35.29 23.33 12.29
N THR A 165 -35.25 22.31 11.44
CA THR A 165 -36.44 21.53 11.11
C THR A 165 -36.89 20.64 12.27
N CYS A 166 -35.98 20.32 13.18
CA CYS A 166 -36.35 19.40 14.25
C CYS A 166 -37.18 20.09 15.31
N GLN A 167 -37.08 21.41 15.43
CA GLN A 167 -37.83 22.12 16.46
C GLN A 167 -39.31 22.27 16.13
N LEU A 168 -39.73 21.86 14.95
CA LEU A 168 -41.13 21.84 14.59
C LEU A 168 -41.89 20.82 15.45
N PRO A 169 -43.21 20.97 15.57
CA PRO A 169 -44.01 19.89 16.16
C PRO A 169 -44.03 18.66 15.27
N ILE A 170 -44.40 17.54 15.88
CA ILE A 170 -44.23 16.25 15.22
C ILE A 170 -45.23 16.07 14.08
N ASP A 171 -46.43 16.64 14.20
CA ASP A 171 -47.37 16.61 13.09
C ASP A 171 -46.89 17.46 11.92
N ARG A 172 -46.08 18.48 12.20
CA ARG A 172 -45.40 19.24 11.16
C ARG A 172 -44.15 18.52 10.68
N GLY A 173 -43.72 17.49 11.39
CA GLY A 173 -42.57 16.71 10.97
C GLY A 173 -41.26 17.11 11.60
N GLY A 174 -41.29 17.52 12.86
CA GLY A 174 -40.06 17.85 13.56
C GLY A 174 -39.75 16.87 14.67
N GLY A 175 -38.55 16.98 15.26
CA GLY A 175 -38.19 16.09 16.35
C GLY A 175 -38.71 16.48 17.70
N GLU A 176 -39.27 17.70 17.80
CA GLU A 176 -39.82 18.27 19.04
C GLU A 176 -38.80 18.30 20.17
N GLY A 177 -37.56 18.65 19.83
CA GLY A 177 -36.50 18.79 20.81
C GLY A 177 -35.44 19.70 20.26
N LYS A 178 -34.51 20.06 21.11
CA LYS A 178 -33.40 20.89 20.66
C LYS A 178 -32.45 20.04 19.83
N ALA A 179 -31.76 20.67 18.91
CA ALA A 179 -30.81 19.96 18.08
C ALA A 179 -29.43 20.02 18.72
N MET A 180 -28.42 19.55 18.01
CA MET A 180 -27.06 19.80 18.40
C MET A 180 -26.29 20.14 17.14
N TYR A 181 -25.00 20.40 17.30
CA TYR A 181 -24.13 20.73 16.19
C TYR A 181 -22.71 20.62 16.68
N ILE A 182 -21.91 19.76 16.08
CA ILE A 182 -20.53 19.62 16.45
C ILE A 182 -19.74 19.82 15.18
N ASP A 183 -19.33 21.04 14.91
CA ASP A 183 -18.61 21.35 13.69
C ASP A 183 -17.14 21.50 14.01
N THR A 184 -16.29 20.99 13.13
CA THR A 184 -14.86 21.18 13.29
C THR A 184 -14.25 21.99 12.15
N GLU A 185 -15.01 22.88 11.52
CA GLU A 185 -14.50 23.73 10.45
C GLU A 185 -14.87 25.20 10.61
N GLY A 186 -15.68 25.56 11.62
CA GLY A 186 -16.09 26.94 11.74
C GLY A 186 -17.14 27.37 10.74
N THR A 187 -17.76 26.43 10.04
CA THR A 187 -18.70 26.74 8.97
C THR A 187 -20.13 26.87 9.49
N PHE A 188 -20.28 27.25 10.73
CA PHE A 188 -21.61 27.48 11.30
C PHE A 188 -22.02 28.91 11.04
N ARG A 189 -23.00 29.12 10.18
CA ARG A 189 -23.54 30.44 9.90
C ARG A 189 -24.94 30.53 10.49
N PRO A 190 -25.10 31.09 11.69
CA PRO A 190 -26.43 31.18 12.28
C PRO A 190 -27.38 32.09 11.55
N GLU A 191 -26.88 32.95 10.66
CA GLU A 191 -27.76 33.80 9.86
C GLU A 191 -28.56 32.98 8.86
N ARG A 192 -28.08 31.78 8.53
CA ARG A 192 -28.91 30.87 7.76
C ARG A 192 -30.06 30.36 8.60
N LEU A 193 -29.82 30.13 9.89
CA LEU A 193 -30.83 29.50 10.74
C LEU A 193 -32.01 30.42 10.96
N LEU A 194 -31.76 31.73 10.95
CA LEU A 194 -32.82 32.71 11.14
C LEU A 194 -33.75 32.75 9.95
N ALA A 195 -33.22 32.44 8.76
CA ALA A 195 -34.03 32.51 7.56
C ALA A 195 -35.00 31.34 7.48
N VAL A 196 -34.55 30.15 7.88
CA VAL A 196 -35.37 28.96 7.72
C VAL A 196 -36.51 28.95 8.73
N ALA A 197 -36.25 29.39 9.95
CA ALA A 197 -37.32 29.53 10.93
C ALA A 197 -38.29 30.61 10.51
N GLU A 198 -37.78 31.64 9.84
CA GLU A 198 -38.65 32.61 9.21
C GLU A 198 -39.42 31.98 8.06
N ARG A 199 -38.81 31.00 7.39
CA ARG A 199 -39.49 30.36 6.27
C ARG A 199 -40.62 29.47 6.74
N TYR A 200 -40.47 28.88 7.92
CA TYR A 200 -41.55 28.08 8.48
C TYR A 200 -42.53 28.91 9.29
N GLY A 201 -42.32 30.21 9.41
CA GLY A 201 -43.11 31.04 10.27
C GLY A 201 -42.82 30.89 11.75
N LEU A 202 -41.79 30.13 12.10
CA LEU A 202 -41.48 29.90 13.50
C LEU A 202 -40.73 31.09 14.10
N SER A 203 -40.63 31.09 15.42
CA SER A 203 -39.96 32.17 16.13
C SER A 203 -38.47 32.14 15.87
N GLY A 204 -37.87 33.32 15.73
CA GLY A 204 -36.46 33.38 15.36
C GLY A 204 -35.52 33.29 16.53
N SER A 205 -35.93 33.76 17.71
CA SER A 205 -35.00 33.88 18.83
C SER A 205 -34.74 32.51 19.45
N ASP A 206 -35.79 31.75 19.73
CA ASP A 206 -35.67 30.51 20.47
C ASP A 206 -34.94 29.43 19.70
N VAL A 207 -34.85 29.58 18.38
CA VAL A 207 -34.18 28.60 17.54
C VAL A 207 -32.68 28.58 17.84
N LEU A 208 -32.05 29.74 17.92
CA LEU A 208 -30.66 29.76 18.33
C LEU A 208 -30.47 29.84 19.84
N ASP A 209 -31.55 30.07 20.60
CA ASP A 209 -31.48 29.86 22.04
C ASP A 209 -31.33 28.37 22.35
N ASN A 210 -31.88 27.54 21.47
CA ASN A 210 -31.65 26.10 21.34
C ASN A 210 -30.29 25.89 20.72
N VAL A 211 -30.22 24.94 19.79
CA VAL A 211 -29.10 24.09 19.40
C VAL A 211 -27.67 24.61 19.61
N ALA A 212 -26.88 23.80 20.29
CA ALA A 212 -25.57 24.20 20.74
C ALA A 212 -24.54 23.94 19.66
N TYR A 213 -23.37 24.52 19.82
CA TYR A 213 -22.29 24.39 18.85
C TYR A 213 -20.97 24.39 19.60
N ALA A 214 -20.19 23.35 19.42
CA ALA A 214 -18.87 23.27 20.03
C ALA A 214 -17.85 23.02 18.95
N ARG A 215 -16.77 23.78 18.99
CA ARG A 215 -15.72 23.65 17.98
C ARG A 215 -15.03 22.31 18.13
N GLY A 216 -14.59 21.77 17.00
CA GLY A 216 -13.71 20.62 17.03
C GLY A 216 -12.31 21.01 16.63
N PHE A 217 -11.36 20.80 17.53
CA PHE A 217 -10.00 21.24 17.26
C PHE A 217 -9.09 20.08 16.88
N ASN A 218 -9.03 19.05 17.69
CA ASN A 218 -8.18 17.92 17.39
C ASN A 218 -9.04 16.68 17.25
N THR A 219 -8.41 15.63 16.74
CA THR A 219 -9.08 14.34 16.64
C THR A 219 -9.45 13.82 18.01
N ASP A 220 -8.50 13.84 18.94
CA ASP A 220 -8.77 13.46 20.31
C ASP A 220 -9.72 14.44 20.98
N HIS A 221 -9.75 15.68 20.50
CA HIS A 221 -10.75 16.62 20.99
C HIS A 221 -12.12 16.30 20.41
N GLN A 222 -12.15 15.78 19.19
CA GLN A 222 -13.42 15.55 18.53
C GLN A 222 -14.17 14.40 19.18
N THR A 223 -13.45 13.33 19.52
CA THR A 223 -14.06 12.21 20.20
C THR A 223 -14.48 12.57 21.61
N GLN A 224 -13.59 13.23 22.36
CA GLN A 224 -13.81 13.51 23.78
C GLN A 224 -14.96 14.48 24.00
N LEU A 225 -15.29 15.27 22.98
CA LEU A 225 -16.34 16.25 23.08
C LEU A 225 -17.71 15.60 23.25
N LEU A 226 -17.86 14.37 22.74
CA LEU A 226 -19.16 13.70 22.78
C LEU A 226 -19.54 13.28 24.18
N TYR A 227 -18.55 13.06 25.04
CA TYR A 227 -18.85 12.60 26.38
C TYR A 227 -19.50 13.70 27.20
N GLN A 228 -19.01 14.93 27.05
CA GLN A 228 -19.69 16.07 27.63
C GLN A 228 -20.99 16.34 26.90
N ALA A 229 -21.08 15.90 25.63
CA ALA A 229 -22.36 15.96 24.95
C ALA A 229 -23.30 14.88 25.47
N GLU A 230 -22.79 13.69 25.77
CA GLU A 230 -23.67 12.62 26.20
C GLU A 230 -24.33 12.93 27.54
N ASP A 231 -23.53 13.33 28.52
CA ASP A 231 -24.09 13.65 29.82
C ASP A 231 -25.12 14.75 29.65
N MET A 232 -24.85 15.69 28.77
CA MET A 232 -25.80 16.76 28.50
C MET A 232 -27.11 16.16 28.02
N MET A 233 -27.03 15.06 27.29
CA MET A 233 -28.24 14.44 26.76
C MET A 233 -29.16 13.94 27.86
N VAL A 234 -28.63 13.60 29.03
CA VAL A 234 -29.38 12.81 30.00
C VAL A 234 -30.49 13.63 30.62
N GLU A 235 -30.25 14.92 30.83
CA GLU A 235 -31.22 15.77 31.50
C GLU A 235 -32.04 16.62 30.55
N SER A 236 -31.84 16.50 29.24
CA SER A 236 -32.51 17.40 28.29
C SER A 236 -32.82 16.68 26.99
N ARG A 237 -33.97 16.98 26.42
CA ARG A 237 -34.40 16.35 25.18
C ARG A 237 -33.54 16.83 24.01
N TYR A 238 -33.10 15.90 23.17
CA TYR A 238 -32.26 16.27 22.05
C TYR A 238 -32.48 15.32 20.88
N ALA A 239 -32.97 15.85 19.76
CA ALA A 239 -33.41 15.01 18.66
C ALA A 239 -32.37 14.85 17.55
N LEU A 240 -31.47 15.81 17.37
CA LEU A 240 -30.50 15.76 16.29
C LEU A 240 -29.11 16.13 16.76
N LEU A 241 -28.18 15.22 16.59
CA LEU A 241 -26.78 15.57 16.61
C LEU A 241 -26.40 15.78 15.16
N ILE A 242 -25.35 16.54 14.90
CA ILE A 242 -24.84 16.78 13.56
C ILE A 242 -23.33 16.98 13.69
N VAL A 243 -22.56 16.24 12.91
CA VAL A 243 -21.14 16.52 12.77
C VAL A 243 -20.92 16.98 11.35
N ASP A 244 -20.33 18.16 11.16
CA ASP A 244 -20.16 18.68 9.80
C ASP A 244 -18.98 18.05 9.10
N SER A 245 -17.81 18.15 9.69
CA SER A 245 -16.64 17.81 8.91
C SER A 245 -16.37 16.32 8.96
N ALA A 246 -16.17 15.79 10.15
CA ALA A 246 -16.27 14.37 10.46
C ALA A 246 -15.22 13.47 9.81
N THR A 247 -14.44 14.01 8.89
CA THR A 247 -13.20 13.42 8.49
C THR A 247 -12.14 14.48 8.24
N ALA A 248 -12.53 15.76 8.19
CA ALA A 248 -11.63 16.81 7.73
C ALA A 248 -10.49 17.03 8.69
N LEU A 249 -10.64 16.58 9.93
CA LEU A 249 -9.50 16.57 10.84
C LEU A 249 -8.60 15.39 10.57
N TYR A 250 -9.16 14.31 10.04
CA TYR A 250 -8.38 13.08 9.98
C TYR A 250 -7.39 13.13 8.85
N ARG A 251 -7.69 13.87 7.79
CA ARG A 251 -6.78 13.99 6.66
C ARG A 251 -5.49 14.68 7.08
N THR A 252 -5.61 15.80 7.77
CA THR A 252 -4.42 16.55 8.12
C THR A 252 -3.68 15.90 9.27
N ASP A 253 -4.39 15.61 10.36
CA ASP A 253 -3.72 15.25 11.61
C ASP A 253 -3.14 13.84 11.53
N TYR A 254 -3.88 12.91 10.98
CA TYR A 254 -3.33 11.61 10.64
C TYR A 254 -2.82 11.69 9.21
N SER A 255 -1.52 11.89 9.03
CA SER A 255 -0.93 11.79 7.71
C SER A 255 -0.98 10.34 7.25
N GLY A 256 -1.51 10.12 6.05
CA GLY A 256 -1.87 8.77 5.64
C GLY A 256 -0.66 7.92 5.28
N ARG A 257 -0.89 6.62 5.11
CA ARG A 257 0.09 5.63 4.67
C ARG A 257 1.30 5.55 5.58
N GLY A 258 1.10 5.03 6.76
CA GLY A 258 2.12 4.89 7.78
C GLY A 258 1.50 5.17 9.10
N GLU A 259 0.51 6.08 9.12
CA GLU A 259 -0.44 6.21 10.20
C GLU A 259 -1.82 5.75 9.76
N LEU A 260 -1.88 4.89 8.76
CA LEU A 260 -3.16 4.52 8.18
C LEU A 260 -3.95 3.63 9.13
N SER A 261 -3.26 2.74 9.85
CA SER A 261 -3.97 1.88 10.78
C SER A 261 -4.49 2.65 11.97
N ALA A 262 -3.61 3.43 12.61
CA ALA A 262 -3.94 4.05 13.89
C ALA A 262 -4.97 5.15 13.72
N ARG A 263 -5.11 5.68 12.50
CA ARG A 263 -6.24 6.55 12.23
C ARG A 263 -7.54 5.77 12.24
N GLN A 264 -7.58 4.69 11.48
CA GLN A 264 -8.86 4.03 11.26
C GLN A 264 -9.30 3.22 12.44
N MET A 265 -8.37 2.74 13.25
CA MET A 265 -8.76 2.12 14.52
C MET A 265 -9.31 3.17 15.45
N HIS A 266 -8.77 4.39 15.37
CA HIS A 266 -9.32 5.47 16.17
C HIS A 266 -10.63 5.98 15.59
N LEU A 267 -10.80 5.90 14.27
CA LEU A 267 -12.05 6.32 13.66
C LEU A 267 -13.18 5.37 14.02
N ALA A 268 -12.85 4.12 14.30
CA ALA A 268 -13.91 3.17 14.66
C ALA A 268 -14.42 3.44 16.06
N ARG A 269 -13.56 3.94 16.95
CA ARG A 269 -13.98 4.23 18.30
C ARG A 269 -14.98 5.38 18.32
N PHE A 270 -14.76 6.35 17.43
CA PHE A 270 -15.76 7.36 17.14
C PHE A 270 -17.06 6.74 16.69
N LEU A 271 -16.99 5.78 15.77
CA LEU A 271 -18.21 5.29 15.13
C LEU A 271 -19.00 4.37 16.06
N ARG A 272 -18.40 3.91 17.14
CA ARG A 272 -19.23 3.32 18.18
C ARG A 272 -19.84 4.42 19.03
N MET A 273 -19.03 5.42 19.39
CA MET A 273 -19.51 6.50 20.27
C MET A 273 -20.59 7.33 19.61
N LEU A 274 -20.64 7.33 18.28
CA LEU A 274 -21.85 7.78 17.63
C LEU A 274 -22.98 6.81 17.90
N LEU A 275 -22.77 5.55 17.54
CA LEU A 275 -23.83 4.54 17.68
C LEU A 275 -24.34 4.34 19.09
N ARG A 276 -23.43 4.10 20.03
CA ARG A 276 -23.84 3.82 21.40
C ARG A 276 -24.80 4.91 21.87
N LEU A 277 -24.58 6.14 21.42
CA LEU A 277 -25.45 7.23 21.81
C LEU A 277 -26.70 7.32 20.94
N ALA A 278 -26.63 6.88 19.69
CA ALA A 278 -27.77 7.02 18.81
C ALA A 278 -28.99 6.32 19.38
N ASP A 279 -28.88 5.02 19.61
CA ASP A 279 -29.99 4.24 20.13
C ASP A 279 -30.23 4.44 21.61
N GLU A 280 -29.42 5.28 22.26
CA GLU A 280 -29.49 5.42 23.70
C GLU A 280 -30.57 6.41 24.08
N PHE A 281 -30.73 7.47 23.28
CA PHE A 281 -31.69 8.52 23.55
C PHE A 281 -32.76 8.61 22.48
N GLY A 282 -32.69 7.78 21.45
CA GLY A 282 -33.58 7.95 20.31
C GLY A 282 -33.33 9.25 19.59
N VAL A 283 -32.18 9.38 18.95
CA VAL A 283 -31.70 10.65 18.43
C VAL A 283 -31.15 10.44 17.02
N ALA A 284 -31.61 11.27 16.09
CA ALA A 284 -31.14 11.15 14.71
C ALA A 284 -29.77 11.78 14.55
N VAL A 285 -28.81 11.00 14.10
CA VAL A 285 -27.46 11.47 13.87
C VAL A 285 -27.28 11.68 12.39
N VAL A 286 -26.78 12.84 12.00
CA VAL A 286 -26.39 13.13 10.63
C VAL A 286 -24.93 13.49 10.63
N ILE A 287 -24.12 12.64 10.06
CA ILE A 287 -22.70 12.87 9.94
C ILE A 287 -22.52 13.40 8.53
N THR A 288 -21.35 13.92 8.20
CA THR A 288 -21.15 14.50 6.88
C THR A 288 -19.69 14.37 6.46
N ASN A 289 -19.45 13.85 5.27
CA ASN A 289 -18.15 13.36 4.84
C ASN A 289 -17.44 14.35 3.92
N GLN A 290 -16.26 13.94 3.43
CA GLN A 290 -15.51 14.60 2.38
C GLN A 290 -15.28 13.62 1.25
N VAL A 291 -14.51 14.01 0.23
CA VAL A 291 -14.18 13.11 -0.86
C VAL A 291 -12.69 13.17 -1.15
N VAL A 292 -12.10 12.02 -1.47
CA VAL A 292 -10.90 11.95 -2.29
C VAL A 292 -11.38 11.93 -3.72
N ALA A 293 -10.46 11.96 -4.68
CA ALA A 293 -10.79 11.63 -6.06
C ALA A 293 -10.19 10.29 -6.42
N GLN A 294 -10.66 9.74 -7.52
CA GLN A 294 -10.27 8.40 -7.95
C GLN A 294 -9.01 8.50 -8.76
N VAL A 295 -7.86 8.26 -8.14
CA VAL A 295 -6.60 8.49 -8.81
C VAL A 295 -5.92 7.16 -9.15
N ASP A 296 -6.70 6.16 -9.54
CA ASP A 296 -6.10 5.01 -10.21
C ASP A 296 -5.64 5.35 -11.62
N GLY A 297 -6.07 6.47 -12.19
CA GLY A 297 -5.86 6.75 -13.59
C GLY A 297 -7.18 6.76 -14.33
N ALA A 298 -7.41 5.75 -15.16
CA ALA A 298 -8.68 5.51 -15.85
C ALA A 298 -9.81 5.09 -14.92
N ALA A 299 -10.96 4.75 -15.53
CA ALA A 299 -12.17 4.22 -14.89
C ALA A 299 -12.90 5.27 -14.07
N MET A 300 -12.77 6.53 -14.50
CA MET A 300 -13.66 7.60 -14.05
C MET A 300 -14.69 7.97 -15.11
N PHE A 301 -15.18 7.00 -15.89
CA PHE A 301 -16.19 7.26 -16.92
C PHE A 301 -17.57 6.87 -16.40
N ALA A 302 -17.68 6.86 -15.07
CA ALA A 302 -18.91 6.40 -14.42
C ALA A 302 -19.81 7.52 -13.97
N ALA A 303 -19.48 8.78 -14.28
CA ALA A 303 -20.15 10.03 -13.90
C ALA A 303 -20.18 10.28 -12.39
N ASP A 304 -19.51 9.45 -11.59
CA ASP A 304 -19.34 9.68 -10.15
C ASP A 304 -17.90 9.31 -9.81
N PRO A 305 -16.98 10.22 -10.04
CA PRO A 305 -15.55 9.88 -9.93
C PRO A 305 -14.98 10.04 -8.53
N LYS A 306 -15.83 10.08 -7.50
CA LYS A 306 -15.33 10.62 -6.25
C LYS A 306 -14.87 9.54 -5.27
N LYS A 307 -15.76 8.61 -4.86
CA LYS A 307 -15.51 7.60 -3.81
C LYS A 307 -15.10 8.27 -2.50
N PRO A 308 -16.07 8.73 -1.71
CA PRO A 308 -15.79 9.58 -0.55
C PRO A 308 -14.90 8.92 0.49
N ILE A 309 -14.32 9.75 1.35
CA ILE A 309 -13.24 9.29 2.22
C ILE A 309 -13.83 8.65 3.47
N GLY A 310 -13.00 7.90 4.16
CA GLY A 310 -13.35 7.20 5.37
C GLY A 310 -13.14 5.72 5.26
N GLY A 311 -12.93 5.22 4.05
CA GLY A 311 -12.57 3.86 3.82
C GLY A 311 -13.70 2.90 4.10
N ASN A 312 -13.31 1.66 4.38
CA ASN A 312 -14.29 0.62 4.58
C ASN A 312 -14.67 0.48 6.04
N ILE A 313 -14.53 1.53 6.83
CA ILE A 313 -15.03 1.51 8.20
C ILE A 313 -16.28 2.35 8.33
N ILE A 314 -16.21 3.60 7.86
CA ILE A 314 -17.38 4.46 7.93
C ILE A 314 -18.44 3.98 6.96
N ALA A 315 -18.04 3.27 5.92
CA ALA A 315 -19.00 2.84 4.92
C ALA A 315 -19.83 1.69 5.44
N HIS A 316 -19.33 0.97 6.43
CA HIS A 316 -20.09 -0.14 6.98
C HIS A 316 -20.94 0.32 8.14
N ALA A 317 -20.39 1.20 8.97
CA ALA A 317 -21.11 1.62 10.16
C ALA A 317 -22.26 2.55 9.80
N SER A 318 -22.19 3.20 8.64
CA SER A 318 -23.27 4.08 8.21
C SER A 318 -24.52 3.29 7.89
N THR A 319 -25.66 3.94 8.06
CA THR A 319 -26.93 3.25 7.99
C THR A 319 -27.76 3.74 6.81
N THR A 320 -27.45 4.92 6.30
CA THR A 320 -28.01 5.41 5.04
C THR A 320 -27.09 6.51 4.54
N ARG A 321 -26.68 6.44 3.29
CA ARG A 321 -25.78 7.45 2.75
C ARG A 321 -26.43 8.17 1.60
N LEU A 322 -26.17 9.47 1.49
CA LEU A 322 -26.68 10.27 0.39
C LEU A 322 -25.50 10.86 -0.36
N TYR A 323 -25.60 10.86 -1.68
CA TYR A 323 -24.57 11.40 -2.54
C TYR A 323 -25.14 12.60 -3.26
N LEU A 324 -24.39 13.70 -3.24
CA LEU A 324 -24.87 14.98 -3.69
C LEU A 324 -23.99 15.50 -4.82
N ARG A 325 -24.61 15.79 -5.97
CA ARG A 325 -23.87 16.30 -7.10
C ARG A 325 -24.35 17.71 -7.42
N LYS A 326 -23.63 18.35 -8.34
CA LYS A 326 -23.87 19.73 -8.71
C LYS A 326 -24.60 19.75 -10.06
N GLY A 327 -25.59 20.63 -10.17
CA GLY A 327 -26.31 20.79 -11.42
C GLY A 327 -26.33 22.24 -11.88
N ARG A 328 -27.27 22.58 -12.75
CA ARG A 328 -27.36 23.94 -13.27
C ARG A 328 -27.95 24.82 -12.19
N GLY A 329 -27.20 25.81 -11.76
CA GLY A 329 -27.75 26.78 -10.84
C GLY A 329 -27.83 26.20 -9.44
N GLU A 330 -28.93 26.51 -8.75
CA GLU A 330 -29.11 26.00 -7.40
C GLU A 330 -29.68 24.59 -7.39
N THR A 331 -30.12 24.09 -8.53
CA THR A 331 -30.66 22.74 -8.61
C THR A 331 -29.57 21.73 -8.37
N ARG A 332 -29.59 21.12 -7.19
CA ARG A 332 -28.66 20.07 -6.82
C ARG A 332 -29.41 18.75 -6.84
N ILE A 333 -28.68 17.67 -6.99
CA ILE A 333 -29.31 16.37 -7.07
C ILE A 333 -28.90 15.56 -5.84
N CYS A 334 -29.61 14.48 -5.56
CA CYS A 334 -29.34 13.69 -4.36
C CYS A 334 -29.59 12.23 -4.69
N LYS A 335 -28.51 11.45 -4.74
CA LYS A 335 -28.66 10.02 -5.00
C LYS A 335 -28.90 9.31 -3.68
N ILE A 336 -28.83 7.98 -3.66
CA ILE A 336 -29.04 7.18 -2.46
C ILE A 336 -28.01 6.06 -2.47
N TYR A 337 -27.27 5.92 -1.37
CA TYR A 337 -26.33 4.82 -1.19
C TYR A 337 -26.69 4.06 0.08
N ASP A 338 -26.39 2.76 0.10
CA ASP A 338 -26.31 1.92 1.31
C ASP A 338 -27.61 1.95 2.11
N SER A 339 -28.71 1.97 1.41
CA SER A 339 -29.95 2.02 2.16
C SER A 339 -30.49 0.62 2.35
N PRO A 340 -30.66 0.13 3.58
CA PRO A 340 -31.24 -1.20 3.75
C PRO A 340 -32.70 -1.27 3.39
N CYS A 341 -33.41 -0.14 3.39
CA CYS A 341 -34.86 -0.17 3.20
C CYS A 341 -35.31 0.58 1.96
N LEU A 342 -34.51 1.49 1.42
CA LEU A 342 -34.96 2.40 0.39
C LEU A 342 -34.18 2.15 -0.89
N PRO A 343 -34.79 2.36 -2.05
CA PRO A 343 -34.10 2.04 -3.31
C PRO A 343 -33.08 3.08 -3.67
N GLU A 344 -32.22 2.73 -4.63
CA GLU A 344 -31.29 3.68 -5.24
C GLU A 344 -32.04 4.50 -6.28
N ALA A 345 -32.62 5.60 -5.84
CA ALA A 345 -33.31 6.55 -6.70
C ALA A 345 -32.58 7.88 -6.62
N GLU A 346 -33.18 8.92 -7.18
CA GLU A 346 -32.52 10.20 -7.25
C GLU A 346 -33.54 11.31 -7.23
N ALA A 347 -33.19 12.43 -6.60
CA ALA A 347 -34.14 13.53 -6.44
C ALA A 347 -33.39 14.86 -6.50
N MET A 348 -34.15 15.91 -6.77
CA MET A 348 -33.63 17.24 -7.02
C MET A 348 -33.96 18.14 -5.83
N PHE A 349 -33.06 19.08 -5.53
CA PHE A 349 -33.34 20.05 -4.49
C PHE A 349 -32.56 21.32 -4.78
N ALA A 350 -32.99 22.43 -4.20
CA ALA A 350 -32.40 23.71 -4.51
C ALA A 350 -32.07 24.47 -3.25
N ILE A 351 -30.88 25.08 -3.26
CA ILE A 351 -30.39 25.89 -2.13
C ILE A 351 -30.98 27.29 -2.30
N ASN A 352 -32.13 27.51 -1.68
CA ASN A 352 -32.72 28.83 -1.74
C ASN A 352 -32.07 29.75 -0.70
N ALA A 353 -32.62 30.95 -0.58
CA ALA A 353 -32.12 31.89 0.42
C ALA A 353 -32.51 31.45 1.82
N ASP A 354 -33.63 30.78 1.96
CA ASP A 354 -34.25 30.52 3.25
C ASP A 354 -34.25 29.05 3.62
N GLY A 355 -33.28 28.27 3.14
CA GLY A 355 -33.22 26.86 3.41
C GLY A 355 -33.05 26.08 2.14
N VAL A 356 -33.51 24.84 2.15
CA VAL A 356 -33.54 24.06 0.92
C VAL A 356 -34.96 24.01 0.41
N GLY A 357 -35.10 23.79 -0.89
CA GLY A 357 -36.41 23.73 -1.52
C GLY A 357 -36.28 23.64 -3.01
N ASP A 358 -37.11 24.40 -3.71
CA ASP A 358 -37.09 24.44 -5.17
C ASP A 358 -37.12 25.86 -5.72
N PRO B 44 -31.53 -33.19 18.74
CA PRO B 44 -32.48 -32.34 19.45
C PRO B 44 -33.07 -32.99 20.69
N GLN B 45 -32.20 -33.49 21.58
CA GLN B 45 -32.65 -34.25 22.75
C GLN B 45 -32.17 -33.56 24.03
N PRO B 46 -33.06 -33.16 24.92
CA PRO B 46 -32.64 -32.35 26.06
C PRO B 46 -32.08 -33.17 27.22
N ILE B 47 -31.84 -32.49 28.35
CA ILE B 47 -31.26 -33.08 29.56
C ILE B 47 -32.30 -33.90 30.32
N SER B 48 -33.58 -33.73 29.95
CA SER B 48 -34.62 -34.61 30.50
C SER B 48 -34.45 -36.05 30.01
N ARG B 49 -33.90 -36.20 28.81
CA ARG B 49 -33.50 -37.51 28.32
C ARG B 49 -32.25 -38.02 29.03
N LEU B 50 -31.53 -37.14 29.73
CA LEU B 50 -30.39 -37.55 30.55
C LEU B 50 -30.80 -37.92 31.98
N GLU B 51 -31.90 -37.39 32.48
CA GLU B 51 -32.28 -37.57 33.89
C GLU B 51 -32.78 -38.99 34.15
N GLN B 52 -31.83 -39.91 34.29
CA GLN B 52 -32.10 -41.31 34.57
C GLN B 52 -30.97 -41.85 35.43
N CYS B 53 -31.11 -43.13 35.80
CA CYS B 53 -30.02 -43.99 36.28
C CYS B 53 -29.40 -43.46 37.58
N GLY B 54 -30.21 -42.77 38.37
CA GLY B 54 -29.71 -42.22 39.63
C GLY B 54 -28.75 -41.07 39.50
N ILE B 55 -28.65 -40.45 38.32
CA ILE B 55 -27.89 -39.22 38.18
C ILE B 55 -28.66 -38.11 38.86
N ASN B 56 -27.93 -37.25 39.58
CA ASN B 56 -28.54 -36.24 40.43
C ASN B 56 -29.28 -35.18 39.62
N ALA B 57 -30.23 -34.52 40.29
CA ALA B 57 -31.00 -33.45 39.68
C ALA B 57 -30.41 -32.08 39.94
N ASN B 58 -29.30 -31.99 40.70
CA ASN B 58 -28.74 -30.69 41.04
C ASN B 58 -27.71 -30.25 40.01
N ASP B 59 -27.05 -31.21 39.35
CA ASP B 59 -26.05 -30.85 38.37
C ASP B 59 -26.66 -30.67 36.99
N VAL B 60 -27.84 -31.23 36.75
CA VAL B 60 -28.41 -31.20 35.41
C VAL B 60 -28.93 -29.81 35.08
N LYS B 61 -29.23 -29.01 36.10
CA LYS B 61 -29.49 -27.60 35.87
C LYS B 61 -28.22 -26.80 35.74
N LYS B 62 -27.11 -27.27 36.33
CA LYS B 62 -25.84 -26.58 36.21
C LYS B 62 -25.30 -26.67 34.80
N LEU B 63 -25.66 -27.73 34.07
CA LEU B 63 -25.41 -27.77 32.64
C LEU B 63 -26.22 -26.69 31.93
N GLU B 64 -27.49 -26.55 32.32
CA GLU B 64 -28.35 -25.54 31.71
C GLU B 64 -27.92 -24.14 32.16
N GLU B 65 -27.29 -24.03 33.32
CA GLU B 65 -26.71 -22.76 33.71
C GLU B 65 -25.42 -22.49 32.93
N ALA B 66 -24.74 -23.54 32.48
CA ALA B 66 -23.56 -23.39 31.64
C ALA B 66 -23.89 -23.44 30.17
N GLY B 67 -25.14 -23.22 29.78
CA GLY B 67 -25.55 -23.16 28.40
C GLY B 67 -25.94 -24.50 27.80
N TYR B 68 -25.53 -25.61 28.39
CA TYR B 68 -25.82 -26.93 27.84
C TYR B 68 -27.26 -27.27 28.17
N HIS B 69 -28.13 -27.07 27.18
CA HIS B 69 -29.54 -27.37 27.34
C HIS B 69 -29.92 -28.72 26.74
N THR B 70 -29.01 -29.36 26.03
CA THR B 70 -29.31 -30.61 25.36
C THR B 70 -28.12 -31.55 25.49
N VAL B 71 -28.38 -32.84 25.29
CA VAL B 71 -27.34 -33.84 25.57
C VAL B 71 -26.29 -33.85 24.46
N GLU B 72 -26.62 -33.28 23.31
CA GLU B 72 -25.60 -33.14 22.28
C GLU B 72 -24.52 -32.15 22.67
N ALA B 73 -24.89 -31.12 23.43
CA ALA B 73 -23.95 -30.05 23.78
C ALA B 73 -22.89 -30.55 24.73
N VAL B 74 -23.30 -31.32 25.74
CA VAL B 74 -22.33 -31.92 26.64
C VAL B 74 -21.55 -33.02 25.93
N ALA B 75 -22.16 -33.67 24.94
CA ALA B 75 -21.41 -34.57 24.07
C ALA B 75 -20.52 -33.78 23.13
N TYR B 76 -20.87 -32.52 22.86
CA TYR B 76 -19.98 -31.67 22.09
C TYR B 76 -19.00 -30.91 22.98
N ALA B 77 -18.91 -31.26 24.26
CA ALA B 77 -18.07 -30.52 25.16
C ALA B 77 -16.90 -31.37 25.66
N PRO B 78 -15.71 -30.80 25.79
CA PRO B 78 -14.58 -31.58 26.30
C PRO B 78 -14.65 -31.76 27.81
N LYS B 79 -13.86 -32.70 28.31
CA LYS B 79 -14.10 -33.25 29.64
C LYS B 79 -13.70 -32.28 30.75
N LYS B 80 -12.58 -31.58 30.58
CA LYS B 80 -11.99 -30.82 31.69
C LYS B 80 -12.82 -29.59 32.00
N GLU B 81 -13.42 -28.97 30.97
CA GLU B 81 -14.15 -27.73 31.19
C GLU B 81 -15.44 -28.00 31.95
N LEU B 82 -16.06 -29.15 31.71
CA LEU B 82 -17.19 -29.58 32.52
C LEU B 82 -16.77 -29.95 33.93
N ILE B 83 -15.51 -30.39 34.10
CA ILE B 83 -14.97 -30.63 35.43
C ILE B 83 -14.68 -29.32 36.13
N ASN B 84 -14.29 -28.29 35.36
CA ASN B 84 -14.04 -26.96 35.90
C ASN B 84 -15.30 -26.26 36.40
N ILE B 85 -16.49 -26.74 36.03
CA ILE B 85 -17.73 -26.19 36.56
C ILE B 85 -17.80 -26.43 38.06
N LYS B 86 -18.28 -25.42 38.79
CA LYS B 86 -18.35 -25.55 40.24
C LYS B 86 -19.59 -26.32 40.66
N GLY B 87 -19.44 -27.11 41.72
CA GLY B 87 -20.53 -27.85 42.30
C GLY B 87 -20.98 -29.08 41.53
N ILE B 88 -20.06 -29.80 40.89
CA ILE B 88 -20.42 -30.98 40.11
C ILE B 88 -19.59 -32.15 40.62
N SER B 89 -20.19 -33.33 40.68
CA SER B 89 -19.42 -34.53 40.97
C SER B 89 -18.62 -34.95 39.75
N GLU B 90 -17.33 -35.20 39.96
CA GLU B 90 -16.43 -35.45 38.85
C GLU B 90 -16.73 -36.79 38.19
N ALA B 91 -17.01 -37.80 39.00
CA ALA B 91 -17.38 -39.10 38.45
C ALA B 91 -18.75 -39.06 37.79
N LYS B 92 -19.68 -38.31 38.38
CA LYS B 92 -21.00 -38.18 37.78
C LYS B 92 -20.93 -37.37 36.50
N ALA B 93 -19.99 -36.41 36.43
CA ALA B 93 -19.69 -35.75 35.17
C ALA B 93 -19.18 -36.75 34.15
N ASP B 94 -18.34 -37.68 34.59
CA ASP B 94 -17.92 -38.76 33.70
C ASP B 94 -19.07 -39.72 33.43
N LYS B 95 -19.99 -39.86 34.40
CA LYS B 95 -21.18 -40.67 34.17
C LYS B 95 -22.09 -40.03 33.13
N ILE B 96 -22.06 -38.70 33.02
CA ILE B 96 -22.69 -38.06 31.88
C ILE B 96 -21.95 -38.42 30.59
N LEU B 97 -20.61 -38.48 30.67
CA LEU B 97 -19.81 -38.59 29.45
C LEU B 97 -19.88 -39.97 28.84
N THR B 98 -20.30 -40.97 29.62
CA THR B 98 -20.64 -42.25 29.01
C THR B 98 -22.09 -42.29 28.58
N GLU B 99 -22.95 -41.47 29.20
CA GLU B 99 -24.36 -41.45 28.83
C GLU B 99 -24.67 -40.43 27.76
N ALA B 100 -23.83 -39.40 27.64
CA ALA B 100 -23.83 -38.60 26.42
C ALA B 100 -23.38 -39.43 25.23
N ALA B 101 -22.46 -40.37 25.48
CA ALA B 101 -22.03 -41.28 24.43
C ALA B 101 -23.14 -42.26 24.06
N LYS B 102 -24.03 -42.56 25.01
CA LYS B 102 -25.09 -43.52 24.74
C LYS B 102 -26.26 -42.86 24.01
N LEU B 103 -26.60 -41.63 24.37
CA LEU B 103 -27.85 -41.03 23.90
C LEU B 103 -27.74 -40.57 22.45
N VAL B 104 -26.63 -39.96 22.07
CA VAL B 104 -26.46 -39.51 20.70
C VAL B 104 -25.40 -40.37 20.01
N PRO B 105 -25.46 -40.55 18.69
CA PRO B 105 -24.45 -41.38 18.02
C PRO B 105 -23.12 -40.66 17.92
N MET B 106 -22.17 -41.06 18.77
CA MET B 106 -20.78 -40.72 18.59
C MET B 106 -19.98 -41.89 18.04
N GLY B 107 -20.66 -42.93 17.56
CA GLY B 107 -19.99 -44.13 17.12
C GLY B 107 -19.53 -44.06 15.68
N PHE B 108 -18.59 -44.94 15.36
CA PHE B 108 -17.91 -44.90 14.08
C PHE B 108 -18.77 -45.50 12.98
N THR B 109 -19.16 -44.67 12.01
CA THR B 109 -20.06 -45.11 10.96
C THR B 109 -19.38 -45.02 9.60
N THR B 110 -20.00 -45.69 8.62
CA THR B 110 -19.49 -45.78 7.26
C THR B 110 -20.25 -44.76 6.40
N ALA B 111 -19.61 -44.34 5.29
CA ALA B 111 -20.09 -43.21 4.50
C ALA B 111 -21.43 -43.43 3.82
N THR B 112 -21.93 -44.67 3.73
CA THR B 112 -23.20 -44.93 3.06
C THR B 112 -24.37 -44.30 3.81
N GLU B 113 -24.49 -44.62 5.10
CA GLU B 113 -25.55 -44.02 5.89
C GLU B 113 -25.34 -42.53 6.07
N PHE B 114 -24.08 -42.07 6.04
CA PHE B 114 -23.81 -40.64 5.93
C PHE B 114 -24.41 -40.08 4.65
N HIS B 115 -24.18 -40.77 3.52
CA HIS B 115 -24.66 -40.27 2.24
C HIS B 115 -26.17 -40.36 2.15
N GLN B 116 -26.79 -41.22 2.95
CA GLN B 116 -28.22 -41.12 3.14
C GLN B 116 -28.56 -39.92 4.01
N ARG B 117 -27.77 -39.68 5.05
CA ARG B 117 -28.11 -38.58 5.96
C ARG B 117 -27.66 -37.24 5.40
N ARG B 118 -26.58 -37.21 4.60
CA ARG B 118 -26.19 -35.95 3.99
C ARG B 118 -27.13 -35.58 2.86
N SER B 119 -27.82 -36.55 2.28
CA SER B 119 -28.93 -36.23 1.39
C SER B 119 -30.13 -35.72 2.19
N GLU B 120 -30.17 -36.00 3.49
CA GLU B 120 -31.25 -35.52 4.35
C GLU B 120 -30.91 -34.13 4.89
N ILE B 121 -30.84 -33.17 3.98
CA ILE B 121 -30.62 -31.77 4.30
C ILE B 121 -31.62 -30.95 3.49
N ILE B 122 -32.25 -29.97 4.16
CA ILE B 122 -33.43 -29.30 3.65
C ILE B 122 -33.12 -28.48 2.40
N GLN B 123 -31.93 -27.88 2.34
CA GLN B 123 -31.40 -27.18 1.16
C GLN B 123 -32.30 -26.02 0.71
N ILE B 124 -32.32 -24.98 1.56
CA ILE B 124 -33.22 -23.86 1.36
C ILE B 124 -32.76 -22.97 0.20
N THR B 125 -33.72 -22.62 -0.67
CA THR B 125 -33.48 -21.69 -1.77
C THR B 125 -33.41 -20.25 -1.28
N THR B 126 -32.75 -19.40 -2.06
CA THR B 126 -32.44 -18.03 -1.67
C THR B 126 -33.30 -16.99 -2.37
N GLY B 127 -34.47 -17.35 -2.86
CA GLY B 127 -35.36 -16.40 -3.50
C GLY B 127 -35.05 -16.12 -4.96
N SER B 128 -33.78 -15.90 -5.28
CA SER B 128 -33.35 -15.75 -6.65
C SER B 128 -33.34 -17.11 -7.33
N LYS B 129 -33.74 -17.15 -8.59
CA LYS B 129 -33.64 -18.40 -9.35
C LYS B 129 -32.20 -18.68 -9.74
N GLU B 130 -31.44 -17.62 -10.03
CA GLU B 130 -30.08 -17.82 -10.53
C GLU B 130 -29.13 -18.22 -9.43
N LEU B 131 -29.44 -17.88 -8.18
CA LEU B 131 -28.49 -18.13 -7.12
C LEU B 131 -28.52 -19.59 -6.68
N ASP B 132 -29.70 -20.21 -6.78
CA ASP B 132 -29.83 -21.60 -6.34
C ASP B 132 -29.06 -22.54 -7.25
N LYS B 133 -29.17 -22.32 -8.57
CA LYS B 133 -28.46 -23.15 -9.52
C LYS B 133 -26.97 -22.89 -9.49
N LEU B 134 -26.57 -21.71 -9.03
CA LEU B 134 -25.17 -21.48 -8.70
C LEU B 134 -24.75 -22.35 -7.51
N LEU B 135 -25.57 -22.36 -6.46
CA LEU B 135 -25.25 -23.15 -5.28
C LEU B 135 -25.68 -24.61 -5.41
N GLN B 136 -26.19 -25.00 -6.58
CA GLN B 136 -26.74 -26.33 -6.83
C GLN B 136 -27.85 -26.65 -5.83
N GLY B 137 -28.91 -25.86 -5.87
CA GLY B 137 -30.11 -26.17 -5.13
C GLY B 137 -30.32 -25.35 -3.87
N GLY B 138 -29.57 -24.28 -3.70
CA GLY B 138 -29.78 -23.44 -2.54
C GLY B 138 -28.84 -23.75 -1.39
N ILE B 139 -29.22 -23.24 -0.22
CA ILE B 139 -28.31 -23.25 0.93
C ILE B 139 -28.43 -24.56 1.69
N GLU B 140 -27.35 -25.34 1.71
CA GLU B 140 -27.28 -26.57 2.49
C GLU B 140 -27.37 -26.26 3.98
N THR B 141 -28.45 -26.71 4.60
CA THR B 141 -28.68 -26.43 6.01
C THR B 141 -27.75 -27.24 6.90
N GLY B 142 -27.35 -26.62 8.00
CA GLY B 142 -26.42 -27.27 8.92
C GLY B 142 -24.98 -26.87 8.71
N SER B 143 -24.74 -25.62 8.32
CA SER B 143 -23.43 -25.22 7.87
C SER B 143 -23.28 -23.71 7.96
N ILE B 144 -22.04 -23.27 8.07
CA ILE B 144 -21.70 -21.85 8.09
C ILE B 144 -21.55 -21.39 6.64
N THR B 145 -22.42 -20.48 6.23
CA THR B 145 -22.36 -19.93 4.88
C THR B 145 -22.11 -18.45 5.02
N GLU B 146 -20.94 -18.00 4.59
CA GLU B 146 -20.56 -16.62 4.86
C GLU B 146 -20.71 -15.76 3.63
N MET B 147 -21.06 -14.50 3.85
CA MET B 147 -21.37 -13.57 2.77
C MET B 147 -20.66 -12.26 3.08
N PHE B 148 -19.44 -12.10 2.63
CA PHE B 148 -18.76 -10.84 2.84
C PHE B 148 -18.71 -10.07 1.54
N GLY B 149 -18.84 -8.75 1.63
CA GLY B 149 -18.68 -7.87 0.49
C GLY B 149 -18.48 -6.48 1.00
N GLU B 150 -18.44 -5.52 0.09
CA GLU B 150 -18.27 -4.12 0.46
C GLU B 150 -19.59 -3.57 1.01
N PHE B 151 -19.68 -2.26 1.10
CA PHE B 151 -20.97 -1.71 1.42
C PHE B 151 -21.89 -1.82 0.21
N ARG B 152 -23.20 -1.70 0.47
CA ARG B 152 -24.34 -1.70 -0.46
C ARG B 152 -24.42 -2.87 -1.41
N THR B 153 -23.67 -3.96 -1.17
CA THR B 153 -23.71 -5.09 -2.10
C THR B 153 -24.96 -5.92 -1.94
N GLY B 154 -25.41 -6.12 -0.71
CA GLY B 154 -26.61 -6.94 -0.51
C GLY B 154 -26.50 -7.94 0.62
N LYS B 155 -25.44 -7.80 1.43
CA LYS B 155 -25.27 -8.66 2.58
C LYS B 155 -26.44 -8.53 3.54
N THR B 156 -26.81 -7.30 3.90
CA THR B 156 -27.95 -7.14 4.79
C THR B 156 -29.26 -7.32 4.05
N GLN B 157 -29.23 -7.36 2.71
CA GLN B 157 -30.46 -7.57 1.97
C GLN B 157 -30.85 -9.04 1.95
N ILE B 158 -29.89 -9.90 1.63
CA ILE B 158 -30.19 -11.32 1.43
C ILE B 158 -30.61 -11.95 2.75
N CYS B 159 -29.97 -11.54 3.85
CA CYS B 159 -30.31 -12.05 5.17
C CYS B 159 -31.71 -11.64 5.58
N HIS B 160 -32.25 -10.58 4.99
CA HIS B 160 -33.65 -10.31 5.19
C HIS B 160 -34.51 -11.30 4.41
N THR B 161 -34.09 -11.65 3.19
CA THR B 161 -34.93 -12.49 2.34
C THR B 161 -34.91 -13.94 2.79
N LEU B 162 -33.77 -14.38 3.30
CA LEU B 162 -33.64 -15.74 3.80
C LEU B 162 -34.55 -15.99 4.98
N ALA B 163 -34.77 -14.96 5.80
CA ALA B 163 -35.64 -15.10 6.95
C ALA B 163 -37.09 -15.22 6.53
N VAL B 164 -37.43 -14.72 5.35
CA VAL B 164 -38.78 -14.91 4.87
C VAL B 164 -38.93 -16.29 4.27
N THR B 165 -38.00 -16.68 3.41
CA THR B 165 -38.17 -17.91 2.64
C THR B 165 -37.97 -19.17 3.47
N CYS B 166 -37.57 -19.05 4.74
CA CYS B 166 -37.62 -20.20 5.64
C CYS B 166 -39.02 -20.69 5.88
N GLN B 167 -40.01 -19.81 5.81
CA GLN B 167 -41.34 -20.16 6.28
C GLN B 167 -42.10 -20.98 5.26
N LEU B 168 -41.57 -21.09 4.05
CA LEU B 168 -42.21 -21.88 3.03
C LEU B 168 -42.06 -23.36 3.33
N PRO B 169 -42.95 -24.19 2.80
CA PRO B 169 -42.69 -25.63 2.77
C PRO B 169 -41.53 -25.94 1.86
N ILE B 170 -40.97 -27.15 2.07
CA ILE B 170 -39.70 -27.53 1.47
C ILE B 170 -39.80 -27.77 -0.04
N ASP B 171 -41.02 -27.90 -0.57
CA ASP B 171 -41.21 -28.10 -2.00
C ASP B 171 -40.72 -26.91 -2.82
N ARG B 172 -40.97 -25.69 -2.34
CA ARG B 172 -40.48 -24.47 -2.98
C ARG B 172 -39.18 -23.99 -2.37
N GLY B 173 -38.35 -24.90 -1.86
CA GLY B 173 -37.11 -24.54 -1.25
C GLY B 173 -37.23 -23.84 0.09
N GLY B 174 -38.37 -23.97 0.76
CA GLY B 174 -38.50 -23.43 2.09
C GLY B 174 -38.01 -24.40 3.14
N GLY B 175 -38.14 -23.98 4.40
CA GLY B 175 -37.75 -24.83 5.50
C GLY B 175 -38.91 -25.18 6.39
N GLU B 176 -39.89 -24.27 6.47
CA GLU B 176 -41.02 -24.34 7.40
C GLU B 176 -40.57 -24.54 8.84
N GLY B 177 -39.82 -23.56 9.33
CA GLY B 177 -39.42 -23.52 10.72
C GLY B 177 -39.24 -22.07 11.13
N LYS B 178 -38.95 -21.89 12.42
CA LYS B 178 -38.64 -20.56 12.91
C LYS B 178 -37.25 -20.14 12.43
N ALA B 179 -36.95 -18.85 12.56
CA ALA B 179 -35.62 -18.38 12.21
C ALA B 179 -35.23 -17.23 13.12
N MET B 180 -33.95 -16.94 13.14
CA MET B 180 -33.41 -16.05 14.15
C MET B 180 -32.64 -14.94 13.49
N TYR B 181 -32.67 -13.76 14.11
CA TYR B 181 -31.93 -12.63 13.60
C TYR B 181 -31.15 -11.98 14.72
N ILE B 182 -29.84 -12.14 14.71
CA ILE B 182 -28.93 -11.42 15.59
C ILE B 182 -28.37 -10.26 14.80
N ASP B 183 -28.76 -9.05 15.16
CA ASP B 183 -28.22 -7.87 14.53
C ASP B 183 -27.22 -7.24 15.48
N THR B 184 -26.11 -6.76 14.94
CA THR B 184 -25.29 -5.80 15.65
C THR B 184 -25.05 -4.54 14.83
N GLU B 185 -26.03 -4.15 14.03
CA GLU B 185 -25.96 -2.95 13.21
C GLU B 185 -27.21 -2.12 13.28
N GLY B 186 -28.33 -2.69 13.69
CA GLY B 186 -29.59 -1.98 13.62
C GLY B 186 -30.22 -2.00 12.25
N THR B 187 -29.59 -2.62 11.26
CA THR B 187 -30.10 -2.62 9.90
C THR B 187 -31.17 -3.65 9.67
N PHE B 188 -31.68 -4.27 10.72
CA PHE B 188 -32.89 -5.08 10.56
C PHE B 188 -34.05 -4.17 10.21
N ARG B 189 -34.82 -4.55 9.19
CA ARG B 189 -35.94 -3.75 8.70
C ARG B 189 -37.07 -4.70 8.38
N PRO B 190 -38.05 -4.82 9.28
CA PRO B 190 -39.15 -5.76 9.05
C PRO B 190 -40.07 -5.35 7.94
N GLU B 191 -40.07 -4.07 7.55
CA GLU B 191 -40.81 -3.64 6.38
C GLU B 191 -40.28 -4.32 5.13
N ARG B 192 -38.96 -4.56 5.08
CA ARG B 192 -38.36 -5.21 3.93
C ARG B 192 -38.82 -6.66 3.82
N LEU B 193 -39.09 -7.30 4.96
CA LEU B 193 -39.56 -8.68 4.94
C LEU B 193 -40.94 -8.78 4.31
N LEU B 194 -41.79 -7.80 4.58
CA LEU B 194 -43.16 -7.85 4.10
C LEU B 194 -43.23 -7.68 2.59
N ALA B 195 -42.22 -7.04 2.00
CA ALA B 195 -42.12 -6.99 0.55
C ALA B 195 -41.83 -8.37 -0.02
N VAL B 196 -40.97 -9.14 0.65
CA VAL B 196 -40.72 -10.51 0.23
C VAL B 196 -41.93 -11.38 0.53
N ALA B 197 -42.70 -11.01 1.55
CA ALA B 197 -43.89 -11.77 1.90
C ALA B 197 -44.95 -11.63 0.83
N GLU B 198 -45.05 -10.46 0.22
CA GLU B 198 -46.00 -10.28 -0.87
C GLU B 198 -45.48 -10.93 -2.15
N ARG B 199 -44.17 -11.10 -2.25
CA ARG B 199 -43.61 -11.78 -3.40
C ARG B 199 -43.99 -13.25 -3.42
N TYR B 200 -44.09 -13.87 -2.25
CA TYR B 200 -44.30 -15.31 -2.20
C TYR B 200 -45.69 -15.70 -1.72
N GLY B 201 -46.65 -14.77 -1.74
CA GLY B 201 -48.02 -15.11 -1.42
C GLY B 201 -48.26 -15.54 0.01
N LEU B 202 -47.39 -15.10 0.92
CA LEU B 202 -47.45 -15.49 2.31
C LEU B 202 -47.73 -14.26 3.16
N SER B 203 -48.67 -14.40 4.09
CA SER B 203 -49.02 -13.29 4.97
C SER B 203 -47.88 -13.00 5.93
N GLY B 204 -47.32 -11.80 5.80
CA GLY B 204 -46.16 -11.46 6.60
C GLY B 204 -46.49 -11.27 8.06
N SER B 205 -47.77 -11.00 8.36
CA SER B 205 -48.24 -10.98 9.75
C SER B 205 -48.03 -12.34 10.40
N ASP B 206 -48.18 -13.41 9.63
CA ASP B 206 -47.84 -14.73 10.14
C ASP B 206 -46.33 -14.91 10.20
N VAL B 207 -45.60 -14.26 9.28
CA VAL B 207 -44.14 -14.34 9.30
C VAL B 207 -43.58 -13.42 10.38
N LEU B 208 -44.39 -12.47 10.83
CA LEU B 208 -43.90 -11.64 11.92
C LEU B 208 -44.13 -12.29 13.28
N ASP B 209 -44.92 -13.36 13.35
CA ASP B 209 -44.97 -14.09 14.61
C ASP B 209 -43.73 -14.93 14.80
N ASN B 210 -43.21 -15.47 13.70
CA ASN B 210 -41.83 -15.93 13.61
C ASN B 210 -40.95 -14.70 13.35
N VAL B 211 -39.85 -14.86 12.62
CA VAL B 211 -38.49 -14.58 13.01
C VAL B 211 -38.28 -13.59 14.16
N ALA B 212 -37.50 -14.03 15.14
CA ALA B 212 -37.34 -13.26 16.36
C ALA B 212 -36.12 -12.36 16.27
N TYR B 213 -36.26 -11.14 16.74
CA TYR B 213 -35.19 -10.17 16.69
C TYR B 213 -34.34 -10.29 17.94
N ALA B 214 -33.06 -9.98 17.78
CA ALA B 214 -32.21 -9.68 18.91
C ALA B 214 -31.21 -8.64 18.46
N ARG B 215 -30.57 -8.01 19.42
CA ARG B 215 -29.57 -7.00 19.11
C ARG B 215 -28.38 -7.17 20.03
N GLY B 216 -27.20 -7.20 19.46
CA GLY B 216 -25.96 -7.28 20.22
C GLY B 216 -25.40 -5.89 20.41
N PHE B 217 -24.52 -5.74 21.40
CA PHE B 217 -23.82 -4.48 21.57
C PHE B 217 -22.35 -4.72 21.82
N ASN B 218 -22.03 -5.86 22.41
CA ASN B 218 -20.68 -6.16 22.83
C ASN B 218 -20.23 -7.47 22.20
N THR B 219 -18.93 -7.70 22.29
CA THR B 219 -18.39 -9.01 21.98
C THR B 219 -19.00 -10.05 22.90
N ASP B 220 -19.00 -9.77 24.20
CA ASP B 220 -19.52 -10.74 25.13
C ASP B 220 -21.02 -10.64 25.29
N HIS B 221 -21.65 -9.61 24.76
CA HIS B 221 -23.10 -9.69 24.67
C HIS B 221 -23.51 -10.53 23.48
N GLN B 222 -22.63 -10.62 22.47
CA GLN B 222 -22.93 -11.49 21.33
C GLN B 222 -22.95 -12.95 21.74
N THR B 223 -21.84 -13.44 22.30
CA THR B 223 -21.73 -14.87 22.58
C THR B 223 -22.70 -15.31 23.66
N GLN B 224 -23.08 -14.38 24.53
CA GLN B 224 -24.13 -14.68 25.50
C GLN B 224 -25.46 -14.88 24.80
N LEU B 225 -25.68 -14.24 23.66
CA LEU B 225 -26.98 -14.33 23.01
C LEU B 225 -27.18 -15.66 22.31
N LEU B 226 -26.12 -16.43 22.15
CA LEU B 226 -26.32 -17.78 21.66
C LEU B 226 -26.96 -18.66 22.72
N TYR B 227 -26.59 -18.43 23.98
CA TYR B 227 -26.96 -19.37 25.04
C TYR B 227 -28.44 -19.26 25.37
N GLN B 228 -28.98 -18.05 25.28
CA GLN B 228 -30.42 -17.90 25.33
C GLN B 228 -31.07 -18.52 24.10
N ALA B 229 -30.44 -18.35 22.94
CA ALA B 229 -31.04 -18.83 21.70
C ALA B 229 -31.03 -20.35 21.63
N GLU B 230 -29.99 -20.97 22.18
CA GLU B 230 -29.92 -22.43 22.22
C GLU B 230 -31.19 -23.02 22.81
N ASP B 231 -31.66 -22.43 23.90
CA ASP B 231 -32.87 -22.92 24.54
C ASP B 231 -34.01 -22.86 23.54
N MET B 232 -34.16 -21.72 22.87
CA MET B 232 -35.22 -21.57 21.89
C MET B 232 -35.13 -22.65 20.83
N MET B 233 -33.92 -23.14 20.58
CA MET B 233 -33.75 -24.18 19.58
C MET B 233 -34.26 -25.53 20.08
N VAL B 234 -34.14 -25.77 21.39
CA VAL B 234 -34.75 -26.96 21.96
C VAL B 234 -36.26 -26.82 21.98
N GLU B 235 -36.75 -25.68 22.46
CA GLU B 235 -38.17 -25.53 22.71
C GLU B 235 -38.99 -25.38 21.43
N SER B 236 -38.34 -25.08 20.31
CA SER B 236 -39.01 -24.96 19.02
C SER B 236 -38.00 -25.18 17.90
N ARG B 237 -38.47 -25.75 16.79
CA ARG B 237 -37.62 -26.01 15.63
C ARG B 237 -37.25 -24.70 14.95
N TYR B 238 -35.98 -24.58 14.58
CA TYR B 238 -35.50 -23.44 13.83
C TYR B 238 -34.88 -23.92 12.53
N ALA B 239 -34.56 -22.97 11.65
CA ALA B 239 -33.89 -23.31 10.41
C ALA B 239 -32.73 -22.37 10.14
N LEU B 240 -32.79 -21.16 10.66
CA LEU B 240 -31.89 -20.10 10.25
C LEU B 240 -31.52 -19.19 11.40
N LEU B 241 -30.25 -19.21 11.78
CA LEU B 241 -29.72 -18.33 12.81
C LEU B 241 -28.68 -17.43 12.15
N ILE B 242 -29.07 -16.19 11.87
CA ILE B 242 -28.24 -15.23 11.17
C ILE B 242 -27.54 -14.35 12.17
N VAL B 243 -26.26 -14.07 11.94
CA VAL B 243 -25.55 -13.05 12.69
C VAL B 243 -25.04 -12.05 11.67
N ASP B 244 -25.88 -11.08 11.31
CA ASP B 244 -25.69 -10.39 10.04
C ASP B 244 -24.68 -9.29 10.11
N SER B 245 -23.99 -9.14 11.23
CA SER B 245 -22.80 -8.32 11.28
C SER B 245 -21.81 -8.94 12.25
N ALA B 246 -21.60 -10.26 12.10
CA ALA B 246 -20.98 -11.08 13.14
C ALA B 246 -19.57 -10.64 13.47
N THR B 247 -18.84 -10.16 12.50
CA THR B 247 -17.51 -9.66 12.74
C THR B 247 -17.41 -8.17 12.49
N ALA B 248 -18.54 -7.48 12.49
CA ALA B 248 -18.51 -6.03 12.42
C ALA B 248 -18.18 -5.44 13.77
N LEU B 249 -18.28 -6.23 14.82
CA LEU B 249 -18.16 -5.62 16.12
C LEU B 249 -16.79 -5.88 16.74
N TYR B 250 -16.13 -6.96 16.34
CA TYR B 250 -14.84 -7.29 16.94
C TYR B 250 -13.77 -6.35 16.45
N ARG B 251 -13.97 -5.72 15.29
CA ARG B 251 -12.99 -4.77 14.78
C ARG B 251 -12.96 -3.51 15.63
N THR B 252 -14.13 -3.03 16.03
CA THR B 252 -14.20 -1.76 16.75
C THR B 252 -13.71 -1.89 18.19
N ASP B 253 -13.82 -3.07 18.78
CA ASP B 253 -13.57 -3.18 20.20
C ASP B 253 -12.24 -3.81 20.53
N TYR B 254 -11.38 -4.01 19.55
CA TYR B 254 -10.01 -4.40 19.83
C TYR B 254 -9.13 -3.67 18.82
N SER B 255 -7.96 -3.23 19.28
CA SER B 255 -7.11 -2.35 18.48
C SER B 255 -6.37 -3.10 17.38
N GLY B 256 -5.46 -3.98 17.75
CA GLY B 256 -4.63 -4.69 16.80
C GLY B 256 -3.20 -4.54 17.28
N ARG B 257 -2.37 -5.54 16.96
CA ARG B 257 -0.98 -5.65 17.39
C ARG B 257 -0.90 -5.56 18.90
N GLY B 258 -1.35 -6.63 19.53
CA GLY B 258 -1.64 -6.53 20.93
C GLY B 258 -3.10 -6.19 21.04
N GLU B 259 -3.79 -6.86 21.96
CA GLU B 259 -5.24 -6.98 22.04
C GLU B 259 -5.81 -7.56 20.76
N LEU B 260 -5.02 -8.27 19.97
CA LEU B 260 -5.49 -8.98 18.79
C LEU B 260 -5.66 -10.46 19.10
N SER B 261 -4.70 -11.02 19.83
CA SER B 261 -4.83 -12.38 20.31
C SER B 261 -5.99 -12.50 21.27
N ALA B 262 -6.26 -11.44 22.02
CA ALA B 262 -7.46 -11.44 22.87
C ALA B 262 -8.72 -11.32 22.04
N ARG B 263 -8.59 -10.77 20.83
CA ARG B 263 -9.74 -10.73 19.93
C ARG B 263 -9.90 -12.05 19.20
N GLN B 264 -8.80 -12.58 18.66
CA GLN B 264 -8.87 -13.73 17.76
C GLN B 264 -9.28 -14.99 18.50
N MET B 265 -8.71 -15.22 19.68
CA MET B 265 -9.12 -16.35 20.51
C MET B 265 -10.58 -16.22 20.90
N HIS B 266 -11.00 -15.02 21.24
CA HIS B 266 -12.41 -14.83 21.56
C HIS B 266 -13.25 -14.88 20.30
N LEU B 267 -12.66 -14.55 19.15
CA LEU B 267 -13.36 -14.83 17.91
C LEU B 267 -13.41 -16.33 17.65
N ALA B 268 -12.35 -17.04 18.03
CA ALA B 268 -12.35 -18.49 17.91
C ALA B 268 -13.30 -19.13 18.90
N ARG B 269 -13.49 -18.49 20.05
CA ARG B 269 -14.44 -19.01 21.02
C ARG B 269 -15.86 -18.81 20.55
N PHE B 270 -16.06 -17.87 19.63
CA PHE B 270 -17.40 -17.61 19.13
C PHE B 270 -17.88 -18.75 18.24
N LEU B 271 -17.01 -19.22 17.35
CA LEU B 271 -17.47 -20.10 16.28
C LEU B 271 -17.70 -21.52 16.76
N ARG B 272 -17.04 -21.92 17.85
CA ARG B 272 -17.27 -23.23 18.44
C ARG B 272 -18.70 -23.36 18.91
N MET B 273 -19.22 -22.31 19.54
CA MET B 273 -20.64 -22.28 19.89
C MET B 273 -21.48 -22.18 18.63
N LEU B 274 -20.91 -21.69 17.55
CA LEU B 274 -21.71 -21.48 16.36
C LEU B 274 -21.83 -22.76 15.56
N LEU B 275 -20.74 -23.53 15.47
CA LEU B 275 -20.82 -24.78 14.71
C LEU B 275 -21.65 -25.80 15.45
N ARG B 276 -21.62 -25.76 16.79
CA ARG B 276 -22.38 -26.72 17.56
C ARG B 276 -23.89 -26.45 17.43
N LEU B 277 -24.27 -25.19 17.21
CA LEU B 277 -25.67 -24.88 16.98
C LEU B 277 -26.13 -25.44 15.64
N ALA B 278 -25.23 -25.58 14.69
CA ALA B 278 -25.60 -26.16 13.42
C ALA B 278 -25.86 -27.65 13.57
N ASP B 279 -25.04 -28.34 14.37
CA ASP B 279 -25.06 -29.80 14.34
C ASP B 279 -26.11 -30.37 15.26
N GLU B 280 -26.54 -29.61 16.27
CA GLU B 280 -27.58 -30.12 17.14
C GLU B 280 -28.94 -30.06 16.47
N PHE B 281 -29.38 -28.87 16.12
CA PHE B 281 -30.76 -28.66 15.74
C PHE B 281 -30.95 -28.61 14.23
N GLY B 282 -29.87 -28.67 13.47
CA GLY B 282 -29.98 -28.64 12.02
C GLY B 282 -30.45 -27.30 11.49
N VAL B 283 -29.62 -26.27 11.63
CA VAL B 283 -30.03 -24.91 11.34
C VAL B 283 -28.98 -24.30 10.41
N ALA B 284 -29.45 -23.70 9.32
CA ALA B 284 -28.55 -23.03 8.40
C ALA B 284 -27.98 -21.78 9.04
N VAL B 285 -26.67 -21.72 9.14
CA VAL B 285 -25.99 -20.65 9.84
C VAL B 285 -25.39 -19.70 8.82
N VAL B 286 -25.82 -18.45 8.87
CA VAL B 286 -25.40 -17.44 7.91
C VAL B 286 -24.68 -16.35 8.67
N ILE B 287 -23.42 -16.13 8.31
CA ILE B 287 -22.57 -15.12 8.92
C ILE B 287 -22.33 -14.06 7.88
N THR B 288 -22.49 -12.81 8.24
CA THR B 288 -22.06 -11.73 7.38
C THR B 288 -20.78 -11.13 7.93
N ASN B 289 -19.70 -11.27 7.19
CA ASN B 289 -18.43 -10.67 7.52
C ASN B 289 -18.35 -9.31 6.84
N GLN B 290 -17.57 -8.39 7.39
CA GLN B 290 -17.27 -7.17 6.67
C GLN B 290 -15.96 -7.37 5.92
N VAL B 291 -15.43 -6.31 5.33
CA VAL B 291 -14.19 -6.46 4.62
C VAL B 291 -13.37 -5.17 4.68
N VAL B 292 -12.07 -5.32 4.93
CA VAL B 292 -11.07 -4.25 4.90
C VAL B 292 -10.62 -4.03 3.47
N ALA B 293 -9.73 -3.08 3.26
CA ALA B 293 -8.97 -3.02 2.02
C ALA B 293 -7.50 -3.24 2.31
N GLN B 294 -6.91 -4.23 1.65
CA GLN B 294 -5.49 -4.50 1.79
C GLN B 294 -4.71 -3.36 1.19
N VAL B 295 -3.60 -2.99 1.81
CA VAL B 295 -2.88 -1.78 1.42
C VAL B 295 -1.40 -2.11 1.27
N ASP B 296 -1.01 -2.41 0.05
CA ASP B 296 0.37 -2.63 -0.37
C ASP B 296 0.37 -2.61 -1.89
N GLY B 297 1.48 -3.08 -2.47
CA GLY B 297 1.64 -3.22 -3.91
C GLY B 297 0.89 -4.37 -4.55
N ALA B 298 -0.02 -5.00 -3.82
CA ALA B 298 -0.92 -6.02 -4.34
C ALA B 298 -2.18 -5.42 -4.95
N ALA B 299 -2.21 -4.11 -5.19
CA ALA B 299 -3.41 -3.44 -5.70
C ALA B 299 -3.57 -3.73 -7.19
N MET B 300 -4.52 -4.60 -7.52
CA MET B 300 -4.80 -4.97 -8.90
C MET B 300 -6.27 -4.76 -9.20
N PHE B 301 -6.72 -5.25 -10.36
CA PHE B 301 -8.10 -5.10 -10.81
C PHE B 301 -8.87 -6.39 -10.58
N ALA B 302 -10.19 -6.24 -10.42
CA ALA B 302 -11.20 -7.27 -10.21
C ALA B 302 -11.02 -8.06 -8.91
N ALA B 303 -10.03 -7.73 -8.09
CA ALA B 303 -9.89 -8.27 -6.75
C ALA B 303 -9.98 -7.09 -5.80
N ASP B 304 -9.41 -5.95 -6.24
CA ASP B 304 -9.41 -4.69 -5.52
C ASP B 304 -8.90 -4.85 -4.09
N PRO B 305 -7.74 -5.51 -3.92
CA PRO B 305 -7.59 -6.59 -2.93
C PRO B 305 -8.28 -6.38 -1.60
N LYS B 306 -9.22 -7.27 -1.30
CA LYS B 306 -10.17 -6.99 -0.25
C LYS B 306 -9.73 -7.61 1.07
N LYS B 307 -9.39 -8.91 1.05
CA LYS B 307 -8.90 -9.66 2.21
C LYS B 307 -9.93 -9.63 3.33
N PRO B 308 -11.00 -10.44 3.24
CA PRO B 308 -12.08 -10.45 4.24
C PRO B 308 -11.58 -10.49 5.68
N ILE B 309 -12.14 -9.58 6.49
CA ILE B 309 -11.61 -9.37 7.82
C ILE B 309 -11.98 -10.57 8.68
N GLY B 310 -11.15 -10.83 9.67
CA GLY B 310 -11.24 -12.03 10.47
C GLY B 310 -10.12 -13.01 10.22
N GLY B 311 -9.07 -12.57 9.51
CA GLY B 311 -7.82 -13.29 9.45
C GLY B 311 -7.94 -14.67 8.83
N ASN B 312 -7.75 -15.68 9.68
CA ASN B 312 -7.87 -17.06 9.26
C ASN B 312 -8.96 -17.81 10.01
N ILE B 313 -9.31 -17.37 11.23
CA ILE B 313 -10.26 -18.11 12.03
C ILE B 313 -11.66 -17.96 11.48
N ILE B 314 -11.94 -16.82 10.85
CA ILE B 314 -13.22 -16.73 10.16
C ILE B 314 -13.15 -17.43 8.82
N ALA B 315 -11.94 -17.72 8.35
CA ALA B 315 -11.81 -18.37 7.05
C ALA B 315 -11.93 -19.87 7.17
N HIS B 316 -11.24 -20.45 8.15
CA HIS B 316 -11.24 -21.91 8.28
C HIS B 316 -12.59 -22.43 8.75
N ALA B 317 -13.40 -21.56 9.35
CA ALA B 317 -14.73 -21.97 9.75
C ALA B 317 -15.75 -21.78 8.64
N SER B 318 -15.31 -21.64 7.40
CA SER B 318 -16.27 -21.63 6.30
C SER B 318 -16.60 -23.02 5.82
N THR B 319 -17.89 -23.24 5.61
CA THR B 319 -18.32 -24.25 4.66
C THR B 319 -18.54 -23.63 3.29
N THR B 320 -19.46 -22.69 3.17
CA THR B 320 -19.74 -22.07 1.89
C THR B 320 -19.46 -20.58 1.98
N ARG B 321 -18.21 -20.22 1.76
CA ARG B 321 -17.80 -18.83 1.71
C ARG B 321 -18.24 -18.22 0.40
N LEU B 322 -18.80 -17.02 0.43
CA LEU B 322 -19.22 -16.32 -0.78
C LEU B 322 -18.34 -15.11 -1.00
N TYR B 323 -18.74 -14.29 -1.96
CA TYR B 323 -18.12 -13.01 -2.26
C TYR B 323 -19.19 -12.21 -2.98
N LEU B 324 -19.26 -10.92 -2.71
CA LEU B 324 -20.32 -10.11 -3.31
C LEU B 324 -19.74 -8.84 -3.91
N ARG B 325 -19.91 -8.70 -5.22
CA ARG B 325 -19.53 -7.51 -5.95
C ARG B 325 -20.77 -6.86 -6.54
N LYS B 326 -20.69 -5.55 -6.70
CA LYS B 326 -21.70 -4.81 -7.43
C LYS B 326 -21.27 -4.70 -8.88
N GLY B 327 -22.22 -4.93 -9.79
CA GLY B 327 -21.97 -4.78 -11.21
C GLY B 327 -22.45 -3.44 -11.69
N ARG B 328 -23.59 -3.41 -12.36
CA ARG B 328 -24.27 -2.17 -12.73
C ARG B 328 -25.57 -2.09 -11.96
N GLY B 329 -25.80 -0.94 -11.32
CA GLY B 329 -27.10 -0.65 -10.72
C GLY B 329 -27.41 -1.59 -9.58
N GLU B 330 -28.46 -2.38 -9.76
CA GLU B 330 -28.82 -3.39 -8.80
C GLU B 330 -28.29 -4.77 -9.13
N THR B 331 -27.68 -4.95 -10.30
CA THR B 331 -27.13 -6.24 -10.66
C THR B 331 -25.89 -6.53 -9.84
N ARG B 332 -25.99 -7.46 -8.91
CA ARG B 332 -24.87 -7.84 -8.08
C ARG B 332 -24.30 -9.16 -8.60
N ILE B 333 -23.02 -9.37 -8.35
CA ILE B 333 -22.30 -10.52 -8.87
C ILE B 333 -21.75 -11.30 -7.69
N CYS B 334 -22.19 -12.54 -7.53
CA CYS B 334 -21.84 -13.37 -6.39
C CYS B 334 -20.82 -14.42 -6.78
N LYS B 335 -19.55 -14.16 -6.52
CA LYS B 335 -18.48 -15.10 -6.81
C LYS B 335 -18.36 -16.06 -5.63
N ILE B 336 -17.86 -17.27 -5.88
CA ILE B 336 -17.72 -18.24 -4.82
C ILE B 336 -16.24 -18.43 -4.47
N TYR B 337 -15.94 -18.42 -3.19
CA TYR B 337 -14.70 -18.94 -2.65
C TYR B 337 -14.96 -20.28 -2.01
N ASP B 338 -13.87 -20.96 -1.67
CA ASP B 338 -13.66 -21.74 -0.43
C ASP B 338 -14.88 -22.58 -0.02
N SER B 339 -15.25 -23.51 -0.89
CA SER B 339 -16.38 -24.38 -0.58
C SER B 339 -16.07 -25.80 -1.01
N PRO B 340 -16.46 -26.81 -0.21
CA PRO B 340 -16.00 -28.18 -0.50
C PRO B 340 -16.69 -28.83 -1.68
N CYS B 341 -17.82 -28.28 -2.13
CA CYS B 341 -18.61 -28.92 -3.18
C CYS B 341 -18.91 -28.03 -4.36
N LEU B 342 -18.42 -26.80 -4.38
CA LEU B 342 -18.89 -25.89 -5.41
C LEU B 342 -17.72 -25.31 -6.22
N PRO B 343 -17.94 -25.04 -7.50
CA PRO B 343 -16.89 -24.45 -8.32
C PRO B 343 -16.86 -22.93 -8.20
N GLU B 344 -15.78 -22.33 -8.73
CA GLU B 344 -15.57 -20.89 -8.65
C GLU B 344 -16.31 -20.22 -9.81
N ALA B 345 -17.61 -20.07 -9.63
CA ALA B 345 -18.50 -19.51 -10.62
C ALA B 345 -19.01 -18.15 -10.14
N GLU B 346 -19.96 -17.60 -10.88
CA GLU B 346 -20.66 -16.40 -10.43
C GLU B 346 -22.05 -16.40 -11.04
N ALA B 347 -22.94 -15.60 -10.45
CA ALA B 347 -24.31 -15.52 -10.94
C ALA B 347 -24.85 -14.12 -10.68
N MET B 348 -25.34 -13.48 -11.74
CA MET B 348 -25.96 -12.17 -11.61
C MET B 348 -27.27 -12.32 -10.86
N PHE B 349 -27.62 -11.30 -10.09
CA PHE B 349 -28.87 -11.23 -9.36
C PHE B 349 -29.12 -9.78 -8.98
N ALA B 350 -30.37 -9.37 -9.04
CA ALA B 350 -30.74 -7.99 -8.79
C ALA B 350 -31.59 -7.92 -7.54
N ILE B 351 -31.32 -6.94 -6.69
CA ILE B 351 -32.04 -6.78 -5.43
C ILE B 351 -33.22 -5.85 -5.71
N ASN B 352 -34.41 -6.43 -5.87
CA ASN B 352 -35.55 -5.70 -6.38
C ASN B 352 -36.17 -4.82 -5.31
N ALA B 353 -37.35 -4.30 -5.62
CA ALA B 353 -38.16 -3.66 -4.61
C ALA B 353 -38.77 -4.69 -3.67
N ASP B 354 -38.92 -5.93 -4.15
CA ASP B 354 -39.47 -7.02 -3.33
C ASP B 354 -38.42 -8.11 -3.22
N GLY B 355 -37.51 -7.93 -2.26
CA GLY B 355 -36.46 -8.87 -1.96
C GLY B 355 -35.44 -9.01 -3.08
N VAL B 356 -34.67 -10.08 -2.98
CA VAL B 356 -33.80 -10.47 -4.09
C VAL B 356 -34.66 -10.88 -5.26
N GLY B 357 -34.26 -10.48 -6.47
CA GLY B 357 -34.95 -10.89 -7.66
C GLY B 357 -33.98 -11.25 -8.78
N ASP B 358 -34.50 -11.36 -10.00
CA ASP B 358 -33.67 -11.76 -11.13
C ASP B 358 -33.98 -10.94 -12.37
N PRO C 44 0.84 -56.04 13.35
CA PRO C 44 -0.63 -55.98 13.30
C PRO C 44 -1.30 -57.13 14.06
N GLN C 45 -0.57 -57.74 14.98
CA GLN C 45 -1.04 -58.96 15.62
C GLN C 45 -1.85 -58.64 16.87
N PRO C 46 -2.93 -59.37 17.14
CA PRO C 46 -3.73 -59.10 18.34
C PRO C 46 -3.21 -59.86 19.55
N ILE C 47 -3.92 -59.69 20.67
CA ILE C 47 -3.55 -60.35 21.93
C ILE C 47 -4.22 -61.71 22.07
N SER C 48 -4.83 -62.24 21.00
CA SER C 48 -5.40 -63.59 21.08
C SER C 48 -4.32 -64.67 21.08
N ARG C 49 -3.07 -64.32 20.82
CA ARG C 49 -1.97 -65.27 20.86
C ARG C 49 -1.11 -65.16 22.11
N LEU C 50 -1.27 -64.11 22.92
CA LEU C 50 -0.45 -63.95 24.13
C LEU C 50 -0.84 -64.91 25.24
N GLU C 51 -1.95 -65.63 25.13
CA GLU C 51 -2.47 -66.50 26.20
C GLU C 51 -1.67 -67.80 26.28
N GLN C 52 -0.40 -67.64 26.63
CA GLN C 52 0.55 -68.74 26.75
C GLN C 52 1.42 -68.47 27.97
N CYS C 53 1.83 -69.55 28.64
CA CYS C 53 2.69 -69.53 29.83
C CYS C 53 2.05 -68.72 30.96
N GLY C 54 0.93 -69.23 31.48
CA GLY C 54 0.33 -68.71 32.70
C GLY C 54 -0.40 -67.39 32.59
N ILE C 55 -0.54 -66.82 31.40
CA ILE C 55 -1.28 -65.58 31.26
C ILE C 55 -2.77 -65.90 31.26
N ASN C 56 -3.49 -65.35 32.25
CA ASN C 56 -4.90 -65.66 32.42
C ASN C 56 -5.76 -64.87 31.46
N ALA C 57 -7.04 -65.24 31.39
CA ALA C 57 -7.97 -64.67 30.43
C ALA C 57 -8.44 -63.26 30.80
N ASN C 58 -8.17 -62.82 32.03
CA ASN C 58 -8.68 -61.51 32.44
C ASN C 58 -7.83 -60.38 31.85
N ASP C 59 -6.55 -60.64 31.62
CA ASP C 59 -5.63 -59.55 31.34
C ASP C 59 -5.45 -59.35 29.82
N VAL C 60 -6.13 -60.17 29.02
CA VAL C 60 -6.10 -59.98 27.57
C VAL C 60 -7.13 -58.93 27.14
N LYS C 61 -8.35 -59.04 27.67
CA LYS C 61 -9.44 -58.18 27.20
C LYS C 61 -9.58 -56.91 28.03
N LYS C 62 -9.01 -56.88 29.23
CA LYS C 62 -8.97 -55.62 29.98
C LYS C 62 -7.83 -54.74 29.47
N LEU C 63 -6.79 -55.35 28.90
CA LEU C 63 -5.79 -54.59 28.17
C LEU C 63 -6.38 -54.06 26.86
N GLU C 64 -7.34 -54.80 26.29
CA GLU C 64 -8.01 -54.41 25.05
C GLU C 64 -8.79 -53.11 25.23
N GLU C 65 -9.75 -53.11 26.15
CA GLU C 65 -10.70 -52.00 26.29
C GLU C 65 -10.02 -50.75 26.82
N ALA C 66 -8.95 -50.91 27.59
CA ALA C 66 -8.29 -49.76 28.20
C ALA C 66 -7.50 -48.94 27.18
N GLY C 67 -7.26 -49.46 25.99
CA GLY C 67 -6.68 -48.64 24.95
C GLY C 67 -5.70 -49.29 24.01
N TYR C 68 -5.14 -50.44 24.38
CA TYR C 68 -4.13 -51.10 23.56
C TYR C 68 -4.62 -52.48 23.16
N HIS C 69 -5.09 -52.60 21.90
CA HIS C 69 -5.73 -53.80 21.39
C HIS C 69 -4.76 -54.79 20.76
N THR C 70 -3.53 -54.37 20.47
CA THR C 70 -2.61 -55.20 19.71
C THR C 70 -1.36 -55.44 20.53
N VAL C 71 -0.64 -56.52 20.20
CA VAL C 71 0.61 -56.81 20.90
C VAL C 71 1.73 -55.93 20.36
N GLU C 72 1.51 -55.29 19.22
CA GLU C 72 2.40 -54.21 18.80
C GLU C 72 2.29 -53.04 19.75
N ALA C 73 1.08 -52.75 20.22
CA ALA C 73 0.87 -51.66 21.18
C ALA C 73 1.41 -52.01 22.55
N VAL C 74 1.47 -53.31 22.87
CA VAL C 74 2.04 -53.75 24.14
C VAL C 74 3.55 -53.48 24.18
N ALA C 75 4.23 -53.71 23.06
CA ALA C 75 5.64 -53.35 22.96
C ALA C 75 5.80 -51.83 22.95
N TYR C 76 4.78 -51.11 22.50
CA TYR C 76 4.79 -49.65 22.53
C TYR C 76 4.18 -49.11 23.82
N ALA C 77 3.73 -49.98 24.71
CA ALA C 77 3.24 -49.56 26.01
C ALA C 77 4.41 -49.48 26.99
N PRO C 78 4.33 -48.61 28.00
CA PRO C 78 5.42 -48.55 28.97
C PRO C 78 5.26 -49.55 30.11
N LYS C 79 6.20 -49.50 31.05
CA LYS C 79 6.20 -50.44 32.16
C LYS C 79 5.27 -49.98 33.27
N LYS C 80 5.48 -48.75 33.77
CA LYS C 80 4.72 -48.29 34.92
C LYS C 80 3.31 -47.87 34.51
N GLU C 81 3.09 -47.61 33.23
CA GLU C 81 1.74 -47.27 32.76
C GLU C 81 0.82 -48.48 32.81
N LEU C 82 1.38 -49.68 32.65
CA LEU C 82 0.57 -50.90 32.72
C LEU C 82 0.15 -51.20 34.15
N ILE C 83 0.93 -50.74 35.13
CA ILE C 83 0.63 -50.99 36.53
C ILE C 83 -0.58 -50.17 37.00
N ASN C 84 -0.81 -49.01 36.40
CA ASN C 84 -1.81 -48.08 36.94
C ASN C 84 -3.23 -48.43 36.52
N ILE C 85 -3.42 -49.41 35.63
CA ILE C 85 -4.76 -49.90 35.33
C ILE C 85 -5.27 -50.69 36.52
N LYS C 86 -6.51 -50.43 36.94
CA LYS C 86 -7.08 -51.17 38.06
C LYS C 86 -7.36 -52.61 37.66
N GLY C 87 -6.93 -53.53 38.52
CA GLY C 87 -6.95 -54.95 38.21
C GLY C 87 -5.60 -55.52 37.82
N ILE C 88 -4.54 -54.72 37.91
CA ILE C 88 -3.19 -55.12 37.51
C ILE C 88 -2.28 -54.99 38.72
N SER C 89 -1.47 -56.01 38.97
CA SER C 89 -0.40 -55.90 39.96
C SER C 89 0.94 -55.67 39.27
N GLU C 90 1.99 -55.53 40.07
CA GLU C 90 3.31 -55.31 39.51
C GLU C 90 3.90 -56.60 38.94
N ALA C 91 3.62 -57.73 39.59
CA ALA C 91 4.19 -59.01 39.14
C ALA C 91 3.53 -59.48 37.85
N LYS C 92 2.24 -59.22 37.70
CA LYS C 92 1.56 -59.55 36.44
C LYS C 92 1.97 -58.59 35.33
N ALA C 93 2.42 -57.39 35.69
CA ALA C 93 2.84 -56.41 34.69
C ALA C 93 4.14 -56.82 34.02
N ASP C 94 4.97 -57.60 34.73
CA ASP C 94 6.16 -58.18 34.09
C ASP C 94 5.76 -59.28 33.12
N LYS C 95 4.72 -60.04 33.46
CA LYS C 95 4.37 -61.23 32.69
C LYS C 95 3.75 -60.88 31.34
N ILE C 96 3.33 -59.63 31.17
CA ILE C 96 2.78 -59.22 29.89
C ILE C 96 3.88 -58.72 28.97
N LEU C 97 4.72 -57.81 29.46
CA LEU C 97 5.68 -57.14 28.59
C LEU C 97 6.83 -58.06 28.19
N THR C 98 7.24 -58.94 29.11
CA THR C 98 8.36 -59.84 28.81
C THR C 98 7.92 -60.95 27.85
N GLU C 99 6.70 -61.47 28.04
CA GLU C 99 6.24 -62.57 27.18
C GLU C 99 5.84 -62.05 25.81
N ALA C 100 5.42 -60.78 25.72
CA ALA C 100 5.18 -60.18 24.42
C ALA C 100 6.50 -59.86 23.72
N ALA C 101 7.59 -59.72 24.49
CA ALA C 101 8.90 -59.55 23.89
C ALA C 101 9.40 -60.85 23.29
N LYS C 102 8.80 -61.99 23.68
CA LYS C 102 9.09 -63.25 23.00
C LYS C 102 8.39 -63.29 21.64
N LEU C 103 7.37 -62.45 21.44
CA LEU C 103 6.60 -62.49 20.21
C LEU C 103 7.21 -61.57 19.14
N VAL C 104 7.47 -60.31 19.49
CA VAL C 104 8.01 -59.34 18.55
C VAL C 104 9.50 -59.15 18.84
N PRO C 105 10.37 -59.20 17.82
CA PRO C 105 11.81 -59.01 18.07
C PRO C 105 12.24 -57.56 17.95
N MET C 106 13.20 -57.14 18.77
CA MET C 106 13.60 -55.74 18.87
C MET C 106 15.11 -55.57 18.79
N GLY C 107 15.81 -56.54 18.19
CA GLY C 107 17.26 -56.49 18.13
C GLY C 107 17.75 -55.50 17.09
N PHE C 108 19.07 -55.31 17.09
CA PHE C 108 19.69 -54.40 16.14
C PHE C 108 19.82 -55.07 14.78
N THR C 109 19.28 -54.44 13.75
CA THR C 109 19.26 -55.01 12.42
C THR C 109 20.02 -54.09 11.47
N THR C 110 20.83 -54.70 10.61
CA THR C 110 21.84 -54.03 9.82
C THR C 110 21.16 -53.21 8.70
N ALA C 111 21.92 -52.29 8.10
CA ALA C 111 21.36 -51.27 7.22
C ALA C 111 20.94 -51.84 5.87
N THR C 112 21.31 -53.09 5.57
CA THR C 112 20.86 -53.71 4.33
C THR C 112 19.53 -54.43 4.51
N GLU C 113 18.83 -54.23 5.63
CA GLU C 113 17.53 -54.86 5.81
C GLU C 113 16.41 -53.83 5.87
N PHE C 114 16.68 -52.65 6.44
CA PHE C 114 15.69 -51.59 6.36
C PHE C 114 15.61 -51.00 4.96
N HIS C 115 16.66 -51.17 4.16
CA HIS C 115 16.62 -50.84 2.75
C HIS C 115 15.55 -51.68 2.03
N GLN C 116 15.34 -52.91 2.49
CA GLN C 116 14.24 -53.72 1.98
C GLN C 116 12.94 -53.43 2.72
N ARG C 117 13.03 -53.09 4.01
CA ARG C 117 11.84 -52.80 4.80
C ARG C 117 11.20 -51.49 4.35
N ARG C 118 12.01 -50.56 3.84
CA ARG C 118 11.46 -49.39 3.17
C ARG C 118 10.97 -49.77 1.77
N SER C 119 11.56 -50.80 1.17
CA SER C 119 11.19 -51.15 -0.20
C SER C 119 9.84 -51.85 -0.29
N GLU C 120 9.33 -52.39 0.82
CA GLU C 120 7.99 -53.00 0.82
C GLU C 120 6.87 -51.96 0.95
N ILE C 121 7.21 -50.68 1.04
CA ILE C 121 6.21 -49.64 1.16
C ILE C 121 5.38 -49.54 -0.12
N ILE C 122 4.07 -49.60 0.03
CA ILE C 122 3.14 -49.58 -1.10
C ILE C 122 3.19 -48.22 -1.82
N GLN C 123 3.37 -47.14 -1.06
CA GLN C 123 3.59 -45.75 -1.50
C GLN C 123 2.53 -45.29 -2.53
N ILE C 124 1.32 -45.14 -2.00
CA ILE C 124 0.12 -44.90 -2.79
C ILE C 124 0.19 -43.55 -3.50
N THR C 125 -0.57 -43.42 -4.59
CA THR C 125 -0.49 -42.29 -5.52
C THR C 125 -1.27 -41.08 -5.03
N THR C 126 -1.00 -39.93 -5.68
CA THR C 126 -1.60 -38.65 -5.33
C THR C 126 -2.56 -38.10 -6.39
N GLY C 127 -2.82 -38.83 -7.47
CA GLY C 127 -3.83 -38.45 -8.43
C GLY C 127 -3.33 -37.58 -9.57
N SER C 128 -2.15 -37.00 -9.45
CA SER C 128 -1.51 -36.28 -10.55
C SER C 128 -0.01 -36.45 -10.40
N LYS C 129 0.65 -36.89 -11.47
CA LYS C 129 1.99 -37.47 -11.37
C LYS C 129 3.06 -36.43 -11.06
N GLU C 130 2.75 -35.16 -11.27
CA GLU C 130 3.70 -34.09 -10.99
C GLU C 130 3.98 -33.99 -9.50
N LEU C 131 2.95 -34.23 -8.68
CA LEU C 131 3.20 -34.41 -7.26
C LEU C 131 3.86 -35.74 -6.99
N ASP C 132 3.45 -36.79 -7.72
CA ASP C 132 4.00 -38.12 -7.50
C ASP C 132 5.47 -38.17 -7.88
N LYS C 133 5.85 -37.47 -8.95
CA LYS C 133 7.27 -37.40 -9.26
C LYS C 133 8.00 -36.47 -8.31
N LEU C 134 7.29 -35.50 -7.72
CA LEU C 134 7.89 -34.73 -6.65
C LEU C 134 8.05 -35.58 -5.39
N LEU C 135 7.10 -36.47 -5.15
CA LEU C 135 7.09 -37.33 -3.98
C LEU C 135 7.78 -38.66 -4.22
N GLN C 136 8.38 -38.84 -5.40
CA GLN C 136 8.95 -40.11 -5.87
C GLN C 136 7.91 -41.23 -5.79
N GLY C 137 6.84 -41.05 -6.55
CA GLY C 137 5.80 -42.05 -6.66
C GLY C 137 4.50 -41.64 -6.00
N GLY C 138 4.60 -40.86 -4.94
CA GLY C 138 3.43 -40.46 -4.19
C GLY C 138 3.76 -40.42 -2.71
N ILE C 139 2.71 -40.26 -1.91
CA ILE C 139 2.90 -40.29 -0.46
C ILE C 139 3.29 -41.70 -0.04
N GLU C 140 3.97 -41.81 1.09
CA GLU C 140 4.47 -43.09 1.56
C GLU C 140 3.61 -43.61 2.70
N THR C 141 3.65 -44.92 2.91
CA THR C 141 2.93 -45.49 4.04
C THR C 141 3.84 -45.54 5.26
N GLY C 142 3.21 -45.53 6.43
CA GLY C 142 3.97 -45.59 7.67
C GLY C 142 4.78 -44.35 7.96
N SER C 143 4.16 -43.18 7.87
CA SER C 143 4.87 -41.92 8.05
C SER C 143 3.84 -40.85 8.40
N ILE C 144 4.31 -39.61 8.53
CA ILE C 144 3.44 -38.48 8.79
C ILE C 144 3.62 -37.46 7.68
N THR C 145 2.54 -37.18 6.97
CA THR C 145 2.54 -36.25 5.85
C THR C 145 1.44 -35.21 6.09
N GLU C 146 1.76 -33.95 5.79
CA GLU C 146 0.95 -32.83 6.22
C GLU C 146 0.74 -31.85 5.07
N MET C 147 -0.52 -31.45 4.87
CA MET C 147 -0.85 -30.39 3.93
C MET C 147 -1.43 -29.20 4.68
N PHE C 148 -0.81 -28.05 4.54
CA PHE C 148 -1.25 -26.85 5.21
C PHE C 148 -1.24 -25.69 4.22
N GLY C 149 -2.27 -24.85 4.30
CA GLY C 149 -2.42 -23.74 3.38
C GLY C 149 -3.52 -22.82 3.89
N GLU C 150 -3.58 -21.65 3.27
CA GLU C 150 -4.35 -20.52 3.78
C GLU C 150 -5.85 -20.78 3.86
N PHE C 151 -6.50 -20.88 2.71
CA PHE C 151 -7.94 -21.06 2.54
C PHE C 151 -8.20 -21.17 1.05
N ARG C 152 -9.31 -21.84 0.70
CA ARG C 152 -9.66 -22.36 -0.62
C ARG C 152 -8.53 -23.10 -1.34
N THR C 153 -7.56 -23.61 -0.59
CA THR C 153 -6.38 -24.14 -1.25
C THR C 153 -6.42 -25.64 -1.41
N GLY C 154 -7.45 -26.30 -0.88
CA GLY C 154 -7.61 -27.70 -1.18
C GLY C 154 -7.01 -28.59 -0.13
N LYS C 155 -7.00 -28.11 1.12
CA LYS C 155 -6.59 -28.95 2.23
C LYS C 155 -7.53 -30.15 2.38
N THR C 156 -8.81 -29.96 2.09
CA THR C 156 -9.73 -31.08 2.14
C THR C 156 -9.87 -31.75 0.78
N GLN C 157 -9.47 -31.07 -0.29
CA GLN C 157 -9.66 -31.66 -1.61
C GLN C 157 -8.56 -32.65 -1.93
N ILE C 158 -7.38 -32.47 -1.34
CA ILE C 158 -6.35 -33.48 -1.52
C ILE C 158 -6.67 -34.71 -0.66
N CYS C 159 -7.56 -34.56 0.32
CA CYS C 159 -8.02 -35.72 1.06
C CYS C 159 -8.91 -36.60 0.22
N HIS C 160 -9.87 -36.00 -0.48
CA HIS C 160 -10.92 -36.76 -1.14
C HIS C 160 -10.38 -37.53 -2.34
N THR C 161 -9.28 -37.06 -2.91
CA THR C 161 -8.63 -37.84 -3.95
C THR C 161 -7.76 -38.94 -3.37
N LEU C 162 -7.23 -38.75 -2.18
CA LEU C 162 -6.53 -39.85 -1.53
C LEU C 162 -7.52 -40.86 -0.99
N ALA C 163 -8.75 -40.43 -0.75
CA ALA C 163 -9.76 -41.32 -0.18
C ALA C 163 -10.26 -42.32 -1.22
N VAL C 164 -10.07 -42.03 -2.50
CA VAL C 164 -10.47 -42.99 -3.52
C VAL C 164 -9.29 -43.88 -3.91
N THR C 165 -8.09 -43.53 -3.48
CA THR C 165 -6.94 -44.28 -3.93
C THR C 165 -6.80 -45.62 -3.23
N CYS C 166 -7.35 -45.77 -2.03
CA CYS C 166 -7.03 -46.92 -1.20
C CYS C 166 -7.62 -48.22 -1.73
N GLN C 167 -8.70 -48.14 -2.51
CA GLN C 167 -9.30 -49.34 -3.08
C GLN C 167 -8.78 -49.64 -4.48
N LEU C 168 -7.73 -48.96 -4.92
CA LEU C 168 -7.19 -49.25 -6.22
C LEU C 168 -6.25 -50.46 -6.16
N PRO C 169 -5.99 -51.10 -7.28
CA PRO C 169 -4.94 -52.13 -7.31
C PRO C 169 -3.55 -51.52 -7.13
N ILE C 170 -2.57 -52.42 -6.96
CA ILE C 170 -1.20 -51.98 -6.71
C ILE C 170 -0.58 -51.44 -7.99
N ASP C 171 -1.07 -51.88 -9.14
CA ASP C 171 -0.67 -51.28 -10.41
C ASP C 171 -1.22 -49.86 -10.54
N ARG C 172 -2.42 -49.63 -10.00
CA ARG C 172 -3.03 -48.31 -9.98
C ARG C 172 -2.80 -47.57 -8.67
N GLY C 173 -1.66 -47.80 -8.01
CA GLY C 173 -1.26 -47.07 -6.84
C GLY C 173 -1.83 -47.59 -5.53
N GLY C 174 -3.03 -48.14 -5.54
CA GLY C 174 -3.71 -48.41 -4.29
C GLY C 174 -3.23 -49.67 -3.60
N GLY C 175 -3.29 -49.63 -2.27
CA GLY C 175 -2.97 -50.78 -1.45
C GLY C 175 -4.07 -51.80 -1.31
N GLU C 176 -5.15 -51.67 -2.11
CA GLU C 176 -6.28 -52.60 -2.17
C GLU C 176 -6.99 -52.73 -0.82
N GLY C 177 -7.04 -51.62 -0.07
CA GLY C 177 -7.61 -51.63 1.26
C GLY C 177 -8.59 -50.50 1.43
N LYS C 178 -8.77 -50.09 2.69
CA LYS C 178 -9.73 -49.04 2.94
C LYS C 178 -9.06 -47.85 3.64
N ALA C 179 -9.62 -46.67 3.42
CA ALA C 179 -9.16 -45.47 4.08
C ALA C 179 -10.09 -45.10 5.22
N MET C 180 -9.58 -44.26 6.13
CA MET C 180 -10.28 -43.92 7.36
C MET C 180 -10.31 -42.40 7.46
N TYR C 181 -11.44 -41.79 7.14
CA TYR C 181 -11.55 -40.33 7.09
C TYR C 181 -12.15 -39.81 8.38
N ILE C 182 -11.40 -38.97 9.08
CA ILE C 182 -11.88 -38.28 10.28
C ILE C 182 -11.78 -36.79 10.02
N ASP C 183 -12.86 -36.07 10.28
CA ASP C 183 -12.80 -34.62 10.22
C ASP C 183 -13.81 -34.00 11.17
N THR C 184 -13.37 -32.92 11.81
CA THR C 184 -14.16 -32.23 12.81
C THR C 184 -14.92 -31.04 12.26
N GLU C 185 -14.41 -30.40 11.22
CA GLU C 185 -15.07 -29.21 10.69
C GLU C 185 -16.34 -29.53 9.91
N GLY C 186 -16.42 -30.70 9.30
CA GLY C 186 -17.60 -31.02 8.51
C GLY C 186 -17.36 -30.98 7.03
N THR C 187 -16.11 -31.15 6.60
CA THR C 187 -15.76 -31.12 5.19
C THR C 187 -15.95 -32.47 4.50
N PHE C 188 -16.76 -33.36 5.06
CA PHE C 188 -17.06 -34.60 4.37
C PHE C 188 -18.13 -34.32 3.33
N ARG C 189 -17.75 -34.48 2.06
CA ARG C 189 -18.68 -34.31 0.94
C ARG C 189 -18.60 -35.55 0.07
N PRO C 190 -19.46 -36.54 0.31
CA PRO C 190 -19.31 -37.83 -0.40
C PRO C 190 -19.74 -37.78 -1.86
N GLU C 191 -20.34 -36.68 -2.31
CA GLU C 191 -20.56 -36.53 -3.75
C GLU C 191 -19.24 -36.34 -4.48
N ARG C 192 -18.22 -35.81 -3.81
CA ARG C 192 -16.89 -35.81 -4.40
C ARG C 192 -16.34 -37.23 -4.49
N LEU C 193 -16.76 -38.10 -3.57
CA LEU C 193 -16.23 -39.46 -3.56
C LEU C 193 -16.89 -40.31 -4.64
N LEU C 194 -18.07 -39.91 -5.09
CA LEU C 194 -18.62 -40.51 -6.30
C LEU C 194 -17.84 -40.07 -7.52
N ALA C 195 -17.26 -38.87 -7.47
CA ALA C 195 -16.72 -38.26 -8.67
C ALA C 195 -15.38 -38.88 -9.04
N VAL C 196 -14.49 -39.07 -8.07
CA VAL C 196 -13.15 -39.48 -8.41
C VAL C 196 -13.08 -40.99 -8.61
N ALA C 197 -14.11 -41.70 -8.15
CA ALA C 197 -14.26 -43.10 -8.53
C ALA C 197 -14.63 -43.22 -10.00
N GLU C 198 -15.36 -42.24 -10.53
CA GLU C 198 -15.62 -42.20 -11.96
C GLU C 198 -14.42 -41.65 -12.72
N ARG C 199 -13.47 -41.01 -12.02
CA ARG C 199 -12.23 -40.60 -12.67
C ARG C 199 -11.38 -41.81 -13.02
N TYR C 200 -11.46 -42.86 -12.22
CA TYR C 200 -10.71 -44.08 -12.46
C TYR C 200 -11.57 -45.23 -12.95
N GLY C 201 -12.83 -44.95 -13.30
CA GLY C 201 -13.68 -45.93 -13.95
C GLY C 201 -14.53 -46.79 -13.03
N LEU C 202 -14.05 -47.08 -11.81
CA LEU C 202 -14.68 -48.07 -10.96
C LEU C 202 -16.00 -47.57 -10.38
N SER C 203 -16.82 -48.53 -9.95
CA SER C 203 -18.18 -48.27 -9.50
C SER C 203 -18.20 -47.51 -8.19
N GLY C 204 -19.37 -46.95 -7.85
CA GLY C 204 -19.47 -46.12 -6.66
C GLY C 204 -19.91 -46.86 -5.41
N SER C 205 -20.73 -47.89 -5.55
CA SER C 205 -21.35 -48.55 -4.40
C SER C 205 -20.32 -49.30 -3.57
N ASP C 206 -19.44 -50.06 -4.23
CA ASP C 206 -18.37 -50.76 -3.53
C ASP C 206 -17.40 -49.82 -2.85
N VAL C 207 -17.14 -48.66 -3.46
CA VAL C 207 -16.39 -47.61 -2.81
C VAL C 207 -17.15 -47.06 -1.62
N LEU C 208 -18.48 -47.02 -1.72
CA LEU C 208 -19.25 -46.51 -0.59
C LEU C 208 -19.34 -47.54 0.53
N ASP C 209 -19.25 -48.83 0.22
CA ASP C 209 -19.12 -49.86 1.25
C ASP C 209 -17.81 -49.69 2.01
N ASN C 210 -16.81 -49.15 1.35
CA ASN C 210 -15.54 -48.72 1.91
C ASN C 210 -15.74 -47.36 2.58
N VAL C 211 -14.70 -46.53 2.55
CA VAL C 211 -14.17 -45.62 3.57
C VAL C 211 -15.16 -44.94 4.52
N ALA C 212 -14.79 -44.87 5.78
CA ALA C 212 -15.73 -44.55 6.83
C ALA C 212 -15.37 -43.23 7.50
N TYR C 213 -16.30 -42.74 8.34
CA TYR C 213 -16.28 -41.37 8.80
C TYR C 213 -16.44 -41.29 10.31
N ALA C 214 -15.77 -40.30 10.92
CA ALA C 214 -16.10 -39.85 12.26
C ALA C 214 -15.82 -38.36 12.39
N ARG C 215 -16.49 -37.72 13.33
CA ARG C 215 -16.40 -36.28 13.54
C ARG C 215 -16.19 -36.00 15.02
N GLY C 216 -14.95 -35.70 15.38
CA GLY C 216 -14.61 -35.45 16.77
C GLY C 216 -15.01 -34.07 17.24
N PHE C 217 -15.82 -34.01 18.27
CA PHE C 217 -16.25 -32.72 18.77
C PHE C 217 -15.30 -32.15 19.81
N ASN C 218 -14.51 -32.99 20.46
CA ASN C 218 -13.60 -32.52 21.50
C ASN C 218 -12.20 -32.98 21.18
N THR C 219 -11.24 -32.36 21.86
CA THR C 219 -9.86 -32.78 21.76
C THR C 219 -9.69 -34.22 22.21
N ASP C 220 -10.25 -34.54 23.38
CA ASP C 220 -10.24 -35.91 23.86
C ASP C 220 -11.11 -36.83 23.03
N HIS C 221 -12.10 -36.28 22.33
CA HIS C 221 -12.98 -37.10 21.50
C HIS C 221 -12.25 -37.65 20.29
N GLN C 222 -11.12 -37.05 19.92
CA GLN C 222 -10.24 -37.65 18.95
C GLN C 222 -9.68 -38.98 19.47
N THR C 223 -9.15 -38.96 20.70
CA THR C 223 -8.57 -40.17 21.27
C THR C 223 -9.64 -41.15 21.72
N GLN C 224 -10.86 -40.66 21.91
CA GLN C 224 -12.00 -41.57 22.07
C GLN C 224 -12.22 -42.36 20.80
N LEU C 225 -12.18 -41.69 19.65
CA LEU C 225 -12.45 -42.37 18.39
C LEU C 225 -11.18 -42.95 17.81
N LEU C 226 -10.03 -42.68 18.42
CA LEU C 226 -8.78 -43.29 17.95
C LEU C 226 -8.74 -44.78 18.21
N TYR C 227 -9.39 -45.24 19.27
CA TYR C 227 -9.31 -46.66 19.56
C TYR C 227 -9.99 -47.41 18.42
N GLN C 228 -10.93 -46.74 17.75
CA GLN C 228 -11.62 -47.36 16.63
C GLN C 228 -10.61 -47.92 15.66
N ALA C 229 -9.56 -47.15 15.36
CA ALA C 229 -8.54 -47.58 14.43
C ALA C 229 -8.17 -49.05 14.62
N GLU C 230 -7.40 -49.34 15.66
CA GLU C 230 -6.96 -50.71 15.90
C GLU C 230 -8.14 -51.66 15.83
N ASP C 231 -9.21 -51.34 16.57
CA ASP C 231 -10.39 -52.18 16.56
C ASP C 231 -10.72 -52.65 15.15
N MET C 232 -11.07 -51.71 14.28
CA MET C 232 -11.38 -52.06 12.90
C MET C 232 -10.17 -52.62 12.21
N MET C 233 -9.00 -52.03 12.47
CA MET C 233 -7.78 -52.48 11.81
C MET C 233 -7.63 -53.98 11.82
N VAL C 234 -7.76 -54.61 12.98
CA VAL C 234 -7.51 -56.04 13.01
C VAL C 234 -8.61 -56.82 12.31
N GLU C 235 -9.78 -56.21 12.09
CA GLU C 235 -10.87 -56.94 11.45
C GLU C 235 -10.75 -56.89 9.93
N SER C 236 -10.07 -55.86 9.41
CA SER C 236 -9.87 -55.70 7.97
C SER C 236 -8.69 -54.77 7.77
N ARG C 237 -7.85 -55.07 6.79
CA ARG C 237 -6.66 -54.27 6.58
C ARG C 237 -7.01 -52.93 5.95
N TYR C 238 -6.53 -51.86 6.58
CA TYR C 238 -6.79 -50.51 6.11
C TYR C 238 -5.57 -49.95 5.43
N ALA C 239 -5.78 -49.26 4.32
CA ALA C 239 -4.68 -48.63 3.63
C ALA C 239 -4.36 -47.24 4.17
N LEU C 240 -5.35 -46.53 4.72
CA LEU C 240 -5.15 -45.12 4.98
C LEU C 240 -5.98 -44.65 6.18
N LEU C 241 -5.46 -43.63 6.86
CA LEU C 241 -6.13 -42.89 7.91
C LEU C 241 -6.08 -41.42 7.55
N ILE C 242 -7.20 -40.72 7.69
CA ILE C 242 -7.24 -39.28 7.44
C ILE C 242 -7.80 -38.61 8.67
N VAL C 243 -7.02 -37.73 9.27
CA VAL C 243 -7.55 -36.77 10.23
C VAL C 243 -7.35 -35.41 9.57
N ASP C 244 -8.45 -34.82 9.10
CA ASP C 244 -8.40 -33.62 8.27
C ASP C 244 -8.44 -32.36 9.13
N SER C 245 -8.57 -32.49 10.44
CA SER C 245 -8.40 -31.33 11.31
C SER C 245 -7.68 -31.84 12.56
N ALA C 246 -6.36 -31.83 12.50
CA ALA C 246 -5.58 -32.27 13.65
C ALA C 246 -5.61 -31.25 14.77
N THR C 247 -5.18 -30.03 14.47
CA THR C 247 -5.01 -29.02 15.49
C THR C 247 -6.07 -27.93 15.44
N ALA C 248 -7.15 -28.14 14.69
CA ALA C 248 -8.24 -27.17 14.66
C ALA C 248 -8.99 -27.16 15.98
N LEU C 249 -9.19 -28.34 16.57
CA LEU C 249 -9.79 -28.41 17.90
C LEU C 249 -8.82 -27.88 18.94
N TYR C 250 -7.53 -28.09 18.73
CA TYR C 250 -6.53 -27.60 19.67
C TYR C 250 -6.38 -26.10 19.55
N ARG C 251 -6.71 -25.54 18.39
CA ARG C 251 -6.76 -24.09 18.20
C ARG C 251 -7.84 -23.44 19.04
N THR C 252 -8.88 -24.18 19.42
CA THR C 252 -9.97 -23.64 20.20
C THR C 252 -9.96 -24.09 21.66
N ASP C 253 -9.03 -24.98 22.05
CA ASP C 253 -8.89 -25.38 23.45
C ASP C 253 -7.42 -25.27 23.84
N TYR C 254 -7.02 -24.07 24.22
CA TYR C 254 -5.64 -23.80 24.62
C TYR C 254 -5.43 -24.25 26.07
N SER C 255 -4.27 -23.94 26.66
CA SER C 255 -4.09 -24.39 28.03
C SER C 255 -4.74 -23.42 29.01
N GLY C 256 -4.06 -22.31 29.29
CA GLY C 256 -4.71 -21.08 29.65
C GLY C 256 -4.06 -19.89 28.98
N ARG C 257 -2.73 -20.01 28.81
CA ARG C 257 -1.88 -18.92 28.35
C ARG C 257 -0.86 -19.41 27.33
N GLY C 258 -0.91 -20.70 26.98
CA GLY C 258 -0.02 -21.27 25.98
C GLY C 258 0.68 -22.53 26.46
N GLU C 259 0.41 -22.92 27.69
CA GLU C 259 1.22 -23.90 28.41
C GLU C 259 1.00 -25.32 27.92
N LEU C 260 1.74 -26.25 28.54
CA LEU C 260 1.83 -27.64 28.11
C LEU C 260 0.49 -28.35 28.16
N SER C 261 -0.40 -27.95 29.08
CA SER C 261 -1.73 -28.53 29.21
C SER C 261 -2.56 -28.30 27.95
N ALA C 262 -3.80 -28.81 27.94
CA ALA C 262 -4.40 -29.54 26.80
C ALA C 262 -3.91 -29.18 25.40
N ARG C 263 -3.63 -27.90 25.17
CA ARG C 263 -2.98 -27.40 23.95
C ARG C 263 -1.71 -28.15 23.55
N GLN C 264 -0.83 -28.54 24.48
CA GLN C 264 0.40 -29.14 23.99
C GLN C 264 0.60 -30.59 24.42
N MET C 265 0.33 -30.93 25.68
CA MET C 265 0.58 -32.29 26.14
C MET C 265 -0.40 -33.25 25.48
N HIS C 266 -1.68 -32.90 25.50
CA HIS C 266 -2.69 -33.75 24.87
C HIS C 266 -2.50 -33.79 23.37
N LEU C 267 -1.89 -32.74 22.80
CA LEU C 267 -1.46 -32.80 21.42
C LEU C 267 -0.35 -33.83 21.23
N ALA C 268 0.59 -33.90 22.17
CA ALA C 268 1.66 -34.88 22.06
C ALA C 268 1.16 -36.28 22.40
N ARG C 269 0.15 -36.37 23.27
CA ARG C 269 -0.53 -37.65 23.50
C ARG C 269 -1.17 -38.15 22.22
N PHE C 270 -1.70 -37.21 21.44
CA PHE C 270 -2.37 -37.54 20.18
C PHE C 270 -1.37 -38.06 19.16
N LEU C 271 -0.22 -37.39 19.05
CA LEU C 271 0.66 -37.64 17.93
C LEU C 271 1.45 -38.93 18.09
N ARG C 272 1.75 -39.32 19.33
CA ARG C 272 2.44 -40.58 19.54
C ARG C 272 1.53 -41.76 19.17
N MET C 273 0.22 -41.59 19.34
CA MET C 273 -0.69 -42.61 18.85
C MET C 273 -0.74 -42.61 17.34
N LEU C 274 -0.63 -41.42 16.74
CA LEU C 274 -0.45 -41.36 15.30
C LEU C 274 0.90 -41.91 14.89
N LEU C 275 1.91 -41.76 15.74
CA LEU C 275 3.15 -42.49 15.54
C LEU C 275 2.93 -43.99 15.73
N ARG C 276 2.11 -44.36 16.71
CA ARG C 276 1.88 -45.76 17.05
C ARG C 276 1.22 -46.51 15.91
N LEU C 277 0.20 -45.91 15.29
CA LEU C 277 -0.47 -46.55 14.17
C LEU C 277 0.43 -46.63 12.95
N ALA C 278 1.39 -45.71 12.83
CA ALA C 278 2.38 -45.82 11.77
C ALA C 278 3.35 -46.96 12.03
N ASP C 279 3.58 -47.28 13.30
CA ASP C 279 4.49 -48.38 13.60
C ASP C 279 3.76 -49.69 13.87
N GLU C 280 2.44 -49.64 14.14
CA GLU C 280 1.70 -50.87 14.37
C GLU C 280 1.51 -51.64 13.08
N PHE C 281 0.93 -51.00 12.07
CA PHE C 281 0.56 -51.69 10.85
C PHE C 281 1.31 -51.18 9.63
N GLY C 282 2.00 -50.04 9.75
CA GLY C 282 2.52 -49.39 8.58
C GLY C 282 1.48 -48.76 7.71
N VAL C 283 0.30 -48.47 8.28
CA VAL C 283 -0.79 -47.87 7.51
C VAL C 283 -0.43 -46.41 7.23
N ALA C 284 -0.71 -45.97 6.00
CA ALA C 284 -0.48 -44.59 5.64
C ALA C 284 -1.45 -43.69 6.39
N VAL C 285 -0.99 -42.50 6.74
CA VAL C 285 -1.84 -41.52 7.39
C VAL C 285 -1.45 -40.12 6.95
N VAL C 286 -2.45 -39.31 6.65
CA VAL C 286 -2.26 -37.92 6.29
C VAL C 286 -2.82 -37.07 7.41
N ILE C 287 -2.13 -35.98 7.71
CA ILE C 287 -2.51 -35.12 8.82
C ILE C 287 -2.64 -33.70 8.30
N THR C 288 -3.47 -32.90 8.96
CA THR C 288 -3.83 -31.59 8.44
C THR C 288 -3.81 -30.56 9.53
N ASN C 289 -2.93 -29.58 9.39
CA ASN C 289 -2.75 -28.50 10.36
C ASN C 289 -3.17 -27.19 9.74
N GLN C 290 -3.85 -26.36 10.53
CA GLN C 290 -4.23 -25.03 10.08
C GLN C 290 -3.03 -24.10 10.12
N VAL C 291 -3.25 -22.86 9.73
CA VAL C 291 -2.15 -21.95 9.53
C VAL C 291 -2.45 -20.62 10.21
N VAL C 292 -1.42 -20.02 10.80
CA VAL C 292 -1.53 -18.74 11.48
C VAL C 292 -0.78 -17.73 10.61
N ALA C 293 -0.91 -16.45 10.97
CA ALA C 293 -0.06 -15.42 10.39
C ALA C 293 0.98 -14.96 11.40
N GLN C 294 1.82 -14.02 10.96
CA GLN C 294 2.88 -13.46 11.80
C GLN C 294 2.69 -11.95 11.84
N VAL C 295 2.71 -11.40 13.04
CA VAL C 295 2.32 -10.02 13.28
C VAL C 295 3.57 -9.26 13.68
N ASP C 296 4.70 -9.97 13.72
CA ASP C 296 5.95 -9.41 14.21
C ASP C 296 6.83 -8.96 13.06
N GLY C 297 6.65 -9.61 11.92
CA GLY C 297 7.45 -9.36 10.73
C GLY C 297 6.99 -8.19 9.90
N ALA C 298 7.40 -6.98 10.28
CA ALA C 298 7.17 -5.76 9.50
C ALA C 298 7.89 -5.89 8.14
N ALA C 299 7.64 -4.95 7.22
CA ALA C 299 7.79 -5.20 5.78
C ALA C 299 9.26 -5.33 5.35
N MET C 300 9.86 -6.42 5.81
CA MET C 300 11.13 -6.96 5.34
C MET C 300 10.87 -7.93 4.22
N PHE C 301 11.85 -8.81 3.97
CA PHE C 301 12.03 -9.69 2.81
C PHE C 301 10.76 -10.30 2.22
N ALA C 302 9.93 -10.88 3.06
CA ALA C 302 8.58 -11.28 2.66
C ALA C 302 7.59 -10.67 3.64
N ALA C 303 6.64 -9.89 3.12
CA ALA C 303 5.71 -9.20 4.00
C ALA C 303 4.59 -10.09 4.52
N ASP C 304 4.41 -11.30 3.98
CA ASP C 304 3.37 -12.21 4.42
C ASP C 304 3.90 -13.61 4.71
N PRO C 305 4.57 -13.82 5.84
CA PRO C 305 4.93 -15.17 6.25
C PRO C 305 3.91 -15.77 7.21
N LYS C 306 3.91 -17.10 7.30
CA LYS C 306 2.81 -17.80 7.92
C LYS C 306 3.17 -18.55 9.21
N LYS C 307 4.15 -19.49 9.15
CA LYS C 307 4.56 -20.34 10.29
C LYS C 307 3.42 -21.10 10.94
N PRO C 308 2.95 -22.21 10.35
CA PRO C 308 1.73 -22.87 10.82
C PRO C 308 1.80 -23.36 12.26
N ILE C 309 0.61 -23.55 12.85
CA ILE C 309 0.46 -23.67 14.30
C ILE C 309 0.96 -25.00 14.81
N GLY C 310 1.05 -25.12 16.13
CA GLY C 310 1.42 -26.34 16.80
C GLY C 310 2.79 -26.29 17.42
N GLY C 311 3.65 -25.38 17.00
CA GLY C 311 4.95 -25.26 17.62
C GLY C 311 5.89 -26.38 17.22
N ASN C 312 6.72 -26.79 18.17
CA ASN C 312 7.73 -27.78 17.88
C ASN C 312 7.28 -29.21 18.12
N ILE C 313 6.16 -29.40 18.83
CA ILE C 313 5.69 -30.75 19.14
C ILE C 313 5.16 -31.42 17.88
N ILE C 314 4.45 -30.67 17.04
CA ILE C 314 4.04 -31.19 15.74
C ILE C 314 5.26 -31.36 14.84
N ALA C 315 6.27 -30.50 15.02
CA ALA C 315 7.35 -30.40 14.06
C ALA C 315 8.29 -31.61 14.14
N HIS C 316 8.49 -32.15 15.34
CA HIS C 316 9.38 -33.29 15.46
C HIS C 316 8.65 -34.60 15.24
N ALA C 317 7.33 -34.59 15.44
CA ALA C 317 6.50 -35.67 14.93
C ALA C 317 6.32 -35.59 13.42
N SER C 318 6.61 -34.44 12.82
CA SER C 318 6.44 -34.26 11.39
C SER C 318 7.57 -34.94 10.63
N THR C 319 7.21 -35.87 9.76
CA THR C 319 8.20 -36.50 8.90
C THR C 319 8.34 -35.76 7.57
N THR C 320 7.24 -35.29 7.01
CA THR C 320 7.26 -34.49 5.80
C THR C 320 6.02 -33.61 5.76
N ARG C 321 6.12 -32.48 5.07
CA ARG C 321 5.02 -31.55 4.94
C ARG C 321 4.94 -31.06 3.51
N LEU C 322 3.77 -30.57 3.12
CA LEU C 322 3.63 -30.00 1.80
C LEU C 322 2.71 -28.80 1.88
N TYR C 323 3.28 -27.64 1.55
CA TYR C 323 2.68 -26.34 1.79
C TYR C 323 1.76 -25.98 0.64
N LEU C 324 0.58 -25.49 0.97
CA LEU C 324 -0.43 -25.21 -0.02
C LEU C 324 -0.57 -23.69 -0.18
N ARG C 325 -0.70 -23.24 -1.41
CA ARG C 325 -0.86 -21.83 -1.75
C ARG C 325 -1.51 -21.75 -3.12
N LYS C 326 -2.39 -20.79 -3.31
CA LYS C 326 -3.14 -20.75 -4.56
C LYS C 326 -2.33 -20.09 -5.66
N GLY C 327 -2.60 -20.52 -6.90
CA GLY C 327 -2.03 -19.90 -8.07
C GLY C 327 -3.04 -18.95 -8.70
N ARG C 328 -3.68 -19.38 -9.79
CA ARG C 328 -4.74 -18.60 -10.43
C ARG C 328 -5.91 -19.51 -10.74
N GLY C 329 -7.09 -19.12 -10.31
CA GLY C 329 -8.31 -19.84 -10.67
C GLY C 329 -8.37 -21.20 -10.00
N GLU C 330 -8.27 -22.24 -10.83
CA GLU C 330 -8.23 -23.61 -10.33
C GLU C 330 -6.82 -24.11 -10.07
N THR C 331 -5.81 -23.41 -10.57
CA THR C 331 -4.43 -23.79 -10.33
C THR C 331 -4.05 -23.46 -8.90
N ARG C 332 -3.58 -24.46 -8.17
CA ARG C 332 -2.97 -24.22 -6.88
C ARG C 332 -1.51 -24.64 -6.95
N ILE C 333 -0.81 -24.61 -5.84
CA ILE C 333 0.62 -24.88 -5.80
C ILE C 333 0.92 -25.70 -4.57
N CYS C 334 1.60 -26.83 -4.76
CA CYS C 334 2.15 -27.60 -3.67
C CYS C 334 3.65 -27.33 -3.58
N LYS C 335 4.11 -26.94 -2.40
CA LYS C 335 5.54 -26.79 -2.12
C LYS C 335 5.85 -27.70 -0.95
N ILE C 336 6.86 -28.56 -1.12
CA ILE C 336 7.17 -29.54 -0.10
C ILE C 336 7.95 -28.88 1.02
N TYR C 337 7.68 -29.29 2.26
CA TYR C 337 8.41 -28.82 3.42
C TYR C 337 8.96 -30.00 4.20
N ASP C 338 10.25 -29.94 4.51
CA ASP C 338 10.89 -30.74 5.57
C ASP C 338 10.83 -32.24 5.30
N SER C 339 11.38 -32.63 4.16
CA SER C 339 11.54 -34.05 3.82
C SER C 339 13.00 -34.43 3.99
N PRO C 340 13.31 -35.51 4.72
CA PRO C 340 14.69 -35.97 4.80
C PRO C 340 15.14 -36.73 3.58
N CYS C 341 14.21 -37.22 2.76
CA CYS C 341 14.55 -38.06 1.62
C CYS C 341 14.33 -37.40 0.27
N LEU C 342 13.59 -36.30 0.23
CA LEU C 342 13.25 -35.62 -1.02
C LEU C 342 13.72 -34.18 -0.94
N PRO C 343 14.11 -33.59 -2.06
CA PRO C 343 14.54 -32.17 -2.05
C PRO C 343 13.36 -31.24 -1.86
N GLU C 344 13.68 -29.97 -1.58
CA GLU C 344 12.66 -28.95 -1.39
C GLU C 344 12.33 -28.31 -2.73
N ALA C 345 11.61 -29.08 -3.55
CA ALA C 345 11.18 -28.67 -4.87
C ALA C 345 9.73 -28.18 -4.80
N GLU C 346 9.13 -27.97 -5.96
CA GLU C 346 7.80 -27.39 -6.02
C GLU C 346 7.10 -27.94 -7.26
N ALA C 347 5.79 -28.12 -7.15
CA ALA C 347 5.00 -28.69 -8.22
C ALA C 347 3.74 -27.84 -8.37
N MET C 348 2.78 -28.36 -9.12
CA MET C 348 1.58 -27.60 -9.45
C MET C 348 0.48 -28.56 -9.84
N PHE C 349 -0.65 -28.47 -9.16
CA PHE C 349 -1.82 -29.27 -9.49
C PHE C 349 -3.00 -28.35 -9.67
N ALA C 350 -4.15 -28.93 -10.00
CA ALA C 350 -5.37 -28.16 -10.20
C ALA C 350 -6.57 -28.93 -9.72
N ILE C 351 -7.43 -28.27 -8.95
CA ILE C 351 -8.65 -28.88 -8.44
C ILE C 351 -9.67 -28.85 -9.56
N ASN C 352 -9.71 -29.92 -10.35
CA ASN C 352 -10.69 -30.01 -11.40
C ASN C 352 -11.93 -30.74 -10.86
N ALA C 353 -12.93 -30.87 -11.71
CA ALA C 353 -14.20 -31.45 -11.28
C ALA C 353 -14.05 -32.94 -10.99
N ASP C 354 -13.11 -33.60 -11.65
CA ASP C 354 -12.88 -35.02 -11.40
C ASP C 354 -11.97 -35.23 -10.20
N GLY C 355 -11.33 -34.15 -9.73
CA GLY C 355 -10.39 -34.24 -8.63
C GLY C 355 -9.18 -33.38 -8.89
N VAL C 356 -8.02 -33.80 -8.40
CA VAL C 356 -6.80 -33.08 -8.71
C VAL C 356 -6.36 -33.44 -10.14
N GLY C 357 -5.74 -32.48 -10.81
CA GLY C 357 -5.35 -32.69 -12.19
C GLY C 357 -4.12 -31.91 -12.61
N ASP C 358 -4.19 -31.24 -13.76
CA ASP C 358 -3.14 -30.35 -14.23
C ASP C 358 -3.72 -29.25 -15.10
N PRO D 44 38.18 -51.73 23.35
CA PRO D 44 37.20 -52.81 23.50
C PRO D 44 37.76 -53.99 24.27
N GLN D 45 37.35 -54.12 25.54
CA GLN D 45 37.88 -55.15 26.42
C GLN D 45 36.76 -55.88 27.14
N PRO D 46 36.59 -57.19 26.94
CA PRO D 46 35.56 -57.94 27.67
C PRO D 46 35.99 -58.21 29.11
N ILE D 47 35.16 -58.98 29.82
CA ILE D 47 35.43 -59.27 31.22
C ILE D 47 36.05 -60.66 31.37
N SER D 48 36.70 -61.15 30.31
CA SER D 48 37.46 -62.39 30.43
C SER D 48 38.77 -62.18 31.18
N ARG D 49 39.18 -60.92 31.38
CA ARG D 49 40.32 -60.64 32.24
C ARG D 49 39.95 -60.86 33.72
N LEU D 50 38.68 -60.63 34.07
CA LEU D 50 38.24 -60.66 35.47
C LEU D 50 38.02 -62.07 36.02
N GLU D 51 38.55 -63.11 35.37
CA GLU D 51 38.47 -64.47 35.91
C GLU D 51 39.81 -64.83 36.57
N GLN D 52 39.99 -64.34 37.80
CA GLN D 52 41.11 -64.75 38.65
C GLN D 52 40.71 -64.56 40.10
N CYS D 53 41.64 -64.96 41.00
CA CYS D 53 41.54 -64.80 42.45
C CYS D 53 40.31 -65.53 43.01
N GLY D 54 40.31 -66.86 42.91
CA GLY D 54 39.32 -67.70 43.54
C GLY D 54 37.90 -67.62 42.99
N ILE D 55 37.68 -66.93 41.87
CA ILE D 55 36.33 -66.73 41.38
C ILE D 55 35.90 -67.96 40.59
N ASN D 56 34.59 -68.25 40.61
CA ASN D 56 34.07 -69.42 39.92
C ASN D 56 33.53 -69.03 38.55
N ALA D 57 33.12 -70.05 37.78
CA ALA D 57 32.57 -69.81 36.46
C ALA D 57 31.09 -69.41 36.50
N ASN D 58 30.41 -69.62 37.63
CA ASN D 58 29.01 -69.26 37.72
C ASN D 58 28.87 -67.75 37.94
N ASP D 59 29.71 -67.18 38.81
CA ASP D 59 29.56 -65.77 39.17
C ASP D 59 30.04 -64.84 38.07
N VAL D 60 30.88 -65.34 37.15
CA VAL D 60 31.39 -64.48 36.07
C VAL D 60 30.30 -64.24 35.03
N LYS D 61 29.28 -65.10 35.00
CA LYS D 61 28.13 -64.84 34.14
C LYS D 61 27.10 -63.96 34.84
N LYS D 62 27.19 -63.82 36.17
CA LYS D 62 26.25 -62.96 36.88
C LYS D 62 26.66 -61.48 36.79
N LEU D 63 27.83 -61.20 36.22
CA LEU D 63 28.15 -59.83 35.85
C LEU D 63 27.71 -59.52 34.42
N GLU D 64 27.64 -60.56 33.58
CA GLU D 64 27.15 -60.40 32.22
C GLU D 64 25.64 -60.14 32.20
N GLU D 65 24.88 -60.89 32.99
CA GLU D 65 23.44 -60.73 33.01
C GLU D 65 22.99 -59.52 33.81
N ALA D 66 23.88 -58.90 34.57
CA ALA D 66 23.57 -57.66 35.28
C ALA D 66 23.71 -56.43 34.41
N GLY D 67 24.30 -56.55 33.21
CA GLY D 67 24.52 -55.44 32.32
C GLY D 67 25.94 -54.92 32.31
N TYR D 68 26.78 -55.38 33.24
CA TYR D 68 28.16 -54.92 33.35
C TYR D 68 29.03 -55.79 32.44
N HIS D 69 29.18 -55.37 31.18
CA HIS D 69 29.84 -56.20 30.17
C HIS D 69 31.29 -55.82 29.94
N THR D 70 31.76 -54.73 30.55
CA THR D 70 33.13 -54.27 30.37
C THR D 70 33.83 -54.18 31.71
N VAL D 71 35.16 -54.13 31.67
CA VAL D 71 35.94 -54.02 32.91
C VAL D 71 35.97 -52.57 33.39
N GLU D 72 35.66 -51.63 32.49
CA GLU D 72 35.49 -50.24 32.89
C GLU D 72 34.16 -50.05 33.63
N ALA D 73 33.22 -50.98 33.45
CA ALA D 73 31.93 -50.87 34.13
C ALA D 73 32.04 -51.22 35.62
N VAL D 74 33.10 -51.94 36.00
CA VAL D 74 33.17 -52.49 37.35
C VAL D 74 33.82 -51.49 38.31
N ALA D 75 34.94 -50.90 37.92
CA ALA D 75 35.72 -50.08 38.85
C ALA D 75 35.08 -48.70 39.07
N TYR D 76 34.65 -48.04 37.99
CA TYR D 76 34.20 -46.66 38.05
C TYR D 76 32.71 -46.50 38.34
N ALA D 77 32.03 -47.58 38.68
CA ALA D 77 30.62 -47.48 39.05
C ALA D 77 30.50 -47.15 40.54
N PRO D 78 29.45 -46.44 40.94
CA PRO D 78 29.19 -46.28 42.38
C PRO D 78 28.80 -47.61 43.03
N LYS D 79 29.08 -47.73 44.32
CA LYS D 79 28.97 -49.03 44.98
C LYS D 79 27.51 -49.37 45.33
N LYS D 80 26.63 -48.36 45.32
CA LYS D 80 25.27 -48.58 45.81
C LYS D 80 24.43 -49.34 44.79
N GLU D 81 24.87 -49.40 43.53
CA GLU D 81 24.11 -50.14 42.53
C GLU D 81 24.61 -51.57 42.39
N LEU D 82 25.82 -51.85 42.88
CA LEU D 82 26.44 -53.15 42.63
C LEU D 82 26.09 -54.19 43.68
N ILE D 83 25.61 -53.76 44.86
CA ILE D 83 25.48 -54.68 45.98
C ILE D 83 24.10 -55.29 46.12
N ASN D 84 23.07 -54.72 45.47
CA ASN D 84 21.72 -55.18 45.71
C ASN D 84 21.29 -56.31 44.77
N ILE D 85 22.21 -56.94 44.05
CA ILE D 85 21.87 -58.07 43.21
C ILE D 85 21.76 -59.32 44.08
N LYS D 86 20.69 -60.10 43.87
CA LYS D 86 20.48 -61.33 44.61
C LYS D 86 21.46 -62.40 44.15
N GLY D 87 22.31 -62.85 45.07
CA GLY D 87 23.22 -63.95 44.79
C GLY D 87 24.69 -63.59 44.70
N ILE D 88 25.09 -62.40 45.11
CA ILE D 88 26.51 -62.03 45.29
C ILE D 88 26.68 -61.47 46.70
N SER D 89 27.51 -62.13 47.49
CA SER D 89 27.66 -61.78 48.90
C SER D 89 28.62 -60.60 49.05
N GLU D 90 28.69 -60.07 50.28
CA GLU D 90 29.40 -58.83 50.54
C GLU D 90 30.91 -59.00 50.42
N ALA D 91 31.43 -60.15 50.87
CA ALA D 91 32.87 -60.36 50.84
C ALA D 91 33.38 -60.58 49.41
N LYS D 92 32.58 -61.26 48.58
CA LYS D 92 32.97 -61.45 47.20
C LYS D 92 32.65 -60.21 46.36
N ALA D 93 31.73 -59.36 46.85
CA ALA D 93 31.53 -58.07 46.19
C ALA D 93 32.70 -57.13 46.43
N ASP D 94 33.36 -57.28 47.57
CA ASP D 94 34.59 -56.50 47.82
C ASP D 94 35.78 -57.13 47.11
N LYS D 95 35.60 -58.35 46.57
CA LYS D 95 36.67 -58.98 45.81
C LYS D 95 36.70 -58.49 44.36
N ILE D 96 35.54 -58.11 43.82
CA ILE D 96 35.48 -57.70 42.42
C ILE D 96 35.86 -56.23 42.27
N LEU D 97 35.82 -55.48 43.36
CA LEU D 97 36.21 -54.07 43.29
C LEU D 97 37.72 -53.90 43.50
N THR D 98 38.36 -54.83 44.22
CA THR D 98 39.80 -54.67 44.49
C THR D 98 40.65 -55.18 43.33
N GLU D 99 40.11 -56.07 42.50
CA GLU D 99 40.84 -56.48 41.31
C GLU D 99 40.59 -55.51 40.17
N ALA D 100 39.51 -54.73 40.25
CA ALA D 100 39.25 -53.72 39.23
C ALA D 100 39.99 -52.43 39.51
N ALA D 101 40.51 -52.28 40.74
CA ALA D 101 41.19 -51.05 41.12
C ALA D 101 42.59 -50.98 40.54
N LYS D 102 43.28 -52.11 40.46
CA LYS D 102 44.69 -52.09 40.10
C LYS D 102 44.91 -52.08 38.58
N LEU D 103 43.97 -52.65 37.82
CA LEU D 103 44.08 -52.61 36.36
C LEU D 103 43.88 -51.20 35.83
N VAL D 104 42.70 -50.63 36.06
CA VAL D 104 42.39 -49.28 35.60
C VAL D 104 42.47 -48.37 36.83
N PRO D 105 43.33 -47.35 36.83
CA PRO D 105 43.61 -46.62 38.07
C PRO D 105 42.57 -45.53 38.35
N MET D 106 42.08 -45.52 39.58
CA MET D 106 41.21 -44.46 40.06
C MET D 106 41.93 -43.42 40.90
N GLY D 107 43.19 -43.67 41.25
CA GLY D 107 43.99 -42.75 42.04
C GLY D 107 44.40 -41.49 41.29
N PHE D 108 45.09 -40.60 41.97
CA PHE D 108 45.41 -39.30 41.38
C PHE D 108 46.54 -39.43 40.38
N THR D 109 46.25 -39.06 39.13
CA THR D 109 47.18 -39.17 38.02
C THR D 109 47.60 -37.75 37.65
N THR D 110 48.75 -37.62 37.00
CA THR D 110 49.31 -36.32 36.65
C THR D 110 48.42 -35.56 35.68
N ALA D 111 48.40 -34.23 35.85
CA ALA D 111 47.56 -33.38 35.02
C ALA D 111 48.08 -33.28 33.59
N THR D 112 49.38 -33.56 33.39
CA THR D 112 49.92 -33.63 32.03
C THR D 112 49.36 -34.82 31.29
N GLU D 113 49.03 -35.90 32.01
CA GLU D 113 48.37 -37.05 31.38
C GLU D 113 46.92 -36.72 31.03
N PHE D 114 46.30 -35.79 31.77
CA PHE D 114 44.96 -35.36 31.42
C PHE D 114 44.96 -34.49 30.18
N HIS D 115 46.00 -33.66 30.01
CA HIS D 115 46.13 -32.87 28.80
C HIS D 115 46.44 -33.75 27.60
N GLN D 116 47.15 -34.86 27.82
CA GLN D 116 47.30 -35.86 26.77
C GLN D 116 45.98 -36.59 26.54
N ARG D 117 45.16 -36.72 27.58
CA ARG D 117 43.83 -37.29 27.42
C ARG D 117 42.87 -36.31 26.75
N ARG D 118 43.26 -35.03 26.70
CA ARG D 118 42.45 -34.05 25.97
C ARG D 118 42.79 -34.06 24.49
N SER D 119 44.06 -34.30 24.14
CA SER D 119 44.50 -34.21 22.76
C SER D 119 44.46 -35.54 22.02
N GLU D 120 44.30 -36.67 22.72
CA GLU D 120 44.29 -37.99 22.09
C GLU D 120 42.94 -38.35 21.46
N ILE D 121 42.00 -37.39 21.39
CA ILE D 121 40.73 -37.61 20.73
C ILE D 121 40.94 -37.78 19.23
N ILE D 122 40.28 -38.79 18.66
CA ILE D 122 40.40 -39.09 17.24
C ILE D 122 39.81 -37.97 16.39
N GLN D 123 38.77 -37.31 16.89
CA GLN D 123 38.06 -36.20 16.23
C GLN D 123 37.52 -36.61 14.86
N ILE D 124 36.52 -37.50 14.92
CA ILE D 124 35.78 -37.89 13.73
C ILE D 124 35.07 -36.68 13.16
N THR D 125 35.52 -36.22 11.99
CA THR D 125 35.04 -34.96 11.43
C THR D 125 33.63 -35.13 10.88
N THR D 126 32.88 -34.03 10.88
CA THR D 126 31.52 -34.03 10.36
C THR D 126 31.44 -33.95 8.84
N GLY D 127 32.58 -33.90 8.14
CA GLY D 127 32.59 -33.64 6.72
C GLY D 127 32.57 -32.17 6.36
N SER D 128 32.17 -31.29 7.28
CA SER D 128 32.14 -29.86 7.07
C SER D 128 33.40 -29.26 7.69
N LYS D 129 34.21 -28.62 6.85
CA LYS D 129 35.49 -28.07 7.30
C LYS D 129 35.29 -26.81 8.14
N GLU D 130 34.12 -26.17 8.03
CA GLU D 130 33.83 -25.00 8.85
C GLU D 130 33.59 -25.42 10.30
N LEU D 131 32.90 -26.55 10.49
CA LEU D 131 32.69 -27.06 11.83
C LEU D 131 33.99 -27.60 12.41
N ASP D 132 34.88 -28.09 11.54
CA ASP D 132 36.21 -28.48 11.97
C ASP D 132 37.06 -27.26 12.30
N LYS D 133 36.65 -26.08 11.82
CA LYS D 133 37.23 -24.84 12.30
C LYS D 133 36.43 -24.29 13.47
N LEU D 134 35.19 -24.77 13.64
CA LEU D 134 34.38 -24.33 14.75
C LEU D 134 34.60 -25.21 15.98
N LEU D 135 34.44 -26.52 15.84
CA LEU D 135 34.76 -27.47 16.91
C LEU D 135 36.20 -27.94 16.87
N GLN D 136 37.09 -27.18 16.22
CA GLN D 136 38.55 -27.36 16.24
C GLN D 136 38.97 -28.73 15.71
N GLY D 137 38.28 -29.19 14.68
CA GLY D 137 38.64 -30.42 14.00
C GLY D 137 37.63 -31.55 14.06
N GLY D 138 36.35 -31.26 14.27
CA GLY D 138 35.34 -32.30 14.27
C GLY D 138 34.71 -32.51 15.63
N ILE D 139 33.92 -33.58 15.72
CA ILE D 139 33.21 -33.90 16.95
C ILE D 139 34.19 -34.54 17.93
N GLU D 140 33.81 -34.57 19.21
CA GLU D 140 34.67 -35.10 20.25
C GLU D 140 34.21 -36.51 20.63
N THR D 141 35.14 -37.46 20.63
CA THR D 141 34.82 -38.84 20.93
C THR D 141 34.85 -39.06 22.44
N GLY D 142 33.68 -39.28 23.03
CA GLY D 142 33.59 -39.52 24.46
C GLY D 142 33.12 -38.34 25.29
N SER D 143 32.87 -37.19 24.69
CA SER D 143 32.26 -36.05 25.36
C SER D 143 30.87 -35.83 24.81
N ILE D 144 29.99 -35.29 25.66
CA ILE D 144 28.62 -35.06 25.22
C ILE D 144 28.57 -33.89 24.26
N THR D 145 28.04 -34.13 23.07
CA THR D 145 27.95 -33.13 22.01
C THR D 145 26.50 -33.03 21.57
N GLU D 146 25.85 -31.92 21.89
CA GLU D 146 24.42 -31.75 21.67
C GLU D 146 24.15 -30.71 20.59
N MET D 147 23.21 -31.01 19.70
CA MET D 147 22.85 -30.17 18.58
C MET D 147 21.38 -29.78 18.70
N PHE D 148 21.10 -28.48 18.63
CA PHE D 148 19.73 -27.97 18.73
C PHE D 148 19.04 -28.22 17.40
N GLY D 149 17.71 -28.22 17.40
CA GLY D 149 16.96 -28.38 16.18
C GLY D 149 15.46 -28.37 16.37
N GLU D 150 14.72 -27.73 15.47
CA GLU D 150 13.26 -27.71 15.54
C GLU D 150 12.59 -28.31 14.31
N PHE D 151 13.01 -27.94 13.11
CA PHE D 151 12.43 -28.42 11.86
C PHE D 151 13.42 -28.09 10.75
N ARG D 152 13.64 -29.06 9.86
CA ARG D 152 14.32 -28.88 8.57
C ARG D 152 15.77 -28.40 8.71
N THR D 153 16.32 -28.35 9.92
CA THR D 153 17.65 -27.79 10.15
C THR D 153 18.77 -28.78 9.85
N GLY D 154 18.47 -29.90 9.20
CA GLY D 154 19.51 -30.82 8.79
C GLY D 154 19.81 -31.90 9.79
N LYS D 155 18.95 -32.10 10.79
CA LYS D 155 19.27 -33.01 11.90
C LYS D 155 19.29 -34.46 11.45
N THR D 156 18.37 -34.84 10.55
CA THR D 156 18.49 -36.16 9.97
C THR D 156 19.48 -36.16 8.82
N GLN D 157 19.93 -34.98 8.38
CA GLN D 157 20.91 -34.93 7.31
C GLN D 157 22.34 -34.95 7.87
N ILE D 158 22.53 -34.45 9.09
CA ILE D 158 23.88 -34.49 9.67
C ILE D 158 24.17 -35.89 10.21
N CYS D 159 23.13 -36.61 10.66
CA CYS D 159 23.38 -37.90 11.29
C CYS D 159 23.69 -38.97 10.26
N HIS D 160 23.24 -38.77 9.02
CA HIS D 160 23.40 -39.80 8.02
C HIS D 160 24.56 -39.46 7.08
N THR D 161 25.21 -38.32 7.30
CA THR D 161 26.51 -38.08 6.71
C THR D 161 27.62 -38.61 7.61
N LEU D 162 27.46 -38.47 8.93
CA LEU D 162 28.43 -39.05 9.87
C LEU D 162 28.36 -40.57 9.88
N ALA D 163 27.22 -41.14 9.49
CA ALA D 163 27.06 -42.58 9.58
C ALA D 163 27.84 -43.29 8.48
N VAL D 164 28.24 -42.58 7.44
CA VAL D 164 29.16 -43.16 6.46
C VAL D 164 30.59 -42.70 6.74
N THR D 165 30.76 -41.68 7.59
CA THR D 165 32.08 -41.17 7.94
C THR D 165 32.86 -42.13 8.85
N CYS D 166 32.17 -43.06 9.53
CA CYS D 166 32.87 -43.95 10.46
C CYS D 166 33.74 -44.98 9.75
N GLN D 167 33.57 -45.18 8.45
CA GLN D 167 34.42 -46.07 7.68
C GLN D 167 35.66 -45.40 7.12
N LEU D 168 35.75 -44.09 7.18
CA LEU D 168 36.83 -43.39 6.53
C LEU D 168 38.10 -43.45 7.38
N PRO D 169 39.27 -43.41 6.75
CA PRO D 169 40.53 -43.40 7.51
C PRO D 169 40.72 -42.08 8.26
N ILE D 170 41.77 -42.08 9.08
CA ILE D 170 41.96 -40.98 10.03
C ILE D 170 42.47 -39.73 9.33
N ASP D 171 43.02 -39.87 8.12
CA ASP D 171 43.44 -38.70 7.36
C ASP D 171 42.26 -37.94 6.79
N ARG D 172 41.21 -38.65 6.39
CA ARG D 172 39.96 -38.03 5.96
C ARG D 172 39.09 -37.64 7.15
N GLY D 173 39.52 -37.98 8.36
CA GLY D 173 38.84 -37.58 9.58
C GLY D 173 38.13 -38.68 10.32
N GLY D 174 37.53 -39.64 9.59
CA GLY D 174 36.77 -40.69 10.24
C GLY D 174 37.63 -41.66 11.02
N GLY D 175 36.98 -42.43 11.89
CA GLY D 175 37.69 -43.26 12.83
C GLY D 175 38.01 -44.67 12.39
N GLU D 176 37.59 -45.05 11.17
CA GLU D 176 37.75 -46.41 10.63
C GLU D 176 37.12 -47.45 11.55
N GLY D 177 35.79 -47.38 11.73
CA GLY D 177 35.11 -48.27 12.66
C GLY D 177 33.67 -48.50 12.28
N LYS D 178 33.08 -49.45 12.97
CA LYS D 178 31.65 -49.68 12.89
C LYS D 178 30.91 -48.64 13.74
N ALA D 179 29.61 -48.52 13.50
CA ALA D 179 28.75 -47.63 14.27
C ALA D 179 27.30 -48.13 14.20
N MET D 180 26.38 -47.30 14.71
CA MET D 180 24.98 -47.71 14.82
C MET D 180 24.12 -46.47 15.00
N TYR D 181 23.01 -46.41 14.25
CA TYR D 181 22.02 -45.34 14.39
C TYR D 181 20.71 -45.91 14.91
N ILE D 182 20.40 -45.63 16.16
CA ILE D 182 19.13 -46.02 16.76
C ILE D 182 18.15 -44.88 16.57
N ASP D 183 17.03 -45.16 15.91
CA ASP D 183 16.04 -44.15 15.58
C ASP D 183 14.78 -44.39 16.38
N THR D 184 14.10 -43.30 16.72
CA THR D 184 12.89 -43.33 17.52
C THR D 184 11.74 -42.53 16.92
N GLU D 185 11.94 -41.88 15.78
CA GLU D 185 10.88 -41.13 15.11
C GLU D 185 10.46 -41.76 13.79
N GLY D 186 10.98 -42.94 13.46
CA GLY D 186 10.64 -43.60 12.22
C GLY D 186 11.25 -42.96 10.99
N THR D 187 12.44 -42.41 11.12
CA THR D 187 13.10 -41.67 10.04
C THR D 187 14.50 -42.25 9.83
N PHE D 188 14.55 -43.56 9.59
CA PHE D 188 15.79 -44.19 9.13
C PHE D 188 15.77 -44.23 7.60
N ARG D 189 16.82 -43.69 6.98
CA ARG D 189 16.84 -43.50 5.54
C ARG D 189 17.94 -44.31 4.88
N PRO D 190 17.60 -45.30 4.05
CA PRO D 190 18.62 -45.94 3.23
C PRO D 190 19.11 -45.06 2.09
N GLU D 191 18.23 -44.26 1.46
CA GLU D 191 18.63 -43.45 0.32
C GLU D 191 19.62 -42.36 0.70
N ARG D 192 19.42 -41.73 1.86
CA ARG D 192 20.38 -40.75 2.34
C ARG D 192 21.69 -41.43 2.74
N LEU D 193 21.60 -42.65 3.28
CA LEU D 193 22.81 -43.38 3.65
C LEU D 193 23.60 -43.84 2.43
N LEU D 194 22.90 -44.20 1.35
CA LEU D 194 23.59 -44.73 0.18
C LEU D 194 24.14 -43.63 -0.71
N ALA D 195 23.52 -42.44 -0.69
CA ALA D 195 23.93 -41.40 -1.63
C ALA D 195 25.18 -40.67 -1.15
N VAL D 196 25.31 -40.46 0.16
CA VAL D 196 26.46 -39.70 0.64
C VAL D 196 27.71 -40.58 0.68
N ALA D 197 27.53 -41.89 0.58
CA ALA D 197 28.68 -42.77 0.38
C ALA D 197 29.30 -42.56 -1.00
N GLU D 198 28.48 -42.12 -1.98
CA GLU D 198 29.02 -41.78 -3.28
C GLU D 198 29.76 -40.45 -3.25
N ARG D 199 29.39 -39.57 -2.31
CA ARG D 199 30.14 -38.33 -2.11
C ARG D 199 31.54 -38.63 -1.57
N TYR D 200 31.65 -39.56 -0.64
CA TYR D 200 32.93 -40.02 -0.15
C TYR D 200 33.57 -41.06 -1.07
N GLY D 201 32.85 -41.54 -2.06
CA GLY D 201 33.41 -42.42 -3.05
C GLY D 201 33.62 -43.85 -2.63
N LEU D 202 33.01 -44.29 -1.52
CA LEU D 202 33.08 -45.69 -1.13
C LEU D 202 32.13 -46.54 -1.98
N SER D 203 32.12 -47.84 -1.71
CA SER D 203 31.20 -48.71 -2.41
C SER D 203 29.79 -48.60 -1.81
N GLY D 204 28.87 -49.38 -2.37
CA GLY D 204 27.53 -49.40 -1.83
C GLY D 204 27.32 -50.42 -0.74
N SER D 205 28.04 -51.54 -0.79
CA SER D 205 27.69 -52.68 0.04
C SER D 205 28.39 -52.65 1.39
N ASP D 206 29.48 -51.89 1.51
CA ASP D 206 30.19 -51.83 2.78
C ASP D 206 29.42 -51.03 3.82
N VAL D 207 28.79 -49.92 3.41
CA VAL D 207 28.02 -49.12 4.36
C VAL D 207 26.67 -49.76 4.64
N LEU D 208 26.23 -50.68 3.77
CA LEU D 208 25.07 -51.49 4.08
C LEU D 208 25.35 -52.43 5.25
N ASP D 209 26.60 -52.89 5.36
CA ASP D 209 26.98 -53.70 6.51
C ASP D 209 27.26 -52.82 7.73
N ASN D 210 27.38 -51.52 7.51
CA ASN D 210 27.46 -50.52 8.56
C ASN D 210 26.06 -50.18 9.06
N VAL D 211 25.92 -48.99 9.67
CA VAL D 211 25.19 -48.67 10.90
C VAL D 211 23.90 -49.45 11.11
N ALA D 212 23.78 -50.06 12.29
CA ALA D 212 22.61 -50.85 12.62
C ALA D 212 21.49 -49.93 13.09
N TYR D 213 20.27 -50.46 13.08
CA TYR D 213 19.09 -49.72 13.47
C TYR D 213 18.11 -50.62 14.21
N ALA D 214 17.58 -50.11 15.32
CA ALA D 214 16.40 -50.66 15.95
C ALA D 214 15.49 -49.52 16.35
N ARG D 215 14.19 -49.70 16.15
CA ARG D 215 13.20 -48.70 16.48
C ARG D 215 13.02 -48.69 17.99
N GLY D 216 13.40 -47.58 18.63
CA GLY D 216 13.18 -47.45 20.05
C GLY D 216 11.73 -47.11 20.30
N PHE D 217 10.98 -48.07 20.84
CA PHE D 217 9.55 -47.89 21.02
C PHE D 217 9.27 -46.96 22.20
N ASN D 218 9.96 -47.18 23.31
CA ASN D 218 9.58 -46.62 24.59
C ASN D 218 10.79 -46.07 25.31
N THR D 219 10.52 -45.34 26.39
CA THR D 219 11.59 -44.87 27.28
C THR D 219 12.24 -46.03 28.02
N ASP D 220 11.45 -47.04 28.38
CA ASP D 220 12.06 -48.24 28.95
C ASP D 220 12.70 -49.11 27.86
N HIS D 221 12.34 -48.85 26.59
CA HIS D 221 13.03 -49.52 25.49
C HIS D 221 14.36 -48.85 25.18
N GLN D 222 14.62 -47.67 25.74
CA GLN D 222 15.93 -47.07 25.63
C GLN D 222 16.96 -47.85 26.44
N THR D 223 16.49 -48.53 27.49
CA THR D 223 17.41 -49.28 28.35
C THR D 223 17.77 -50.63 27.74
N GLN D 224 16.81 -51.31 27.13
CA GLN D 224 17.04 -52.66 26.64
C GLN D 224 17.95 -52.66 25.41
N LEU D 225 17.94 -51.57 24.64
CA LEU D 225 18.94 -51.45 23.59
C LEU D 225 20.31 -51.14 24.18
N LEU D 226 20.34 -50.45 25.32
CA LEU D 226 21.60 -49.99 25.89
C LEU D 226 22.41 -51.14 26.48
N TYR D 227 21.74 -52.11 27.09
CA TYR D 227 22.44 -53.32 27.51
C TYR D 227 22.89 -54.12 26.30
N GLN D 228 22.12 -54.05 25.21
CA GLN D 228 22.50 -54.75 23.99
C GLN D 228 23.59 -54.01 23.23
N ALA D 229 23.58 -52.67 23.30
CA ALA D 229 24.57 -51.88 22.58
C ALA D 229 25.95 -52.03 23.19
N GLU D 230 26.01 -52.31 24.50
CA GLU D 230 27.29 -52.64 25.10
C GLU D 230 27.70 -54.06 24.77
N ASP D 231 26.73 -54.92 24.40
CA ASP D 231 27.05 -56.31 24.11
C ASP D 231 27.67 -56.46 22.72
N MET D 232 27.26 -55.61 21.78
CA MET D 232 27.95 -55.56 20.50
C MET D 232 29.32 -54.91 20.65
N MET D 233 29.50 -54.09 21.69
CA MET D 233 30.81 -53.50 21.97
C MET D 233 31.79 -54.56 22.45
N VAL D 234 31.28 -55.64 23.04
CA VAL D 234 32.11 -56.82 23.32
C VAL D 234 32.44 -57.54 22.02
N GLU D 235 31.51 -57.54 21.07
CA GLU D 235 31.69 -58.31 19.84
C GLU D 235 32.72 -57.66 18.91
N SER D 236 32.59 -56.35 18.69
CA SER D 236 33.53 -55.64 17.83
C SER D 236 33.60 -54.19 18.27
N ARG D 237 34.49 -53.44 17.60
CA ARG D 237 34.68 -52.04 17.93
C ARG D 237 33.59 -51.17 17.29
N TYR D 238 33.16 -50.17 18.02
CA TYR D 238 32.23 -49.17 17.51
C TYR D 238 32.80 -47.79 17.78
N ALA D 239 32.49 -46.85 16.90
CA ALA D 239 33.05 -45.50 16.98
C ALA D 239 32.01 -44.39 17.06
N LEU D 240 30.74 -44.65 16.76
CA LEU D 240 29.71 -43.62 16.79
C LEU D 240 28.38 -44.23 17.23
N LEU D 241 27.63 -43.47 18.02
CA LEU D 241 26.24 -43.79 18.36
C LEU D 241 25.40 -42.55 18.19
N ILE D 242 24.33 -42.66 17.42
CA ILE D 242 23.46 -41.54 17.08
C ILE D 242 22.03 -41.89 17.45
N VAL D 243 21.37 -41.02 18.22
CA VAL D 243 19.93 -41.03 18.36
C VAL D 243 19.44 -39.59 18.21
N ASP D 244 18.55 -39.36 17.24
CA ASP D 244 18.07 -38.01 16.93
C ASP D 244 16.85 -37.59 17.73
N SER D 245 16.14 -38.52 18.36
CA SER D 245 14.92 -38.20 19.08
C SER D 245 14.84 -38.98 20.39
N ALA D 246 15.96 -39.03 21.12
CA ALA D 246 15.96 -39.68 22.43
C ALA D 246 15.11 -38.91 23.42
N THR D 247 15.17 -37.58 23.39
CA THR D 247 14.37 -36.77 24.29
C THR D 247 12.92 -36.68 23.83
N ALA D 248 12.62 -37.10 22.58
CA ALA D 248 11.24 -37.08 22.11
C ALA D 248 10.42 -38.19 22.76
N LEU D 249 11.07 -39.29 23.12
CA LEU D 249 10.38 -40.32 23.89
C LEU D 249 10.03 -39.81 25.29
N TYR D 250 10.86 -38.89 25.82
CA TYR D 250 10.55 -38.27 27.09
C TYR D 250 9.39 -37.30 26.95
N ARG D 251 9.20 -36.76 25.77
CA ARG D 251 8.05 -35.91 25.51
C ARG D 251 6.77 -36.71 25.35
N THR D 252 6.86 -38.02 25.12
CA THR D 252 5.71 -38.83 24.76
C THR D 252 5.43 -39.98 25.73
N ASP D 253 6.11 -40.03 26.87
CA ASP D 253 5.75 -41.05 27.85
C ASP D 253 5.21 -40.48 29.15
N TYR D 254 5.66 -39.30 29.56
CA TYR D 254 5.38 -38.79 30.89
C TYR D 254 4.51 -37.55 30.80
N SER D 255 3.22 -37.71 31.11
CA SER D 255 2.24 -36.64 30.98
C SER D 255 2.37 -35.71 32.18
N GLY D 256 3.14 -34.63 31.99
CA GLY D 256 3.41 -33.71 33.10
C GLY D 256 2.20 -32.86 33.43
N ARG D 257 1.90 -32.77 34.73
CA ARG D 257 2.71 -33.32 35.82
C ARG D 257 1.91 -34.30 36.67
N GLY D 258 2.53 -34.73 37.77
CA GLY D 258 1.98 -35.79 38.59
C GLY D 258 2.98 -36.91 38.68
N GLU D 259 3.73 -37.10 37.58
CA GLU D 259 4.87 -37.99 37.58
C GLU D 259 6.16 -37.26 37.94
N LEU D 260 6.06 -35.95 38.18
CA LEU D 260 7.03 -34.90 37.86
C LEU D 260 8.51 -35.27 37.97
N SER D 261 8.87 -36.10 38.94
CA SER D 261 10.24 -36.60 39.01
C SER D 261 10.49 -37.77 38.06
N ALA D 262 9.46 -38.51 37.64
CA ALA D 262 9.67 -39.69 36.78
C ALA D 262 10.09 -39.26 35.37
N ARG D 263 9.69 -38.06 34.95
CA ARG D 263 10.23 -37.51 33.71
C ARG D 263 11.65 -37.01 33.92
N GLN D 264 12.03 -36.77 35.18
CA GLN D 264 13.35 -36.19 35.45
C GLN D 264 14.41 -37.26 35.66
N MET D 265 14.13 -38.27 36.50
CA MET D 265 15.19 -39.23 36.81
C MET D 265 15.45 -40.19 35.68
N HIS D 266 14.53 -40.29 34.70
CA HIS D 266 14.79 -41.15 33.56
C HIS D 266 15.72 -40.47 32.56
N LEU D 267 15.81 -39.13 32.61
CA LEU D 267 16.84 -38.43 31.86
C LEU D 267 18.21 -38.60 32.50
N ALA D 268 18.26 -38.52 33.84
CA ALA D 268 19.53 -38.72 34.54
C ALA D 268 19.96 -40.18 34.50
N ARG D 269 19.00 -41.10 34.34
CA ARG D 269 19.34 -42.49 34.13
C ARG D 269 20.03 -42.68 32.79
N PHE D 270 19.38 -42.20 31.71
CA PHE D 270 19.90 -42.37 30.35
C PHE D 270 21.22 -41.61 30.16
N LEU D 271 21.40 -40.52 30.89
CA LEU D 271 22.66 -39.81 30.83
C LEU D 271 23.66 -40.34 31.85
N ARG D 272 23.31 -41.41 32.57
CA ARG D 272 24.31 -42.15 33.32
C ARG D 272 24.82 -43.35 32.52
N MET D 273 24.00 -43.86 31.59
CA MET D 273 24.43 -45.02 30.83
C MET D 273 25.41 -44.65 29.72
N LEU D 274 25.13 -43.58 28.97
CA LEU D 274 25.90 -43.32 27.75
C LEU D 274 27.29 -42.79 28.07
N LEU D 275 27.44 -42.09 29.19
CA LEU D 275 28.76 -41.67 29.61
C LEU D 275 29.59 -42.84 30.12
N ARG D 276 28.94 -43.92 30.54
CA ARG D 276 29.66 -45.14 30.89
C ARG D 276 30.19 -45.84 29.65
N LEU D 277 29.49 -45.70 28.51
CA LEU D 277 30.07 -46.15 27.24
C LEU D 277 31.07 -45.14 26.70
N ALA D 278 30.87 -43.85 27.00
CA ALA D 278 31.82 -42.83 26.57
C ALA D 278 33.13 -42.94 27.33
N ASP D 279 33.08 -43.42 28.58
CA ASP D 279 34.29 -43.71 29.33
C ASP D 279 34.77 -45.13 29.10
N GLU D 280 33.98 -45.96 28.42
CA GLU D 280 34.39 -47.33 28.14
C GLU D 280 35.49 -47.38 27.09
N PHE D 281 35.19 -46.94 25.88
CA PHE D 281 36.16 -46.94 24.79
C PHE D 281 36.54 -45.53 24.36
N GLY D 282 35.61 -44.60 24.44
CA GLY D 282 35.78 -43.30 23.83
C GLY D 282 34.93 -43.20 22.58
N VAL D 283 33.69 -43.64 22.67
CA VAL D 283 32.78 -43.56 21.53
C VAL D 283 32.24 -42.14 21.43
N ALA D 284 32.13 -41.64 20.20
CA ALA D 284 31.54 -40.32 19.99
C ALA D 284 30.03 -40.42 20.09
N VAL D 285 29.42 -39.46 20.77
CA VAL D 285 27.97 -39.40 20.89
C VAL D 285 27.45 -38.25 20.04
N VAL D 286 26.33 -38.49 19.38
CA VAL D 286 25.66 -37.52 18.53
C VAL D 286 24.18 -37.62 18.87
N ILE D 287 23.65 -36.60 19.55
CA ILE D 287 22.24 -36.56 19.91
C ILE D 287 21.66 -35.25 19.40
N THR D 288 20.63 -35.34 18.58
CA THR D 288 19.79 -34.19 18.28
C THR D 288 18.78 -34.05 19.41
N ASN D 289 18.74 -32.88 20.02
CA ASN D 289 17.76 -32.59 21.07
C ASN D 289 16.79 -31.55 20.53
N GLN D 290 15.54 -31.65 20.95
CA GLN D 290 14.52 -30.74 20.48
C GLN D 290 14.51 -29.47 21.34
N VAL D 291 13.72 -28.48 20.90
CA VAL D 291 13.73 -27.16 21.51
C VAL D 291 12.29 -26.67 21.67
N VAL D 292 12.02 -26.05 22.81
CA VAL D 292 10.72 -25.47 23.10
C VAL D 292 10.74 -24.02 22.65
N ALA D 293 9.57 -23.48 22.32
CA ALA D 293 9.40 -22.08 21.95
C ALA D 293 8.98 -21.32 23.20
N GLN D 294 9.96 -20.72 23.88
CA GLN D 294 9.70 -19.97 25.09
C GLN D 294 8.94 -18.68 24.77
N VAL D 295 7.90 -18.42 25.55
CA VAL D 295 6.98 -17.29 25.34
C VAL D 295 7.61 -16.04 25.93
N ASP D 296 8.32 -15.27 25.09
CA ASP D 296 8.86 -13.96 25.43
C ASP D 296 8.32 -12.91 24.49
N GLY D 297 7.16 -13.17 23.90
CA GLY D 297 6.73 -12.38 22.78
C GLY D 297 5.94 -11.12 23.07
N ALA D 298 6.25 -10.40 24.15
CA ALA D 298 5.73 -9.04 24.23
C ALA D 298 6.41 -8.19 23.16
N ALA D 299 7.68 -7.81 23.36
CA ALA D 299 8.38 -7.05 22.33
C ALA D 299 9.90 -7.04 22.44
N MET D 300 10.56 -7.83 21.60
CA MET D 300 11.87 -7.49 21.02
C MET D 300 13.09 -7.34 21.92
N PHE D 301 12.98 -7.44 23.25
CA PHE D 301 14.23 -7.38 24.00
C PHE D 301 14.60 -8.79 24.50
N ALA D 302 15.69 -9.32 23.95
CA ALA D 302 16.16 -10.69 24.16
C ALA D 302 15.06 -11.72 23.90
N ALA D 303 14.32 -11.51 22.81
N ALA D 303 14.32 -11.51 22.81
CA ALA D 303 13.18 -12.36 22.48
CA ALA D 303 13.18 -12.36 22.48
C ALA D 303 13.67 -13.66 21.87
C ALA D 303 13.67 -13.66 21.87
N ASP D 304 13.87 -14.68 22.73
CA ASP D 304 14.36 -15.99 22.30
C ASP D 304 13.33 -17.06 22.61
N PRO D 305 12.64 -17.60 21.59
CA PRO D 305 11.86 -18.83 21.82
C PRO D 305 12.78 -20.03 21.99
N LYS D 306 13.33 -20.20 23.20
CA LYS D 306 14.54 -20.98 23.41
C LYS D 306 14.45 -21.63 24.79
N LYS D 307 15.62 -21.95 25.38
CA LYS D 307 15.82 -22.67 26.65
C LYS D 307 15.22 -24.06 26.51
N PRO D 308 15.87 -24.95 25.76
CA PRO D 308 15.20 -26.16 25.27
C PRO D 308 14.95 -27.20 26.34
N ILE D 309 14.41 -28.33 25.89
CA ILE D 309 13.98 -29.39 26.79
C ILE D 309 15.18 -30.23 27.21
N GLY D 310 14.97 -31.05 28.23
CA GLY D 310 16.02 -31.82 28.86
C GLY D 310 16.38 -31.35 30.25
N GLY D 311 16.18 -30.07 30.55
CA GLY D 311 16.36 -29.57 31.90
C GLY D 311 17.80 -29.16 32.21
N ASN D 312 18.04 -28.95 33.51
CA ASN D 312 19.37 -28.56 33.95
C ASN D 312 20.26 -29.79 34.11
N ILE D 313 19.65 -30.98 34.15
CA ILE D 313 20.43 -32.19 34.43
C ILE D 313 21.06 -32.72 33.14
N ILE D 314 20.57 -32.28 31.99
CA ILE D 314 21.34 -32.47 30.77
C ILE D 314 22.34 -31.32 30.62
N ALA D 315 22.07 -30.18 31.26
CA ALA D 315 22.97 -29.04 31.16
C ALA D 315 24.25 -29.28 31.95
N HIS D 316 24.15 -30.06 33.02
CA HIS D 316 25.36 -30.49 33.72
C HIS D 316 26.11 -31.54 32.92
N ALA D 317 25.39 -32.32 32.11
CA ALA D 317 26.04 -33.35 31.29
C ALA D 317 26.49 -32.83 29.93
N SER D 318 25.78 -31.86 29.34
CA SER D 318 26.18 -31.31 28.05
C SER D 318 27.31 -30.32 28.30
N THR D 319 28.54 -30.83 28.27
CA THR D 319 29.70 -29.96 28.40
C THR D 319 29.90 -29.13 27.14
N THR D 320 29.43 -29.65 26.00
CA THR D 320 29.52 -28.96 24.72
C THR D 320 28.17 -28.99 24.03
N ARG D 321 27.58 -27.81 23.79
CA ARG D 321 26.30 -27.70 23.13
C ARG D 321 26.44 -26.95 21.82
N LEU D 322 25.51 -27.19 20.90
CA LEU D 322 25.46 -26.50 19.61
C LEU D 322 24.04 -26.02 19.34
N TYR D 323 23.93 -24.88 18.65
CA TYR D 323 22.65 -24.31 18.21
C TYR D 323 22.60 -24.37 16.69
N LEU D 324 21.52 -24.91 16.15
CA LEU D 324 21.25 -24.91 14.72
C LEU D 324 19.94 -24.18 14.46
N ARG D 325 19.83 -23.59 13.27
CA ARG D 325 18.73 -22.69 12.94
C ARG D 325 18.71 -22.49 11.42
N LYS D 326 17.52 -22.17 10.91
CA LYS D 326 17.37 -21.90 9.49
C LYS D 326 17.97 -20.55 9.11
N GLY D 327 18.53 -20.47 7.92
CA GLY D 327 19.07 -19.23 7.39
C GLY D 327 18.31 -18.75 6.17
N ARG D 328 18.99 -18.62 5.04
CA ARG D 328 18.37 -18.26 3.77
C ARG D 328 18.62 -19.37 2.76
N GLY D 329 17.61 -19.69 1.97
CA GLY D 329 17.73 -20.83 1.08
C GLY D 329 17.62 -22.11 1.88
N GLU D 330 18.64 -22.96 1.76
CA GLU D 330 18.75 -24.14 2.60
C GLU D 330 20.00 -24.18 3.46
N THR D 331 20.83 -23.14 3.41
CA THR D 331 22.04 -23.08 4.21
C THR D 331 21.69 -22.90 5.68
N ARG D 332 22.49 -23.48 6.56
CA ARG D 332 22.23 -23.45 7.99
C ARG D 332 23.46 -22.92 8.73
N ILE D 333 23.31 -22.69 10.04
CA ILE D 333 24.31 -22.04 10.88
C ILE D 333 24.46 -22.85 12.17
N CYS D 334 25.70 -23.06 12.60
CA CYS D 334 26.03 -23.67 13.89
C CYS D 334 26.74 -22.67 14.79
N LYS D 335 26.38 -22.66 16.08
CA LYS D 335 27.06 -21.89 17.11
C LYS D 335 27.23 -22.76 18.36
N ILE D 336 28.41 -22.71 18.98
CA ILE D 336 28.66 -23.46 20.20
C ILE D 336 28.09 -22.71 21.40
N TYR D 337 27.41 -23.43 22.28
CA TYR D 337 26.89 -22.90 23.54
C TYR D 337 27.33 -23.77 24.71
N ASP D 338 27.24 -23.17 25.91
CA ASP D 338 27.33 -23.85 27.21
C ASP D 338 28.64 -24.61 27.38
N SER D 339 29.73 -23.98 26.95
CA SER D 339 31.03 -24.64 26.86
C SER D 339 32.13 -23.62 27.08
N PRO D 340 32.81 -23.66 28.22
CA PRO D 340 34.16 -23.06 28.30
C PRO D 340 35.19 -23.92 27.60
N CYS D 341 34.85 -25.16 27.24
CA CYS D 341 35.79 -26.04 26.55
C CYS D 341 35.98 -25.61 25.10
N LEU D 342 34.91 -25.16 24.44
CA LEU D 342 34.99 -24.72 23.06
C LEU D 342 34.55 -23.26 22.95
N PRO D 343 35.25 -22.45 22.14
CA PRO D 343 34.94 -21.02 22.09
C PRO D 343 33.68 -20.72 21.31
N GLU D 344 32.99 -19.67 21.73
CA GLU D 344 31.76 -19.24 21.06
C GLU D 344 32.11 -18.63 19.71
N ALA D 345 31.67 -19.27 18.64
CA ALA D 345 31.84 -18.78 17.29
C ALA D 345 30.73 -19.33 16.43
N GLU D 346 30.68 -18.89 15.18
CA GLU D 346 29.67 -19.34 14.24
C GLU D 346 30.31 -19.74 12.92
N ALA D 347 29.67 -20.67 12.22
CA ALA D 347 30.10 -21.12 10.91
C ALA D 347 28.88 -21.59 10.14
N MET D 348 29.11 -22.03 8.90
CA MET D 348 28.04 -22.44 8.01
C MET D 348 28.22 -23.90 7.62
N PHE D 349 27.13 -24.65 7.65
CA PHE D 349 27.08 -25.98 7.06
C PHE D 349 25.87 -26.03 6.14
N ALA D 350 26.08 -26.48 4.90
CA ALA D 350 25.05 -26.40 3.87
C ALA D 350 24.55 -27.79 3.52
N ILE D 351 23.28 -28.06 3.84
CA ILE D 351 22.63 -29.28 3.40
C ILE D 351 22.30 -29.11 1.93
N ASN D 352 23.12 -29.70 1.08
CA ASN D 352 22.90 -29.66 -0.36
C ASN D 352 22.49 -31.04 -0.83
N ALA D 353 22.46 -31.23 -2.14
CA ALA D 353 22.11 -32.54 -2.70
C ALA D 353 23.20 -33.56 -2.42
N ASP D 354 24.46 -33.11 -2.29
CA ASP D 354 25.54 -34.05 -2.05
C ASP D 354 25.57 -34.51 -0.60
N GLY D 355 25.27 -33.63 0.33
CA GLY D 355 25.33 -33.92 1.75
C GLY D 355 25.52 -32.63 2.52
N VAL D 356 25.93 -32.77 3.79
CA VAL D 356 26.19 -31.62 4.64
C VAL D 356 27.58 -31.14 4.25
N GLY D 357 27.63 -30.19 3.33
CA GLY D 357 28.86 -29.68 2.78
C GLY D 357 28.78 -28.17 2.58
N ASP D 358 29.25 -27.74 1.41
CA ASP D 358 29.31 -26.32 1.10
C ASP D 358 28.68 -25.98 -0.25
N PRO H 44 28.54 13.77 -40.66
CA PRO H 44 28.11 12.54 -41.35
C PRO H 44 29.01 11.36 -41.02
N GLN H 45 29.80 11.50 -39.97
CA GLN H 45 30.64 10.39 -39.51
C GLN H 45 29.75 9.31 -38.88
N PRO H 46 30.20 8.05 -38.84
CA PRO H 46 29.35 7.00 -38.26
C PRO H 46 29.19 7.14 -36.75
N ILE H 47 28.13 6.51 -36.23
CA ILE H 47 27.84 6.54 -34.80
C ILE H 47 28.77 5.61 -34.02
N SER H 48 29.54 4.77 -34.71
CA SER H 48 30.48 3.85 -34.08
C SER H 48 31.66 4.53 -33.39
N ARG H 49 31.77 5.86 -33.45
CA ARG H 49 32.68 6.56 -32.57
C ARG H 49 32.09 6.70 -31.17
N LEU H 50 30.83 6.30 -30.98
CA LEU H 50 30.27 6.03 -29.66
C LEU H 50 29.97 4.56 -29.45
N GLU H 51 30.59 3.67 -30.24
CA GLU H 51 30.60 2.26 -29.87
C GLU H 51 31.46 2.01 -28.64
N GLN H 52 32.38 2.92 -28.33
CA GLN H 52 33.08 2.91 -27.06
C GLN H 52 32.18 3.53 -25.98
N CYS H 53 32.78 3.84 -24.83
CA CYS H 53 32.11 4.42 -23.65
C CYS H 53 31.00 3.50 -23.12
N GLY H 54 31.31 2.21 -23.04
CA GLY H 54 30.44 1.26 -22.37
C GLY H 54 29.19 0.87 -23.13
N ILE H 55 29.09 1.20 -24.41
CA ILE H 55 27.91 0.86 -25.20
C ILE H 55 28.20 -0.41 -25.99
N ASN H 56 27.35 -1.42 -25.83
CA ASN H 56 27.48 -2.59 -26.68
C ASN H 56 26.75 -2.37 -27.99
N ALA H 57 27.12 -3.16 -29.00
CA ALA H 57 26.70 -2.90 -30.37
C ALA H 57 25.21 -3.12 -30.60
N ASN H 58 24.51 -3.73 -29.65
CA ASN H 58 23.06 -3.82 -29.74
C ASN H 58 22.41 -2.45 -29.58
N ASP H 59 22.98 -1.59 -28.72
CA ASP H 59 22.46 -0.23 -28.57
C ASP H 59 22.69 0.60 -29.81
N VAL H 60 23.86 0.43 -30.43
CA VAL H 60 24.14 1.08 -31.71
C VAL H 60 23.20 0.54 -32.79
N LYS H 61 22.88 -0.77 -32.70
CA LYS H 61 21.91 -1.37 -33.60
C LYS H 61 20.53 -0.75 -33.41
N LYS H 62 20.15 -0.46 -32.16
CA LYS H 62 18.90 0.24 -31.91
C LYS H 62 18.95 1.66 -32.44
N LEU H 63 20.10 2.32 -32.32
CA LEU H 63 20.23 3.68 -32.83
C LEU H 63 20.38 3.71 -34.34
N GLU H 64 20.85 2.60 -34.93
CA GLU H 64 20.90 2.51 -36.38
C GLU H 64 19.50 2.34 -36.96
N GLU H 65 18.55 1.88 -36.14
CA GLU H 65 17.19 1.67 -36.61
C GLU H 65 16.48 2.99 -36.88
N ALA H 66 16.65 3.97 -35.98
CA ALA H 66 15.91 5.23 -36.07
C ALA H 66 16.40 6.14 -37.19
N GLY H 67 17.53 5.82 -37.83
CA GLY H 67 18.13 6.69 -38.81
C GLY H 67 19.25 7.54 -38.29
N TYR H 68 19.72 7.28 -37.07
CA TYR H 68 20.73 8.11 -36.42
C TYR H 68 22.09 7.52 -36.75
N HIS H 69 22.57 7.83 -37.96
CA HIS H 69 23.85 7.33 -38.42
C HIS H 69 25.03 8.07 -37.80
N THR H 70 24.79 9.22 -37.15
CA THR H 70 25.87 10.03 -36.59
C THR H 70 25.72 10.14 -35.08
N VAL H 71 26.81 10.52 -34.43
CA VAL H 71 26.82 10.74 -32.99
C VAL H 71 26.02 11.98 -32.64
N GLU H 72 26.12 13.03 -33.46
CA GLU H 72 25.39 14.27 -33.21
C GLU H 72 23.90 14.09 -33.43
N ALA H 73 23.50 13.02 -34.13
CA ALA H 73 22.08 12.72 -34.25
C ALA H 73 21.49 12.33 -32.91
N VAL H 74 22.23 11.55 -32.12
CA VAL H 74 21.74 11.16 -30.80
C VAL H 74 22.27 12.09 -29.72
N ALA H 75 23.35 12.83 -29.98
CA ALA H 75 23.74 13.89 -29.07
C ALA H 75 22.76 15.05 -29.10
N TYR H 76 22.01 15.21 -30.20
CA TYR H 76 20.94 16.20 -30.29
C TYR H 76 19.58 15.54 -30.17
N ALA H 77 19.46 14.53 -29.32
CA ALA H 77 18.18 13.89 -29.03
C ALA H 77 17.98 13.85 -27.52
N PRO H 78 16.76 14.08 -27.03
CA PRO H 78 16.52 14.08 -25.59
C PRO H 78 16.64 12.70 -24.99
N LYS H 79 16.69 12.68 -23.64
CA LYS H 79 16.77 11.42 -22.90
C LYS H 79 15.50 10.60 -23.08
N LYS H 80 14.35 11.26 -23.16
CA LYS H 80 13.10 10.59 -23.49
C LYS H 80 13.14 10.04 -24.91
N GLU H 81 13.88 10.70 -25.80
CA GLU H 81 14.08 10.15 -27.13
C GLU H 81 15.21 9.15 -27.14
N LEU H 82 16.20 9.31 -26.26
CA LEU H 82 17.25 8.31 -26.12
C LEU H 82 16.67 6.98 -25.63
N ILE H 83 15.98 7.01 -24.50
CA ILE H 83 15.28 5.84 -24.01
C ILE H 83 14.16 5.46 -24.99
N ASN H 84 14.03 4.16 -25.23
CA ASN H 84 12.98 3.41 -25.95
C ASN H 84 13.01 3.53 -27.47
N ILE H 85 14.16 3.85 -28.06
CA ILE H 85 14.33 3.54 -29.47
C ILE H 85 14.61 2.05 -29.56
N LYS H 86 13.55 1.27 -29.82
CA LYS H 86 13.59 -0.19 -29.91
C LYS H 86 14.18 -0.83 -28.64
N GLY H 87 13.63 -0.43 -27.49
CA GLY H 87 14.11 -0.97 -26.23
C GLY H 87 15.48 -0.48 -25.81
N ILE H 88 15.59 0.80 -25.47
CA ILE H 88 16.79 1.35 -24.87
C ILE H 88 16.57 1.48 -23.36
N SER H 89 17.52 0.97 -22.58
CA SER H 89 17.49 1.15 -21.14
C SER H 89 18.20 2.45 -20.76
N GLU H 90 17.89 2.95 -19.56
CA GLU H 90 18.35 4.27 -19.14
C GLU H 90 19.86 4.32 -18.96
N ALA H 91 20.46 3.25 -18.46
CA ALA H 91 21.89 3.26 -18.14
C ALA H 91 22.74 3.29 -19.39
N LYS H 92 22.23 2.72 -20.49
CA LYS H 92 22.90 2.89 -21.78
C LYS H 92 22.65 4.27 -22.35
N ALA H 93 21.51 4.88 -21.99
CA ALA H 93 21.12 6.15 -22.59
C ALA H 93 21.91 7.32 -22.00
N ASP H 94 22.26 7.23 -20.71
CA ASP H 94 23.03 8.29 -20.08
C ASP H 94 24.45 8.33 -20.61
N LYS H 95 24.98 7.17 -21.04
CA LYS H 95 26.32 7.13 -21.60
C LYS H 95 26.37 7.81 -22.97
N ILE H 96 25.21 7.96 -23.61
CA ILE H 96 25.13 8.83 -24.78
C ILE H 96 24.87 10.27 -24.35
N LEU H 97 24.08 10.45 -23.27
CA LEU H 97 23.85 11.78 -22.73
C LEU H 97 25.12 12.43 -22.20
N THR H 98 26.09 11.62 -21.77
CA THR H 98 27.29 12.20 -21.19
C THR H 98 28.46 12.16 -22.13
N GLU H 99 28.77 10.99 -22.70
CA GLU H 99 30.04 10.82 -23.39
C GLU H 99 29.97 11.29 -24.83
N ALA H 100 28.80 11.16 -25.48
CA ALA H 100 28.64 11.72 -26.80
C ALA H 100 28.54 13.25 -26.73
N ALA H 101 28.19 13.78 -25.57
CA ALA H 101 28.12 15.22 -25.39
C ALA H 101 29.50 15.87 -25.34
N LYS H 102 30.55 15.06 -25.12
CA LYS H 102 31.90 15.61 -25.12
C LYS H 102 32.39 15.83 -26.55
N LEU H 103 32.26 14.81 -27.39
CA LEU H 103 32.76 14.87 -28.76
C LEU H 103 31.95 15.84 -29.60
N VAL H 104 30.62 15.77 -29.49
CA VAL H 104 29.73 16.67 -30.20
C VAL H 104 29.46 17.88 -29.31
N PRO H 105 29.76 19.10 -29.76
CA PRO H 105 29.82 20.25 -28.84
C PRO H 105 28.47 20.70 -28.31
N MET H 106 28.32 20.65 -26.99
CA MET H 106 27.13 21.14 -26.32
C MET H 106 27.41 22.32 -25.41
N GLY H 107 28.59 22.90 -25.46
CA GLY H 107 28.94 23.96 -24.55
C GLY H 107 28.50 25.32 -25.04
N PHE H 108 28.75 26.32 -24.20
CA PHE H 108 28.52 27.70 -24.58
C PHE H 108 29.63 28.18 -25.50
N THR H 109 29.25 29.00 -26.46
CA THR H 109 30.20 29.63 -27.35
C THR H 109 30.29 31.11 -27.03
N THR H 110 31.50 31.64 -27.08
CA THR H 110 31.66 33.08 -27.16
C THR H 110 31.13 33.59 -28.49
N ALA H 111 30.78 34.88 -28.53
CA ALA H 111 30.22 35.42 -29.75
C ALA H 111 31.27 35.56 -30.84
N THR H 112 32.56 35.60 -30.45
CA THR H 112 33.62 35.62 -31.45
C THR H 112 33.68 34.32 -32.22
N GLU H 113 33.24 33.22 -31.61
CA GLU H 113 33.15 31.95 -32.31
C GLU H 113 32.12 32.02 -33.42
N PHE H 114 30.87 32.29 -33.06
CA PHE H 114 29.77 32.25 -34.03
C PHE H 114 29.85 33.41 -35.02
N HIS H 115 30.57 34.47 -34.66
CA HIS H 115 30.95 35.49 -35.63
C HIS H 115 31.69 34.88 -36.81
N GLN H 116 32.66 34.01 -36.53
CA GLN H 116 33.37 33.32 -37.59
C GLN H 116 32.47 32.28 -38.26
N ARG H 117 31.63 31.61 -37.47
CA ARG H 117 30.75 30.59 -38.05
C ARG H 117 29.64 31.21 -38.88
N ARG H 118 29.32 32.48 -38.63
CA ARG H 118 28.44 33.20 -39.54
C ARG H 118 29.15 33.45 -40.86
N SER H 119 30.48 33.66 -40.82
CA SER H 119 31.22 33.93 -42.04
C SER H 119 31.51 32.66 -42.84
N GLU H 120 31.25 31.49 -42.28
CA GLU H 120 31.48 30.24 -42.99
C GLU H 120 30.43 29.95 -44.06
N ILE H 121 29.44 30.82 -44.24
CA ILE H 121 28.43 30.57 -45.24
C ILE H 121 28.99 30.79 -46.64
N ILE H 122 28.31 30.23 -47.62
CA ILE H 122 28.76 30.24 -49.00
C ILE H 122 28.03 31.29 -49.83
N GLN H 123 26.93 31.87 -49.30
CA GLN H 123 25.98 32.77 -49.96
C GLN H 123 25.64 32.30 -51.37
N ILE H 124 24.95 31.16 -51.44
CA ILE H 124 24.70 30.43 -52.67
C ILE H 124 23.89 31.27 -53.65
N THR H 125 24.49 31.56 -54.80
CA THR H 125 23.97 32.53 -55.75
C THR H 125 22.97 31.89 -56.70
N THR H 126 21.86 32.58 -56.94
CA THR H 126 20.91 32.13 -57.94
C THR H 126 21.38 32.54 -59.33
N GLY H 127 21.93 33.74 -59.46
CA GLY H 127 22.33 34.27 -60.74
C GLY H 127 21.60 35.56 -61.03
N SER H 128 20.38 35.67 -60.51
CA SER H 128 19.59 36.87 -60.64
C SER H 128 20.15 37.97 -59.74
N LYS H 129 20.46 39.11 -60.34
CA LYS H 129 21.13 40.18 -59.59
C LYS H 129 20.18 40.88 -58.64
N GLU H 130 18.88 40.69 -58.82
CA GLU H 130 17.91 41.22 -57.85
C GLU H 130 17.57 40.19 -56.79
N LEU H 131 18.26 39.05 -56.79
CA LEU H 131 18.05 38.07 -55.74
C LEU H 131 19.20 38.06 -54.75
N ASP H 132 20.43 38.16 -55.23
CA ASP H 132 21.60 37.98 -54.35
C ASP H 132 21.80 39.18 -53.45
N LYS H 133 21.67 40.40 -53.98
CA LYS H 133 21.76 41.58 -53.14
C LYS H 133 20.52 41.70 -52.26
N LEU H 134 19.40 41.14 -52.73
CA LEU H 134 18.23 40.98 -51.86
C LEU H 134 18.47 39.97 -50.75
N LEU H 135 19.19 38.88 -51.02
CA LEU H 135 19.40 37.83 -50.04
C LEU H 135 20.79 37.89 -49.39
N GLN H 136 21.48 39.02 -49.50
CA GLN H 136 22.86 39.20 -49.01
C GLN H 136 23.80 38.16 -49.61
N GLY H 137 23.96 38.23 -50.93
CA GLY H 137 24.80 37.31 -51.66
C GLY H 137 24.08 36.09 -52.21
N GLY H 138 22.81 35.91 -51.90
CA GLY H 138 22.08 34.72 -52.32
C GLY H 138 21.65 33.91 -51.11
N ILE H 139 21.26 32.66 -51.40
CA ILE H 139 20.69 31.81 -50.36
C ILE H 139 21.80 31.38 -49.39
N GLU H 140 21.58 31.66 -48.10
CA GLU H 140 22.53 31.30 -47.08
C GLU H 140 22.51 29.80 -46.84
N THR H 141 23.51 29.33 -46.09
CA THR H 141 23.58 27.90 -45.79
C THR H 141 22.65 27.53 -44.66
N GLY H 142 21.95 26.41 -44.83
CA GLY H 142 21.10 25.88 -43.78
C GLY H 142 19.78 26.59 -43.61
N SER H 143 19.51 27.61 -44.40
CA SER H 143 18.34 28.45 -44.23
C SER H 143 17.08 27.69 -44.61
N ILE H 144 15.95 28.14 -44.06
CA ILE H 144 14.65 27.54 -44.30
C ILE H 144 13.83 28.61 -44.99
N THR H 145 13.86 28.62 -46.32
CA THR H 145 13.24 29.65 -47.13
C THR H 145 12.04 29.08 -47.89
N GLU H 146 10.94 29.81 -47.85
CA GLU H 146 9.68 29.36 -48.44
C GLU H 146 9.29 30.31 -49.55
N MET H 147 8.89 29.76 -50.70
CA MET H 147 8.35 30.57 -51.78
C MET H 147 6.84 30.64 -51.70
N PHE H 148 6.29 31.81 -52.02
CA PHE H 148 4.86 32.07 -51.95
C PHE H 148 4.33 32.31 -53.35
N GLY H 149 3.42 31.46 -53.81
CA GLY H 149 2.85 31.61 -55.13
C GLY H 149 1.42 31.14 -55.25
N GLU H 150 0.56 32.01 -55.80
CA GLU H 150 -0.83 31.63 -56.02
C GLU H 150 -0.95 30.62 -57.16
N PHE H 151 -0.46 30.99 -58.34
CA PHE H 151 -0.56 30.16 -59.53
C PHE H 151 0.44 30.65 -60.57
N ARG H 152 1.25 29.71 -61.09
CA ARG H 152 2.07 29.90 -62.29
C ARG H 152 3.10 31.01 -62.13
N THR H 153 3.65 31.15 -60.92
CA THR H 153 4.67 32.17 -60.70
C THR H 153 6.09 31.61 -60.82
N GLY H 154 6.25 30.44 -61.45
CA GLY H 154 7.56 29.97 -61.84
C GLY H 154 8.48 29.53 -60.74
N LYS H 155 7.93 29.21 -59.57
CA LYS H 155 8.75 28.81 -58.42
C LYS H 155 9.41 27.46 -58.66
N THR H 156 8.81 26.63 -59.51
CA THR H 156 9.43 25.34 -59.83
C THR H 156 10.54 25.49 -60.86
N GLN H 157 10.45 26.48 -61.75
CA GLN H 157 11.51 26.65 -62.73
C GLN H 157 12.79 27.21 -62.10
N ILE H 158 12.66 27.89 -60.96
CA ILE H 158 13.85 28.39 -60.28
C ILE H 158 14.59 27.26 -59.58
N CYS H 159 13.85 26.30 -59.02
CA CYS H 159 14.48 25.21 -58.27
C CYS H 159 15.23 24.27 -59.21
N HIS H 160 14.79 24.16 -60.47
CA HIS H 160 15.54 23.40 -61.46
C HIS H 160 16.86 24.09 -61.80
N THR H 161 16.84 25.42 -61.87
CA THR H 161 18.10 26.15 -62.02
C THR H 161 18.94 26.03 -60.76
N LEU H 162 18.29 25.89 -59.60
CA LEU H 162 19.04 25.65 -58.37
C LEU H 162 19.52 24.20 -58.29
N ALA H 163 18.78 23.26 -58.89
CA ALA H 163 19.17 21.85 -58.81
C ALA H 163 20.41 21.55 -59.63
N VAL H 164 20.77 22.44 -60.55
CA VAL H 164 22.00 22.32 -61.30
C VAL H 164 23.13 23.14 -60.66
N THR H 165 22.77 24.20 -59.93
CA THR H 165 23.70 25.09 -59.25
C THR H 165 24.55 24.40 -58.18
N CYS H 166 24.09 23.25 -57.64
CA CYS H 166 24.83 22.55 -56.60
C CYS H 166 26.17 22.03 -57.10
N GLN H 167 26.26 21.63 -58.36
CA GLN H 167 27.53 21.18 -58.92
C GLN H 167 28.51 22.32 -59.13
N LEU H 168 28.01 23.55 -59.23
CA LEU H 168 28.87 24.68 -59.51
C LEU H 168 29.72 24.99 -58.28
N PRO H 169 31.02 25.27 -58.45
CA PRO H 169 31.86 25.58 -57.30
C PRO H 169 31.64 26.99 -56.78
N ILE H 170 32.49 27.36 -55.83
CA ILE H 170 32.28 28.53 -54.98
C ILE H 170 32.57 29.84 -55.72
N ASP H 171 33.30 29.78 -56.84
CA ASP H 171 33.88 30.97 -57.45
C ASP H 171 32.80 31.91 -58.01
N ARG H 172 31.83 31.36 -58.73
CA ARG H 172 30.64 32.13 -59.04
C ARG H 172 29.76 32.29 -57.80
N GLY H 173 29.66 31.24 -56.99
CA GLY H 173 28.80 31.27 -55.82
C GLY H 173 28.09 29.96 -55.55
N GLY H 174 28.34 28.94 -56.37
CA GLY H 174 27.68 27.66 -56.19
C GLY H 174 28.19 26.87 -55.00
N GLY H 175 27.67 25.64 -54.87
CA GLY H 175 27.92 24.81 -53.71
C GLY H 175 28.88 23.66 -53.89
N GLU H 176 29.25 23.31 -55.13
CA GLU H 176 30.26 22.29 -55.46
C GLU H 176 29.86 20.92 -54.91
N GLY H 177 28.54 20.64 -54.95
CA GLY H 177 28.02 19.41 -54.40
C GLY H 177 26.91 18.85 -55.26
N LYS H 178 26.05 18.05 -54.62
CA LYS H 178 24.86 17.52 -55.27
C LYS H 178 23.63 18.07 -54.57
N ALA H 179 22.45 17.55 -54.95
CA ALA H 179 21.21 17.82 -54.24
C ALA H 179 20.30 16.60 -54.38
N MET H 180 19.11 16.71 -53.79
CA MET H 180 18.09 15.66 -53.90
C MET H 180 16.77 16.33 -54.26
N TYR H 181 16.12 15.83 -55.31
CA TYR H 181 14.90 16.43 -55.83
C TYR H 181 13.69 15.63 -55.35
N ILE H 182 12.72 16.36 -54.78
CA ILE H 182 11.43 15.81 -54.40
C ILE H 182 10.37 16.60 -55.14
N ASP H 183 9.56 15.92 -55.95
CA ASP H 183 8.49 16.57 -56.69
C ASP H 183 7.20 15.78 -56.51
N THR H 184 6.28 16.35 -55.74
CA THR H 184 5.01 15.70 -55.45
C THR H 184 3.92 16.13 -56.42
N GLU H 185 3.98 17.36 -56.91
CA GLU H 185 2.99 17.87 -57.87
C GLU H 185 3.37 17.57 -59.32
N GLY H 186 4.55 17.01 -59.56
CA GLY H 186 4.91 16.58 -60.90
C GLY H 186 5.50 17.65 -61.79
N THR H 187 6.27 18.58 -61.22
CA THR H 187 6.90 19.63 -62.00
C THR H 187 8.34 19.35 -62.37
N PHE H 188 8.89 18.20 -61.97
CA PHE H 188 10.31 17.90 -62.22
C PHE H 188 10.55 17.67 -63.70
N ARG H 189 11.35 18.56 -64.31
CA ARG H 189 11.58 18.53 -65.74
C ARG H 189 13.07 18.43 -66.01
N PRO H 190 13.50 17.53 -66.89
CA PRO H 190 14.94 17.44 -67.21
C PRO H 190 15.34 18.36 -68.35
N GLU H 191 14.36 18.84 -69.13
CA GLU H 191 14.67 19.66 -70.28
C GLU H 191 15.14 21.05 -69.87
N ARG H 192 14.77 21.49 -68.66
CA ARG H 192 15.27 22.77 -68.18
C ARG H 192 16.56 22.58 -67.39
N LEU H 193 16.78 21.37 -66.85
CA LEU H 193 17.99 21.09 -66.09
C LEU H 193 19.22 21.09 -66.99
N LEU H 194 19.11 20.47 -68.17
CA LEU H 194 20.22 20.47 -69.11
C LEU H 194 20.38 21.85 -69.74
N ALA H 195 19.29 22.63 -69.77
CA ALA H 195 19.34 23.95 -70.39
C ALA H 195 20.09 24.96 -69.53
N VAL H 196 19.86 24.92 -68.22
CA VAL H 196 20.55 25.86 -67.34
C VAL H 196 22.01 25.44 -67.15
N ALA H 197 22.33 24.18 -67.42
CA ALA H 197 23.72 23.79 -67.57
C ALA H 197 24.38 24.53 -68.73
N GLU H 198 23.61 24.81 -69.79
CA GLU H 198 24.18 25.52 -70.93
C GLU H 198 24.40 27.00 -70.63
N ARG H 199 23.52 27.64 -69.86
CA ARG H 199 23.77 29.03 -69.49
C ARG H 199 24.90 29.13 -68.48
N TYR H 200 25.11 28.06 -67.70
CA TYR H 200 26.36 27.95 -66.95
C TYR H 200 27.52 27.50 -67.82
N GLY H 201 27.24 27.04 -69.05
CA GLY H 201 28.28 26.55 -69.91
C GLY H 201 28.75 25.14 -69.59
N LEU H 202 28.05 24.44 -68.72
CA LEU H 202 28.43 23.09 -68.32
C LEU H 202 27.64 22.05 -69.11
N SER H 203 28.18 20.83 -69.15
CA SER H 203 27.41 19.72 -69.68
C SER H 203 26.27 19.38 -68.74
N GLY H 204 25.13 18.98 -69.30
CA GLY H 204 24.04 18.48 -68.48
C GLY H 204 24.24 17.08 -67.95
N SER H 205 25.29 16.39 -68.40
CA SER H 205 25.57 15.04 -67.93
C SER H 205 26.10 15.04 -66.51
N ASP H 206 26.80 16.11 -66.12
CA ASP H 206 27.42 16.18 -64.80
C ASP H 206 26.36 16.23 -63.71
N VAL H 207 25.23 16.88 -63.99
CA VAL H 207 24.16 16.97 -63.01
C VAL H 207 23.17 15.82 -63.19
N LEU H 208 23.20 15.16 -64.36
CA LEU H 208 22.46 13.90 -64.50
C LEU H 208 23.12 12.80 -63.68
N ASP H 209 24.45 12.87 -63.53
CA ASP H 209 25.14 12.01 -62.58
C ASP H 209 24.78 12.38 -61.14
N ASN H 210 24.50 13.66 -60.91
CA ASN H 210 23.99 14.22 -59.67
C ASN H 210 22.49 13.94 -59.56
N VAL H 211 21.78 14.88 -58.95
CA VAL H 211 20.50 14.82 -58.23
C VAL H 211 19.50 13.78 -58.72
N ALA H 212 19.03 12.94 -57.79
CA ALA H 212 18.16 11.84 -58.16
C ALA H 212 16.74 12.09 -57.65
N TYR H 213 15.81 11.27 -58.14
CA TYR H 213 14.39 11.53 -57.98
C TYR H 213 13.79 10.49 -57.03
N ALA H 214 12.93 10.96 -56.12
CA ALA H 214 12.19 10.10 -55.21
C ALA H 214 10.87 10.82 -54.92
N ARG H 215 9.82 10.45 -55.66
CA ARG H 215 8.58 11.20 -55.66
C ARG H 215 7.80 11.00 -54.37
N GLY H 216 6.95 11.98 -54.05
CA GLY H 216 6.16 11.97 -52.83
C GLY H 216 4.71 11.65 -53.13
N PHE H 217 4.16 10.70 -52.37
CA PHE H 217 2.77 10.27 -52.53
C PHE H 217 1.90 10.61 -51.33
N ASN H 218 2.26 10.17 -50.13
CA ASN H 218 1.46 10.34 -48.93
C ASN H 218 2.20 11.24 -47.94
N THR H 219 1.44 11.74 -46.95
CA THR H 219 2.03 12.59 -45.91
C THR H 219 3.01 11.79 -45.04
N ASP H 220 2.69 10.53 -44.76
CA ASP H 220 3.64 9.66 -44.08
C ASP H 220 4.72 9.17 -45.02
N HIS H 221 4.43 9.15 -46.33
CA HIS H 221 5.46 8.82 -47.32
C HIS H 221 6.48 9.93 -47.43
N GLN H 222 6.12 11.16 -47.03
CA GLN H 222 7.08 12.26 -46.97
C GLN H 222 8.21 11.94 -46.01
N THR H 223 7.90 11.27 -44.90
CA THR H 223 8.93 10.85 -43.95
C THR H 223 9.79 9.74 -44.53
N GLN H 224 9.28 9.00 -45.52
CA GLN H 224 10.05 7.94 -46.12
C GLN H 224 11.08 8.49 -47.09
N LEU H 225 10.79 9.64 -47.70
CA LEU H 225 11.78 10.28 -48.57
C LEU H 225 12.92 10.87 -47.78
N LEU H 226 12.61 11.53 -46.66
CA LEU H 226 13.65 12.16 -45.86
C LEU H 226 14.45 11.10 -45.10
N TYR H 227 13.87 9.93 -44.88
CA TYR H 227 14.64 8.79 -44.39
C TYR H 227 15.66 8.33 -45.42
N GLN H 228 15.30 8.41 -46.71
CA GLN H 228 16.19 7.95 -47.77
C GLN H 228 17.39 8.87 -47.92
N ALA H 229 17.21 10.16 -47.65
CA ALA H 229 18.31 11.11 -47.78
C ALA H 229 19.19 11.11 -46.52
N GLU H 230 18.76 10.39 -45.47
CA GLU H 230 19.50 10.41 -44.21
C GLU H 230 20.79 9.62 -44.29
N ASP H 231 20.84 8.61 -45.18
CA ASP H 231 22.01 7.74 -45.22
C ASP H 231 23.00 8.18 -46.29
N MET H 232 22.52 8.81 -47.37
CA MET H 232 23.39 9.09 -48.51
C MET H 232 24.25 10.31 -48.28
N MET H 233 23.91 11.15 -47.30
CA MET H 233 24.76 12.27 -46.94
C MET H 233 26.04 11.78 -46.26
N VAL H 234 25.96 10.65 -45.57
CA VAL H 234 27.11 10.02 -44.95
C VAL H 234 28.13 9.58 -45.99
N GLU H 235 27.67 9.08 -47.13
CA GLU H 235 28.59 8.61 -48.15
C GLU H 235 29.13 9.77 -49.00
N SER H 236 28.25 10.48 -49.70
CA SER H 236 28.65 11.58 -50.55
C SER H 236 28.09 12.88 -50.00
N ARG H 237 28.79 13.98 -50.28
CA ARG H 237 28.33 15.28 -49.83
C ARG H 237 27.16 15.75 -50.68
N TYR H 238 26.11 16.20 -50.01
CA TYR H 238 25.01 16.88 -50.67
C TYR H 238 24.96 18.30 -50.14
N ALA H 239 24.70 19.24 -51.04
CA ALA H 239 24.75 20.66 -50.71
C ALA H 239 23.39 21.31 -50.61
N LEU H 240 22.39 20.77 -51.30
CA LEU H 240 21.08 21.40 -51.37
C LEU H 240 19.99 20.37 -51.16
N LEU H 241 18.83 20.82 -50.71
CA LEU H 241 17.64 19.98 -50.63
C LEU H 241 16.48 20.74 -51.27
N ILE H 242 15.55 20.00 -51.86
CA ILE H 242 14.40 20.57 -52.55
C ILE H 242 13.15 19.86 -52.07
N VAL H 243 12.17 20.64 -51.60
CA VAL H 243 10.80 20.19 -51.45
C VAL H 243 9.87 21.16 -52.20
N ASP H 244 9.32 20.70 -53.32
CA ASP H 244 8.54 21.59 -54.17
C ASP H 244 7.14 21.82 -53.59
N SER H 245 6.35 20.76 -53.46
CA SER H 245 4.99 20.89 -52.95
C SER H 245 4.76 19.91 -51.82
N ALA H 246 5.73 19.82 -50.91
CA ALA H 246 5.57 18.96 -49.73
C ALA H 246 4.48 19.48 -48.81
N THR H 247 4.22 20.78 -48.84
CA THR H 247 3.11 21.35 -48.08
C THR H 247 1.75 21.09 -48.74
N ALA H 248 1.74 20.79 -50.04
CA ALA H 248 0.46 20.60 -50.74
C ALA H 248 -0.18 19.27 -50.37
N LEU H 249 0.60 18.34 -49.81
CA LEU H 249 0.04 17.07 -49.38
C LEU H 249 -0.84 17.23 -48.16
N TYR H 250 -0.59 18.25 -47.34
CA TYR H 250 -1.43 18.47 -46.17
C TYR H 250 -2.79 19.03 -46.55
N ARG H 251 -2.88 19.69 -47.71
CA ARG H 251 -4.17 20.17 -48.17
C ARG H 251 -4.98 19.06 -48.83
N THR H 252 -4.30 18.08 -49.42
CA THR H 252 -5.03 17.02 -50.13
C THR H 252 -5.27 15.80 -49.26
N ASP H 253 -4.67 15.75 -48.07
CA ASP H 253 -4.92 14.60 -47.20
C ASP H 253 -5.83 14.96 -46.03
N TYR H 254 -5.79 16.20 -45.56
CA TYR H 254 -6.66 16.68 -44.49
C TYR H 254 -7.39 17.91 -45.02
N SER H 255 -8.61 17.72 -45.51
CA SER H 255 -9.40 18.79 -46.11
C SER H 255 -10.47 19.32 -45.17
N GLY H 256 -11.34 18.44 -44.64
CA GLY H 256 -12.34 18.87 -43.70
C GLY H 256 -11.78 19.05 -42.29
N ARG H 257 -12.53 19.81 -41.49
CA ARG H 257 -12.13 20.03 -40.10
C ARG H 257 -12.29 18.73 -39.31
N GLY H 258 -11.33 18.48 -38.44
CA GLY H 258 -11.12 17.15 -37.92
C GLY H 258 -9.86 16.58 -38.55
N GLU H 259 -8.92 16.14 -37.72
CA GLU H 259 -7.50 15.91 -38.01
C GLU H 259 -6.79 17.14 -38.54
N LEU H 260 -7.33 18.33 -38.30
CA LEU H 260 -6.53 19.55 -38.42
C LEU H 260 -5.42 19.55 -37.39
N SER H 261 -5.74 19.13 -36.16
CA SER H 261 -4.77 19.14 -35.07
C SER H 261 -3.61 18.21 -35.35
N ALA H 262 -3.91 16.99 -35.82
CA ALA H 262 -2.86 16.04 -36.15
C ALA H 262 -2.06 16.47 -37.37
N ARG H 263 -2.70 17.21 -38.29
CA ARG H 263 -1.96 17.80 -39.39
C ARG H 263 -1.05 18.92 -38.89
N GLN H 264 -1.51 19.68 -37.89
CA GLN H 264 -0.62 20.63 -37.22
C GLN H 264 0.42 19.90 -36.38
N MET H 265 0.14 18.66 -35.99
CA MET H 265 1.17 17.86 -35.32
C MET H 265 2.20 17.37 -36.32
N HIS H 266 1.77 16.97 -37.52
CA HIS H 266 2.73 16.55 -38.55
C HIS H 266 3.51 17.74 -39.09
N LEU H 267 2.97 18.95 -38.96
CA LEU H 267 3.58 20.12 -39.59
C LEU H 267 4.86 20.52 -38.87
N ALA H 268 4.81 20.63 -37.54
CA ALA H 268 6.02 20.95 -36.79
C ALA H 268 6.96 19.77 -36.72
N ARG H 269 6.43 18.55 -36.80
CA ARG H 269 7.27 17.35 -36.70
C ARG H 269 8.12 17.16 -37.94
N PHE H 270 7.52 17.38 -39.12
CA PHE H 270 8.27 17.23 -40.37
C PHE H 270 9.30 18.34 -40.54
N LEU H 271 9.07 19.51 -39.94
CA LEU H 271 10.05 20.58 -40.06
C LEU H 271 11.22 20.34 -39.12
N ARG H 272 10.98 19.69 -37.97
CA ARG H 272 12.05 19.48 -37.02
C ARG H 272 13.01 18.40 -37.49
N MET H 273 12.55 17.50 -38.36
CA MET H 273 13.44 16.51 -38.95
C MET H 273 14.41 17.17 -39.92
N LEU H 274 13.96 18.23 -40.59
CA LEU H 274 14.89 19.03 -41.38
C LEU H 274 15.77 19.85 -40.47
N LEU H 275 15.21 20.37 -39.38
CA LEU H 275 16.02 21.07 -38.38
C LEU H 275 16.83 20.09 -37.53
N ARG H 276 16.54 18.80 -37.65
CA ARG H 276 17.54 17.81 -37.27
C ARG H 276 18.68 17.79 -38.27
N LEU H 277 18.35 17.66 -39.56
CA LEU H 277 19.37 17.40 -40.57
C LEU H 277 20.18 18.65 -40.88
N ALA H 278 19.52 19.80 -41.04
CA ALA H 278 20.22 21.00 -41.51
C ALA H 278 21.06 21.62 -40.40
N ASP H 279 20.81 21.26 -39.15
CA ASP H 279 21.69 21.73 -38.08
C ASP H 279 22.93 20.86 -37.97
N GLU H 280 22.81 19.60 -38.39
CA GLU H 280 23.98 18.74 -38.45
C GLU H 280 24.90 19.15 -39.59
N PHE H 281 24.32 19.49 -40.75
CA PHE H 281 25.08 19.61 -41.98
C PHE H 281 25.15 21.02 -42.53
N GLY H 282 24.07 21.79 -42.49
CA GLY H 282 24.05 23.10 -43.11
C GLY H 282 23.91 23.06 -44.61
N VAL H 283 22.76 22.58 -45.10
CA VAL H 283 22.48 22.55 -46.53
C VAL H 283 21.34 23.53 -46.83
N ALA H 284 21.46 24.24 -47.94
CA ALA H 284 20.46 25.23 -48.29
C ALA H 284 19.26 24.56 -48.93
N VAL H 285 18.11 24.67 -48.28
CA VAL H 285 16.90 23.97 -48.68
C VAL H 285 15.90 24.99 -49.21
N VAL H 286 14.97 24.52 -50.04
CA VAL H 286 13.97 25.37 -50.67
C VAL H 286 12.60 24.72 -50.53
N ILE H 287 11.64 25.51 -50.05
CA ILE H 287 10.24 25.08 -49.99
C ILE H 287 9.42 26.07 -50.80
N THR H 288 8.32 25.60 -51.36
CA THR H 288 7.36 26.45 -52.03
C THR H 288 5.99 26.24 -51.39
N ASN H 289 5.36 27.35 -50.97
CA ASN H 289 4.09 27.31 -50.28
C ASN H 289 3.01 27.95 -51.13
N GLN H 290 1.88 27.24 -51.27
CA GLN H 290 0.76 27.76 -52.04
C GLN H 290 -0.01 28.80 -51.24
N VAL H 291 -0.41 29.87 -51.93
CA VAL H 291 -1.10 31.00 -51.32
C VAL H 291 -2.58 30.86 -51.60
N VAL H 292 -3.36 30.54 -50.56
CA VAL H 292 -4.81 30.43 -50.69
C VAL H 292 -5.43 31.82 -50.62
N ALA H 293 -6.71 31.90 -50.96
CA ALA H 293 -7.48 33.12 -50.85
C ALA H 293 -7.98 33.29 -49.42
N GLN H 294 -7.61 34.40 -48.79
CA GLN H 294 -8.06 34.71 -47.44
C GLN H 294 -9.55 35.03 -47.45
N VAL H 295 -10.32 34.30 -46.64
CA VAL H 295 -11.76 34.53 -46.51
C VAL H 295 -11.99 35.13 -45.12
N ASP H 296 -11.94 36.46 -45.06
CA ASP H 296 -12.40 37.22 -43.92
C ASP H 296 -13.71 37.95 -44.20
N GLY H 297 -13.81 38.59 -45.36
CA GLY H 297 -15.04 39.25 -45.77
C GLY H 297 -15.42 38.87 -47.18
N PRO H 305 -4.27 39.58 -49.00
CA PRO H 305 -5.01 38.41 -48.51
C PRO H 305 -4.14 37.16 -48.48
N LYS H 306 -2.98 37.26 -47.83
CA LYS H 306 -1.94 36.26 -47.96
C LYS H 306 -2.32 34.87 -47.42
N LYS H 307 -2.40 34.73 -46.09
CA LYS H 307 -2.67 33.50 -45.34
C LYS H 307 -1.91 32.28 -45.88
N PRO H 308 -0.61 32.16 -45.61
CA PRO H 308 0.12 30.95 -46.03
C PRO H 308 -0.40 29.73 -45.30
N ILE H 309 -0.43 28.59 -46.01
CA ILE H 309 -1.09 27.42 -45.45
C ILE H 309 -0.26 26.80 -44.33
N GLY H 310 -0.93 26.48 -43.23
CA GLY H 310 -0.30 26.09 -42.00
C GLY H 310 -0.56 26.99 -40.81
N GLY H 311 -1.17 28.16 -41.03
CA GLY H 311 -1.49 29.04 -39.93
C GLY H 311 -0.25 29.75 -39.40
N ASN H 312 0.05 29.50 -38.14
CA ASN H 312 1.21 30.08 -37.48
C ASN H 312 2.25 29.06 -37.07
N ILE H 313 2.11 27.80 -37.48
CA ILE H 313 3.04 26.76 -37.03
C ILE H 313 4.39 26.92 -37.71
N ILE H 314 4.40 27.03 -39.04
CA ILE H 314 5.65 27.14 -39.78
C ILE H 314 6.21 28.54 -39.84
N ALA H 315 5.46 29.55 -39.40
CA ALA H 315 5.86 30.93 -39.63
C ALA H 315 7.03 31.34 -38.74
N HIS H 316 7.16 30.72 -37.57
CA HIS H 316 8.33 30.96 -36.75
C HIS H 316 9.46 30.00 -37.09
N ALA H 317 9.11 28.79 -37.55
CA ALA H 317 10.11 27.75 -37.72
C ALA H 317 10.86 27.89 -39.04
N SER H 318 10.18 28.27 -40.11
CA SER H 318 10.85 28.61 -41.35
C SER H 318 11.60 29.93 -41.16
N THR H 319 12.90 29.92 -41.44
CA THR H 319 13.77 30.99 -40.96
C THR H 319 13.58 32.27 -41.76
N THR H 320 13.18 32.15 -43.02
CA THR H 320 13.01 33.31 -43.89
C THR H 320 11.85 33.01 -44.85
N ARG H 321 11.09 34.05 -45.18
CA ARG H 321 9.98 33.92 -46.11
C ARG H 321 10.21 34.80 -47.34
N LEU H 322 9.75 34.30 -48.49
CA LEU H 322 9.71 35.07 -49.74
C LEU H 322 8.30 35.11 -50.29
N TYR H 323 7.81 36.34 -50.50
CA TYR H 323 6.48 36.58 -51.05
C TYR H 323 6.64 36.98 -52.52
N LEU H 324 6.49 36.00 -53.42
CA LEU H 324 6.55 36.28 -54.84
C LEU H 324 5.22 36.79 -55.34
N ARG H 325 5.26 37.87 -56.11
CA ARG H 325 4.07 38.51 -56.68
C ARG H 325 4.20 38.53 -58.20
N LYS H 326 3.25 37.92 -58.89
CA LYS H 326 3.24 37.92 -60.34
C LYS H 326 2.89 39.31 -60.85
N GLY H 327 3.67 39.79 -61.83
CA GLY H 327 3.43 41.09 -62.43
C GLY H 327 2.84 41.03 -63.82
N ARG H 328 3.56 41.60 -64.79
CA ARG H 328 3.15 41.56 -66.20
C ARG H 328 3.58 40.22 -66.79
N GLY H 329 2.94 39.15 -66.35
CA GLY H 329 3.29 37.83 -66.85
C GLY H 329 4.61 37.30 -66.33
N GLU H 330 5.64 37.33 -67.18
CA GLU H 330 6.90 36.66 -66.90
C GLU H 330 7.69 37.34 -65.78
N THR H 331 7.35 38.56 -65.38
CA THR H 331 8.06 39.18 -64.28
C THR H 331 7.38 38.86 -62.95
N ARG H 332 8.20 38.76 -61.89
CA ARG H 332 7.74 38.28 -60.59
C ARG H 332 8.30 39.20 -59.52
N ILE H 333 7.43 39.94 -58.84
CA ILE H 333 7.88 40.83 -57.77
C ILE H 333 8.21 40.00 -56.53
N CYS H 334 9.36 40.30 -55.91
CA CYS H 334 9.89 39.52 -54.79
C CYS H 334 9.89 40.36 -53.52
N LYS H 335 9.39 39.78 -52.43
CA LYS H 335 9.31 40.45 -51.14
C LYS H 335 9.88 39.55 -50.04
N ILE H 336 10.78 40.12 -49.25
CA ILE H 336 11.35 39.46 -48.08
C ILE H 336 10.39 39.60 -46.91
N TYR H 337 10.05 38.47 -46.27
CA TYR H 337 9.32 38.46 -45.02
C TYR H 337 10.08 37.64 -43.99
N ASP H 338 10.05 38.10 -42.74
CA ASP H 338 10.51 37.36 -41.55
C ASP H 338 11.97 36.91 -41.68
N SER H 339 12.86 37.90 -41.77
CA SER H 339 14.24 37.60 -42.08
C SER H 339 15.16 37.86 -40.90
N PRO H 340 16.13 36.98 -40.66
CA PRO H 340 17.11 37.23 -39.59
C PRO H 340 18.04 38.41 -39.89
N CYS H 341 18.71 38.39 -41.04
CA CYS H 341 19.80 39.32 -41.32
C CYS H 341 19.55 40.10 -42.60
N LEU H 342 18.28 40.32 -42.93
CA LEU H 342 17.94 41.02 -44.17
C LEU H 342 16.90 42.10 -43.87
N PRO H 343 17.08 43.32 -44.35
CA PRO H 343 15.95 44.25 -44.38
C PRO H 343 14.94 43.76 -45.39
N GLU H 344 13.66 43.90 -45.05
CA GLU H 344 12.60 43.33 -45.88
C GLU H 344 12.46 44.17 -47.15
N ALA H 345 13.24 43.81 -48.17
CA ALA H 345 13.41 44.66 -49.35
C ALA H 345 12.54 44.10 -50.49
N GLU H 346 12.30 44.96 -51.47
CA GLU H 346 11.46 44.63 -52.62
C GLU H 346 12.36 44.35 -53.81
N ALA H 347 11.93 43.42 -54.66
CA ALA H 347 12.72 43.00 -55.80
C ALA H 347 11.81 42.47 -56.88
N MET H 348 12.37 42.30 -58.08
CA MET H 348 11.66 41.75 -59.22
C MET H 348 12.47 40.61 -59.82
N PHE H 349 11.79 39.56 -60.28
CA PHE H 349 12.42 38.41 -60.91
C PHE H 349 11.79 38.17 -62.27
N ALA H 350 12.61 37.92 -63.27
CA ALA H 350 12.15 37.59 -64.61
C ALA H 350 12.60 36.17 -64.95
N ILE H 351 11.63 35.29 -65.17
CA ILE H 351 11.92 33.96 -65.69
C ILE H 351 12.27 34.09 -67.17
N ASN H 352 13.09 33.17 -67.67
CA ASN H 352 13.52 33.19 -69.04
C ASN H 352 13.25 31.83 -69.69
N ALA H 353 13.82 31.65 -70.88
CA ALA H 353 13.82 30.32 -71.50
C ALA H 353 14.91 29.45 -70.89
N ASP H 354 16.10 30.02 -70.67
CA ASP H 354 17.19 29.26 -70.06
C ASP H 354 16.95 29.05 -68.57
N GLY H 355 16.52 30.10 -67.87
CA GLY H 355 16.31 29.99 -66.45
C GLY H 355 16.08 31.31 -65.73
N VAL H 356 16.82 31.53 -64.66
CA VAL H 356 16.63 32.71 -63.83
C VAL H 356 17.21 33.94 -64.52
N GLY H 357 16.69 35.11 -64.13
CA GLY H 357 17.12 36.36 -64.71
C GLY H 357 16.71 37.52 -63.80
N ASP H 358 17.03 38.72 -64.26
CA ASP H 358 16.83 39.94 -63.48
C ASP H 358 15.35 40.24 -63.26
N PRO I 44 -5.50 35.42 21.91
CA PRO I 44 -4.11 35.26 21.49
C PRO I 44 -3.16 35.33 22.65
N GLN I 45 -3.51 34.69 23.76
CA GLN I 45 -2.76 34.87 25.00
C GLN I 45 -1.42 34.15 24.93
N PRO I 46 -0.35 34.77 25.38
CA PRO I 46 0.99 34.23 25.12
C PRO I 46 1.40 33.21 26.17
N ILE I 47 2.59 32.65 25.95
CA ILE I 47 3.16 31.50 26.67
C ILE I 47 3.26 31.70 28.18
N SER I 48 3.40 32.94 28.65
CA SER I 48 3.56 33.17 30.08
C SER I 48 2.27 32.89 30.87
N ARG I 49 1.14 32.80 30.19
CA ARG I 49 -0.11 32.53 30.90
C ARG I 49 -0.34 31.04 31.16
N LEU I 50 0.60 30.18 30.75
CA LEU I 50 0.49 28.77 31.07
C LEU I 50 1.61 28.27 31.96
N GLU I 51 2.53 29.13 32.36
CA GLU I 51 3.73 28.69 33.05
C GLU I 51 3.55 28.47 34.55
N GLN I 52 2.34 28.65 35.08
CA GLN I 52 2.11 28.53 36.51
C GLN I 52 1.84 27.07 36.87
N CYS I 53 1.32 26.85 38.09
CA CYS I 53 0.82 25.57 38.65
C CYS I 53 1.83 24.42 38.52
N GLY I 54 3.12 24.72 38.63
CA GLY I 54 4.11 23.68 38.49
C GLY I 54 4.41 23.31 37.06
N ILE I 55 4.50 24.29 36.16
CA ILE I 55 4.88 24.03 34.78
C ILE I 55 6.21 24.71 34.51
N ASN I 56 7.26 23.91 34.41
CA ASN I 56 8.61 24.43 34.27
C ASN I 56 8.83 25.10 32.91
N ALA I 57 9.68 26.11 32.91
CA ALA I 57 10.04 26.79 31.67
C ALA I 57 11.01 25.99 30.81
N ASN I 58 11.58 24.92 31.37
CA ASN I 58 12.51 24.09 30.62
C ASN I 58 11.82 23.36 29.47
N ASP I 59 10.70 22.69 29.76
CA ASP I 59 9.96 22.02 28.70
C ASP I 59 9.11 23.01 27.92
N VAL I 60 8.87 24.19 28.50
CA VAL I 60 8.10 25.23 27.80
C VAL I 60 8.91 25.78 26.63
N LYS I 61 10.20 26.09 26.87
CA LYS I 61 11.01 26.66 25.80
C LYS I 61 11.32 25.64 24.70
N LYS I 62 11.21 24.36 25.01
CA LYS I 62 11.34 23.33 23.98
C LYS I 62 10.13 23.36 23.05
N LEU I 63 8.96 23.66 23.60
CA LEU I 63 7.77 23.78 22.78
C LEU I 63 7.81 25.05 21.92
N GLU I 64 8.52 26.08 22.38
CA GLU I 64 8.69 27.28 21.57
C GLU I 64 9.58 26.99 20.37
N GLU I 65 10.56 26.11 20.55
CA GLU I 65 11.36 25.63 19.44
C GLU I 65 10.50 24.91 18.41
N ALA I 66 9.57 24.09 18.88
CA ALA I 66 8.80 23.26 17.96
C ALA I 66 7.55 23.97 17.43
N GLY I 67 7.70 25.20 16.96
CA GLY I 67 6.65 25.90 16.24
C GLY I 67 5.37 26.15 17.00
N TYR I 68 5.44 26.34 18.32
CA TYR I 68 4.26 26.53 19.14
C TYR I 68 4.50 27.72 20.05
N HIS I 69 3.71 28.78 19.88
CA HIS I 69 4.02 30.06 20.49
C HIS I 69 2.85 30.71 21.21
N THR I 70 1.93 29.93 21.74
CA THR I 70 0.81 30.50 22.48
C THR I 70 0.22 29.45 23.41
N VAL I 71 -0.76 29.89 24.20
CA VAL I 71 -1.53 28.95 25.01
C VAL I 71 -2.47 28.14 24.13
N GLU I 72 -3.09 28.80 23.15
CA GLU I 72 -4.22 28.20 22.44
C GLU I 72 -3.78 27.01 21.58
N ALA I 73 -2.64 27.13 20.90
CA ALA I 73 -2.20 26.07 19.99
C ALA I 73 -1.81 24.81 20.74
N VAL I 74 -1.32 24.95 21.96
CA VAL I 74 -0.98 23.78 22.77
C VAL I 74 -2.24 23.00 23.13
N ALA I 75 -3.36 23.70 23.33
CA ALA I 75 -4.63 23.00 23.41
C ALA I 75 -5.04 22.42 22.06
N TYR I 76 -4.68 23.08 20.96
CA TYR I 76 -5.07 22.62 19.64
C TYR I 76 -4.05 21.69 19.01
N ALA I 77 -3.22 21.07 19.80
CA ALA I 77 -2.32 20.15 19.15
C ALA I 77 -2.84 18.73 19.31
N PRO I 78 -2.51 17.80 18.42
CA PRO I 78 -2.74 16.39 18.74
C PRO I 78 -1.63 15.90 19.65
N LYS I 79 -2.02 15.08 20.62
CA LYS I 79 -1.10 14.63 21.65
C LYS I 79 0.00 13.74 21.05
N LYS I 80 -0.33 13.00 19.98
CA LYS I 80 0.65 12.13 19.34
C LYS I 80 1.75 12.94 18.66
N GLU I 81 1.43 14.14 18.18
CA GLU I 81 2.47 15.03 17.68
C GLU I 81 3.28 15.62 18.81
N LEU I 82 2.66 15.79 19.97
CA LEU I 82 3.35 16.40 21.11
C LEU I 82 4.39 15.47 21.69
N ILE I 83 4.07 14.19 21.83
CA ILE I 83 5.07 13.22 22.23
C ILE I 83 6.06 12.98 21.09
N ASN I 84 5.68 13.26 19.85
CA ASN I 84 6.63 13.19 18.74
C ASN I 84 7.66 14.30 18.81
N ILE I 85 7.43 15.35 19.60
CA ILE I 85 8.50 16.24 20.02
C ILE I 85 9.26 15.52 21.13
N LYS I 86 10.56 15.33 20.93
CA LYS I 86 11.37 14.53 21.82
C LYS I 86 11.62 15.25 23.14
N GLY I 87 11.51 14.50 24.23
CA GLY I 87 11.69 15.05 25.54
C GLY I 87 10.45 15.66 26.16
N ILE I 88 9.33 15.67 25.44
CA ILE I 88 8.06 16.14 25.98
C ILE I 88 7.51 15.02 26.86
N SER I 89 7.26 15.35 28.13
CA SER I 89 6.77 14.36 29.07
C SER I 89 5.32 14.00 28.77
N GLU I 90 5.01 12.72 28.92
CA GLU I 90 3.66 12.24 28.64
C GLU I 90 2.68 12.70 29.72
N ALA I 91 3.15 12.81 30.96
CA ALA I 91 2.27 13.26 32.03
C ALA I 91 2.18 14.78 32.08
N LYS I 92 3.28 15.46 31.74
CA LYS I 92 3.25 16.92 31.69
C LYS I 92 2.42 17.40 30.50
N ALA I 93 2.31 16.56 29.47
CA ALA I 93 1.34 16.82 28.41
C ALA I 93 -0.07 16.83 28.99
N ASP I 94 -0.38 15.88 29.87
CA ASP I 94 -1.69 15.87 30.53
C ASP I 94 -1.82 17.04 31.49
N LYS I 95 -0.70 17.61 31.92
CA LYS I 95 -0.75 18.80 32.76
C LYS I 95 -1.14 20.03 31.94
N ILE I 96 -0.55 20.19 30.76
CA ILE I 96 -0.79 21.41 29.99
C ILE I 96 -2.10 21.31 29.22
N LEU I 97 -2.47 20.10 28.78
CA LEU I 97 -3.69 19.95 27.99
C LEU I 97 -4.92 20.17 28.86
N THR I 98 -4.81 19.89 30.14
CA THR I 98 -5.87 20.25 31.07
C THR I 98 -5.79 21.71 31.48
N GLU I 99 -4.58 22.24 31.64
CA GLU I 99 -4.43 23.64 32.04
C GLU I 99 -4.88 24.59 30.95
N ALA I 100 -4.55 24.27 29.69
CA ALA I 100 -5.03 25.07 28.58
C ALA I 100 -6.53 24.94 28.43
N ALA I 101 -7.08 23.77 28.78
CA ALA I 101 -8.52 23.55 28.72
C ALA I 101 -9.27 24.42 29.72
N LYS I 102 -8.59 24.81 30.80
CA LYS I 102 -9.15 25.83 31.69
C LYS I 102 -9.10 27.20 31.04
N LEU I 103 -8.18 27.40 30.10
CA LEU I 103 -7.98 28.73 29.55
C LEU I 103 -8.74 28.96 28.24
N VAL I 104 -8.86 27.95 27.40
CA VAL I 104 -9.48 28.11 26.08
C VAL I 104 -10.94 27.69 26.18
N PRO I 105 -11.83 28.22 25.35
CA PRO I 105 -13.20 27.71 25.31
C PRO I 105 -13.29 26.47 24.44
N MET I 106 -13.44 25.33 25.10
CA MET I 106 -13.65 24.08 24.37
C MET I 106 -14.96 23.43 24.78
N GLY I 107 -15.90 24.19 25.32
CA GLY I 107 -17.16 23.68 25.78
C GLY I 107 -18.31 24.10 24.90
N PHE I 108 -19.48 23.52 25.17
CA PHE I 108 -20.64 23.76 24.34
C PHE I 108 -21.26 25.11 24.63
N THR I 109 -21.32 25.93 23.61
CA THR I 109 -21.93 27.24 23.68
C THR I 109 -23.32 27.11 23.09
N THR I 110 -24.25 27.93 23.57
CA THR I 110 -25.46 28.06 22.77
C THR I 110 -25.16 28.90 21.54
N ALA I 111 -26.11 28.92 20.61
CA ALA I 111 -25.81 29.58 19.36
C ALA I 111 -25.83 31.09 19.44
N THR I 112 -26.40 31.65 20.51
CA THR I 112 -26.45 33.11 20.63
C THR I 112 -25.09 33.68 20.93
N GLU I 113 -24.24 32.92 21.63
CA GLU I 113 -22.90 33.40 21.92
C GLU I 113 -22.07 33.50 20.65
N PHE I 114 -22.11 32.46 19.82
CA PHE I 114 -21.45 32.51 18.53
C PHE I 114 -22.12 33.52 17.60
N HIS I 115 -23.43 33.74 17.78
CA HIS I 115 -24.12 34.77 17.03
C HIS I 115 -23.56 36.14 17.34
N GLN I 116 -23.14 36.35 18.57
CA GLN I 116 -22.45 37.59 18.90
C GLN I 116 -21.09 37.64 18.25
N ARG I 117 -20.45 36.48 18.06
CA ARG I 117 -19.13 36.50 17.42
C ARG I 117 -19.26 36.74 15.92
N ARG I 118 -20.38 36.35 15.33
CA ARG I 118 -20.65 36.79 13.96
C ARG I 118 -20.98 38.27 13.92
N SER I 119 -21.54 38.79 15.01
CA SER I 119 -21.84 40.20 15.05
C SER I 119 -20.63 41.06 15.40
N GLU I 120 -19.50 40.44 15.75
CA GLU I 120 -18.28 41.18 16.03
C GLU I 120 -17.15 40.84 15.09
N ILE I 121 -17.42 40.77 13.80
CA ILE I 121 -16.37 40.58 12.80
C ILE I 121 -15.96 41.95 12.27
N ILE I 122 -14.67 42.11 11.97
CA ILE I 122 -14.19 43.37 11.42
C ILE I 122 -14.70 43.57 10.00
N GLN I 123 -14.71 42.50 9.21
CA GLN I 123 -15.23 42.46 7.84
C GLN I 123 -14.50 43.48 6.94
N ILE I 124 -13.23 43.15 6.68
CA ILE I 124 -12.33 44.01 5.92
C ILE I 124 -12.89 44.26 4.52
N THR I 125 -12.73 45.49 4.05
CA THR I 125 -13.31 45.91 2.78
C THR I 125 -12.23 46.11 1.73
N THR I 126 -12.64 46.03 0.47
CA THR I 126 -11.74 46.15 -0.66
C THR I 126 -11.74 47.54 -1.29
N GLY I 127 -12.55 48.46 -0.77
CA GLY I 127 -12.57 49.82 -1.28
C GLY I 127 -13.43 50.04 -2.50
N SER I 128 -13.91 48.98 -3.14
CA SER I 128 -14.84 49.08 -4.25
C SER I 128 -16.23 48.69 -3.76
N LYS I 129 -17.24 49.48 -4.14
CA LYS I 129 -18.55 49.35 -3.52
C LYS I 129 -19.25 48.08 -3.94
N GLU I 130 -19.09 47.67 -5.20
CA GLU I 130 -19.81 46.50 -5.69
C GLU I 130 -19.29 45.23 -5.06
N LEU I 131 -18.00 45.19 -4.76
CA LEU I 131 -17.44 44.00 -4.11
C LEU I 131 -17.91 43.88 -2.68
N ASP I 132 -17.88 44.98 -1.94
CA ASP I 132 -18.27 44.92 -0.53
C ASP I 132 -19.77 44.72 -0.38
N LYS I 133 -20.54 45.19 -1.37
CA LYS I 133 -21.97 44.89 -1.38
C LYS I 133 -22.19 43.40 -1.63
N LEU I 134 -21.37 42.80 -2.49
CA LEU I 134 -21.46 41.36 -2.73
C LEU I 134 -21.16 40.56 -1.48
N LEU I 135 -20.06 40.86 -0.82
CA LEU I 135 -19.66 40.10 0.36
C LEU I 135 -20.30 40.58 1.64
N GLN I 136 -21.38 41.37 1.51
CA GLN I 136 -22.18 41.88 2.62
C GLN I 136 -21.32 42.66 3.62
N GLY I 137 -20.51 43.54 3.07
CA GLY I 137 -19.62 44.34 3.85
C GLY I 137 -18.15 44.06 3.64
N GLY I 138 -17.81 42.91 3.05
CA GLY I 138 -16.44 42.70 2.66
C GLY I 138 -15.90 41.37 3.16
N ILE I 139 -14.58 41.26 3.10
CA ILE I 139 -13.89 40.01 3.42
C ILE I 139 -13.96 39.77 4.92
N GLU I 140 -14.46 38.62 5.32
CA GLU I 140 -14.59 38.28 6.72
C GLU I 140 -13.22 38.01 7.34
N THR I 141 -13.16 38.05 8.66
CA THR I 141 -11.97 37.69 9.41
C THR I 141 -12.16 36.32 10.04
N GLY I 142 -11.05 35.67 10.36
CA GLY I 142 -11.09 34.34 10.94
C GLY I 142 -11.49 33.23 9.98
N SER I 143 -11.61 33.52 8.70
CA SER I 143 -12.05 32.54 7.71
C SER I 143 -11.14 32.61 6.51
N ILE I 144 -10.63 31.45 6.10
CA ILE I 144 -9.77 31.37 4.93
C ILE I 144 -10.58 31.65 3.68
N THR I 145 -10.07 32.53 2.83
CA THR I 145 -10.79 33.01 1.66
C THR I 145 -9.91 32.89 0.43
N GLU I 146 -10.45 32.31 -0.63
CA GLU I 146 -9.68 31.93 -1.79
C GLU I 146 -9.95 32.84 -2.98
N MET I 147 -8.89 33.38 -3.54
CA MET I 147 -8.99 34.01 -4.84
C MET I 147 -8.44 33.04 -5.85
N PHE I 148 -9.12 32.91 -7.00
CA PHE I 148 -8.55 32.16 -8.12
C PHE I 148 -9.14 32.67 -9.42
N GLY I 149 -8.28 32.77 -10.42
CA GLY I 149 -8.65 33.26 -11.74
C GLY I 149 -7.57 32.82 -12.70
N GLU I 150 -7.80 33.11 -13.97
CA GLU I 150 -6.98 32.57 -15.05
C GLU I 150 -5.54 33.04 -14.97
N PHE I 151 -5.34 34.31 -15.27
CA PHE I 151 -4.18 35.18 -15.09
C PHE I 151 -4.65 36.50 -15.67
N ARG I 152 -3.83 37.54 -15.49
CA ARG I 152 -4.11 38.90 -15.93
C ARG I 152 -5.42 39.42 -15.36
N THR I 153 -5.83 38.93 -14.19
CA THR I 153 -7.18 39.21 -13.73
C THR I 153 -7.15 40.14 -12.53
N GLY I 154 -6.09 40.09 -11.74
CA GLY I 154 -5.94 41.07 -10.69
C GLY I 154 -5.81 40.48 -9.31
N LYS I 155 -5.48 39.19 -9.24
CA LYS I 155 -5.31 38.55 -7.95
C LYS I 155 -4.11 39.12 -7.21
N THR I 156 -3.02 39.36 -7.91
CA THR I 156 -1.91 40.07 -7.28
C THR I 156 -2.19 41.55 -7.18
N GLN I 157 -3.30 42.03 -7.73
CA GLN I 157 -3.66 43.44 -7.55
C GLN I 157 -4.75 43.59 -6.49
N ILE I 158 -5.55 42.55 -6.26
CA ILE I 158 -6.51 42.58 -5.18
C ILE I 158 -5.81 42.58 -3.84
N CYS I 159 -4.80 41.72 -3.70
CA CYS I 159 -4.14 41.52 -2.42
C CYS I 159 -3.31 42.72 -2.01
N HIS I 160 -2.93 43.56 -2.97
CA HIS I 160 -2.32 44.82 -2.56
C HIS I 160 -3.37 45.77 -2.02
N THR I 161 -4.53 45.81 -2.67
CA THR I 161 -5.56 46.76 -2.27
C THR I 161 -6.18 46.38 -0.94
N LEU I 162 -6.10 45.10 -0.58
CA LEU I 162 -6.43 44.72 0.79
C LEU I 162 -5.37 45.24 1.74
N ALA I 163 -4.10 45.15 1.32
CA ALA I 163 -3.00 45.40 2.24
C ALA I 163 -2.88 46.88 2.58
N VAL I 164 -3.48 47.74 1.76
CA VAL I 164 -3.72 49.11 2.20
C VAL I 164 -4.91 49.14 3.15
N THR I 165 -6.02 48.55 2.73
CA THR I 165 -7.27 48.74 3.45
C THR I 165 -7.38 47.87 4.69
N CYS I 166 -6.34 47.13 5.03
CA CYS I 166 -6.28 46.58 6.38
C CYS I 166 -6.03 47.70 7.38
N GLN I 167 -5.25 48.72 7.00
CA GLN I 167 -4.75 49.72 7.92
C GLN I 167 -5.81 50.70 8.41
N LEU I 168 -6.95 50.77 7.74
CA LEU I 168 -7.90 51.84 7.99
C LEU I 168 -8.64 51.63 9.30
N PRO I 169 -9.23 52.69 9.85
CA PRO I 169 -10.13 52.53 11.00
C PRO I 169 -11.39 51.77 10.64
N ILE I 170 -12.06 51.30 11.69
CA ILE I 170 -13.16 50.37 11.53
C ILE I 170 -14.37 51.08 10.94
N ASP I 171 -14.49 52.38 11.20
CA ASP I 171 -15.54 53.15 10.55
C ASP I 171 -15.24 53.33 9.07
N ARG I 172 -13.97 53.42 8.72
CA ARG I 172 -13.54 53.53 7.33
C ARG I 172 -13.38 52.17 6.66
N GLY I 173 -13.98 51.12 7.24
CA GLY I 173 -13.97 49.80 6.66
C GLY I 173 -12.82 48.93 7.09
N GLY I 174 -11.69 49.52 7.45
CA GLY I 174 -10.48 48.74 7.65
C GLY I 174 -10.46 47.97 8.94
N GLY I 175 -9.28 47.42 9.22
CA GLY I 175 -9.10 46.55 10.35
C GLY I 175 -8.31 47.10 11.50
N GLU I 176 -7.50 48.13 11.24
CA GLU I 176 -6.58 48.71 12.22
C GLU I 176 -5.66 47.67 12.83
N GLY I 177 -5.10 46.83 11.98
CA GLY I 177 -4.00 45.98 12.39
C GLY I 177 -2.92 46.13 11.35
N LYS I 178 -1.77 45.54 11.65
CA LYS I 178 -0.78 45.42 10.60
C LYS I 178 -1.20 44.30 9.66
N ALA I 179 -0.59 44.27 8.49
CA ALA I 179 -0.93 43.28 7.49
C ALA I 179 0.33 42.60 6.98
N MET I 180 0.33 41.28 7.02
CA MET I 180 1.49 40.50 6.64
C MET I 180 1.17 39.81 5.32
N TYR I 181 1.96 40.09 4.31
CA TYR I 181 1.75 39.60 2.96
C TYR I 181 2.92 38.68 2.66
N ILE I 182 2.68 37.40 2.60
CA ILE I 182 3.77 36.46 2.40
C ILE I 182 3.69 35.91 0.98
N ASP I 183 4.71 36.22 0.19
CA ASP I 183 4.60 35.94 -1.23
C ASP I 183 5.54 34.82 -1.63
N THR I 184 5.20 34.14 -2.71
CA THR I 184 6.08 33.14 -3.30
C THR I 184 6.60 33.53 -4.66
N GLU I 185 6.02 34.52 -5.31
CA GLU I 185 6.39 34.83 -6.67
C GLU I 185 7.41 35.95 -6.78
N GLY I 186 7.63 36.72 -5.73
CA GLY I 186 8.42 37.93 -5.90
C GLY I 186 7.69 38.99 -6.68
N THR I 187 6.36 38.92 -6.69
CA THR I 187 5.51 39.88 -7.40
C THR I 187 5.12 41.06 -6.54
N PHE I 188 5.87 41.35 -5.49
CA PHE I 188 5.53 42.46 -4.62
C PHE I 188 5.98 43.76 -5.26
N ARG I 189 5.02 44.62 -5.57
CA ARG I 189 5.31 45.93 -6.17
C ARG I 189 4.75 46.99 -5.26
N PRO I 190 5.54 47.55 -4.34
CA PRO I 190 4.99 48.46 -3.33
C PRO I 190 4.68 49.84 -3.85
N GLU I 191 4.76 50.09 -5.15
CA GLU I 191 4.38 51.40 -5.66
C GLU I 191 2.90 51.44 -5.96
N ARG I 192 2.31 50.28 -6.26
CA ARG I 192 0.86 50.16 -6.23
C ARG I 192 0.34 50.38 -4.81
N LEU I 193 1.12 49.98 -3.82
CA LEU I 193 0.77 50.22 -2.43
C LEU I 193 0.69 51.72 -2.15
N LEU I 194 1.64 52.47 -2.69
CA LEU I 194 1.63 53.91 -2.48
C LEU I 194 0.48 54.57 -3.22
N ALA I 195 0.03 53.95 -4.31
CA ALA I 195 -1.06 54.53 -5.09
C ALA I 195 -2.39 54.34 -4.39
N VAL I 196 -2.53 53.27 -3.62
CA VAL I 196 -3.80 53.00 -2.95
C VAL I 196 -3.78 53.61 -1.55
N ALA I 197 -2.58 53.81 -1.00
CA ALA I 197 -2.45 54.70 0.15
C ALA I 197 -2.85 56.12 -0.24
N GLU I 198 -2.56 56.50 -1.48
CA GLU I 198 -2.98 57.79 -2.01
C GLU I 198 -4.49 57.86 -2.20
N ARG I 199 -5.13 56.70 -2.39
CA ARG I 199 -6.58 56.67 -2.59
C ARG I 199 -7.33 57.14 -1.35
N TYR I 200 -6.90 56.71 -0.18
CA TYR I 200 -7.46 57.22 1.06
C TYR I 200 -6.63 58.35 1.64
N GLY I 201 -5.59 58.77 0.93
CA GLY I 201 -4.81 59.93 1.33
C GLY I 201 -3.94 59.76 2.55
N LEU I 202 -3.83 58.55 3.08
CA LEU I 202 -3.08 58.35 4.32
C LEU I 202 -1.60 58.27 4.02
N SER I 203 -0.80 58.29 5.09
CA SER I 203 0.65 58.41 4.98
C SER I 203 1.24 57.11 4.47
N GLY I 204 1.70 57.12 3.22
CA GLY I 204 2.19 55.90 2.61
C GLY I 204 3.46 55.38 3.25
N SER I 205 4.32 56.29 3.72
CA SER I 205 5.55 55.85 4.38
C SER I 205 5.26 55.28 5.75
N ASP I 206 4.11 55.63 6.33
CA ASP I 206 3.65 54.91 7.51
C ASP I 206 3.08 53.56 7.10
N VAL I 207 2.40 53.52 5.95
CA VAL I 207 1.71 52.32 5.51
C VAL I 207 2.71 51.22 5.18
N LEU I 208 3.74 51.56 4.42
CA LEU I 208 4.73 50.57 4.03
C LEU I 208 5.70 50.23 5.16
N ASP I 209 5.51 50.79 6.35
CA ASP I 209 6.24 50.30 7.52
C ASP I 209 5.49 49.16 8.20
N ASN I 210 4.19 49.06 7.97
CA ASN I 210 3.41 48.01 8.61
C ASN I 210 3.67 46.66 7.97
N VAL I 211 3.80 46.62 6.65
CA VAL I 211 3.65 45.39 5.90
C VAL I 211 4.86 44.50 6.13
N ALA I 212 4.64 43.38 6.80
CA ALA I 212 5.69 42.41 7.10
C ALA I 212 5.78 41.43 5.95
N TYR I 213 6.58 41.77 4.96
CA TYR I 213 6.76 40.98 3.76
C TYR I 213 7.71 39.82 4.07
N ALA I 214 7.55 38.73 3.33
CA ALA I 214 8.51 37.62 3.35
C ALA I 214 8.35 36.80 2.08
N ARG I 215 9.47 36.49 1.45
CA ARG I 215 9.48 35.84 0.15
C ARG I 215 9.74 34.36 0.34
N GLY I 216 8.76 33.54 -0.01
CA GLY I 216 8.93 32.12 0.09
C GLY I 216 9.72 31.57 -1.07
N PHE I 217 10.33 30.42 -0.85
CA PHE I 217 11.03 29.71 -1.91
C PHE I 217 10.52 28.30 -2.12
N ASN I 218 10.29 27.56 -1.06
CA ASN I 218 9.97 26.15 -1.18
C ASN I 218 8.62 25.86 -0.55
N THR I 219 8.09 24.69 -0.87
CA THR I 219 6.82 24.25 -0.30
C THR I 219 6.94 24.08 1.21
N ASP I 220 8.04 23.51 1.68
CA ASP I 220 8.24 23.43 3.11
C ASP I 220 8.85 24.71 3.66
N HIS I 221 9.22 25.65 2.78
CA HIS I 221 9.53 26.98 3.26
C HIS I 221 8.27 27.83 3.32
N GLN I 222 7.15 27.33 2.81
CA GLN I 222 5.88 28.00 3.08
C GLN I 222 5.50 27.84 4.55
N THR I 223 5.40 26.60 5.02
CA THR I 223 4.89 26.36 6.36
C THR I 223 5.89 26.79 7.42
N GLN I 224 7.17 26.87 7.05
CA GLN I 224 8.17 27.32 8.00
C GLN I 224 7.98 28.79 8.34
N LEU I 225 7.56 29.60 7.38
CA LEU I 225 7.46 31.03 7.60
C LEU I 225 6.28 31.37 8.48
N LEU I 226 5.27 30.52 8.50
CA LEU I 226 4.16 30.75 9.41
C LEU I 226 4.61 30.57 10.85
N TYR I 227 5.63 29.75 11.08
CA TYR I 227 6.13 29.56 12.44
C TYR I 227 6.86 30.81 12.90
N GLN I 228 7.49 31.52 11.98
CA GLN I 228 8.01 32.83 12.32
C GLN I 228 6.87 33.84 12.40
N ALA I 229 5.76 33.57 11.71
CA ALA I 229 4.66 34.51 11.73
C ALA I 229 3.90 34.46 13.04
N GLU I 230 3.70 33.26 13.57
CA GLU I 230 2.99 33.09 14.84
C GLU I 230 3.58 33.96 15.92
N ASP I 231 4.90 33.91 16.09
CA ASP I 231 5.55 34.73 17.09
C ASP I 231 5.26 36.18 16.78
N MET I 232 5.46 36.56 15.53
CA MET I 232 5.15 37.93 15.12
C MET I 232 3.68 38.20 15.39
N MET I 233 2.87 37.15 15.31
CA MET I 233 1.44 37.35 15.50
C MET I 233 1.12 37.69 16.94
N VAL I 234 1.92 37.16 17.86
CA VAL I 234 1.65 37.37 19.27
C VAL I 234 2.01 38.79 19.68
N GLU I 235 3.17 39.29 19.24
CA GLU I 235 3.71 40.56 19.72
C GLU I 235 2.82 41.75 19.32
N SER I 236 2.74 42.03 18.02
CA SER I 236 1.89 43.10 17.53
C SER I 236 0.53 42.53 17.18
N ARG I 237 -0.38 43.40 16.80
CA ARG I 237 -1.67 42.93 16.33
C ARG I 237 -1.68 42.85 14.81
N TYR I 238 -1.99 41.66 14.30
CA TYR I 238 -2.18 41.50 12.87
C TYR I 238 -3.67 41.37 12.63
N ALA I 239 -4.09 41.65 11.41
CA ALA I 239 -5.46 41.36 11.02
C ALA I 239 -5.59 40.78 9.63
N LEU I 240 -4.54 40.72 8.83
CA LEU I 240 -4.64 40.29 7.44
C LEU I 240 -3.39 39.56 7.03
N LEU I 241 -3.50 38.26 6.84
CA LEU I 241 -2.42 37.42 6.37
C LEU I 241 -2.75 37.02 4.96
N ILE I 242 -1.90 37.37 4.02
CA ILE I 242 -2.19 37.12 2.62
C ILE I 242 -1.06 36.31 2.02
N VAL I 243 -1.38 35.12 1.55
CA VAL I 243 -0.47 34.32 0.74
C VAL I 243 -0.81 34.66 -0.70
N ASP I 244 0.12 35.31 -1.42
CA ASP I 244 -0.26 35.83 -2.73
C ASP I 244 -0.28 34.76 -3.80
N SER I 245 0.24 33.59 -3.49
CA SER I 245 0.23 32.45 -4.40
C SER I 245 0.40 31.23 -3.51
N ALA I 246 -0.69 30.53 -3.23
CA ALA I 246 -0.59 29.41 -2.33
C ALA I 246 0.08 28.23 -3.01
N THR I 247 -0.43 27.83 -4.16
CA THR I 247 -0.02 26.60 -4.79
C THR I 247 1.09 26.78 -5.81
N ALA I 248 1.70 27.96 -5.87
CA ALA I 248 2.64 28.23 -6.95
C ALA I 248 3.95 27.48 -6.76
N LEU I 249 4.20 26.97 -5.56
CA LEU I 249 5.32 26.06 -5.42
C LEU I 249 4.84 24.62 -5.46
N TYR I 250 3.53 24.40 -5.36
CA TYR I 250 3.00 23.05 -5.50
C TYR I 250 2.70 22.70 -6.95
N ARG I 251 3.01 23.58 -7.88
CA ARG I 251 2.95 23.20 -9.28
C ARG I 251 4.22 22.49 -9.70
N THR I 252 5.35 22.91 -9.15
CA THR I 252 6.63 22.38 -9.59
C THR I 252 7.15 21.28 -8.69
N ASP I 253 7.06 21.45 -7.38
CA ASP I 253 7.88 20.66 -6.47
C ASP I 253 7.40 19.23 -6.38
N TYR I 254 6.12 19.00 -6.56
CA TYR I 254 5.58 17.66 -6.49
C TYR I 254 5.03 17.35 -7.87
N SER I 255 5.91 16.88 -8.75
CA SER I 255 5.57 16.71 -10.16
C SER I 255 4.74 15.45 -10.32
N GLY I 256 3.42 15.61 -10.40
CA GLY I 256 2.52 14.48 -10.57
C GLY I 256 2.64 13.85 -11.94
N ARG I 257 2.01 12.68 -12.10
CA ARG I 257 1.07 12.09 -11.16
C ARG I 257 1.81 11.00 -10.37
N GLY I 258 3.10 11.24 -10.14
CA GLY I 258 3.85 10.35 -9.28
C GLY I 258 3.43 10.47 -7.83
N GLU I 259 3.72 11.61 -7.21
CA GLU I 259 3.60 11.79 -5.77
C GLU I 259 2.37 12.63 -5.42
N LEU I 260 1.28 12.41 -6.15
CA LEU I 260 0.08 13.21 -5.96
C LEU I 260 -0.55 13.00 -4.59
N SER I 261 -0.36 11.83 -3.98
CA SER I 261 -0.75 11.69 -2.59
C SER I 261 0.19 12.47 -1.69
N ALA I 262 1.47 12.51 -2.05
CA ALA I 262 2.46 13.15 -1.18
C ALA I 262 2.36 14.66 -1.23
N ARG I 263 1.80 15.21 -2.31
CA ARG I 263 1.56 16.64 -2.36
C ARG I 263 0.35 17.01 -1.52
N GLN I 264 -0.76 16.30 -1.71
CA GLN I 264 -2.02 16.69 -1.10
C GLN I 264 -1.97 16.53 0.41
N MET I 265 -1.12 15.64 0.90
CA MET I 265 -0.84 15.61 2.33
C MET I 265 -0.11 16.87 2.75
N HIS I 266 0.84 17.31 1.95
CA HIS I 266 1.66 18.44 2.37
C HIS I 266 0.92 19.75 2.17
N LEU I 267 -0.13 19.75 1.37
CA LEU I 267 -0.92 20.96 1.26
C LEU I 267 -1.87 21.08 2.43
N ALA I 268 -2.39 19.95 2.90
CA ALA I 268 -3.42 19.99 3.93
C ALA I 268 -2.82 20.41 5.26
N ARG I 269 -1.62 19.94 5.57
CA ARG I 269 -0.95 20.34 6.80
C ARG I 269 -0.62 21.83 6.76
N PHE I 270 -0.35 22.35 5.56
CA PHE I 270 -0.28 23.79 5.42
C PHE I 270 -1.66 24.40 5.59
N LEU I 271 -2.69 23.78 5.03
CA LEU I 271 -3.98 24.40 5.09
C LEU I 271 -4.66 24.18 6.43
N ARG I 272 -4.25 23.17 7.18
CA ARG I 272 -4.68 23.08 8.56
C ARG I 272 -3.98 24.14 9.40
N MET I 273 -2.73 24.45 9.04
CA MET I 273 -1.92 25.40 9.80
C MET I 273 -2.53 26.79 9.79
N LEU I 274 -3.06 27.20 8.64
CA LEU I 274 -3.72 28.49 8.55
C LEU I 274 -5.00 28.50 9.36
N LEU I 275 -5.71 27.38 9.39
CA LEU I 275 -6.94 27.35 10.15
C LEU I 275 -6.65 27.26 11.64
N ARG I 276 -5.39 27.00 12.00
CA ARG I 276 -4.96 27.30 13.35
C ARG I 276 -4.68 28.79 13.49
N LEU I 277 -3.99 29.38 12.51
CA LEU I 277 -3.67 30.80 12.55
C LEU I 277 -4.89 31.67 12.43
N ALA I 278 -5.82 31.31 11.54
CA ALA I 278 -6.97 32.17 11.33
C ALA I 278 -7.92 32.12 12.51
N ASP I 279 -7.92 31.01 13.24
CA ASP I 279 -8.86 30.90 14.34
C ASP I 279 -8.32 31.50 15.61
N GLU I 280 -7.00 31.49 15.78
CA GLU I 280 -6.46 31.97 17.03
C GLU I 280 -6.42 33.49 17.07
N PHE I 281 -5.62 34.09 16.20
CA PHE I 281 -5.40 35.53 16.22
C PHE I 281 -6.46 36.30 15.47
N GLY I 282 -7.54 35.65 15.03
CA GLY I 282 -8.66 36.31 14.37
C GLY I 282 -8.36 36.91 13.02
N VAL I 283 -7.22 36.56 12.45
CA VAL I 283 -6.71 37.21 11.25
C VAL I 283 -7.48 36.71 10.03
N ALA I 284 -7.96 37.64 9.22
CA ALA I 284 -8.50 37.30 7.91
C ALA I 284 -7.38 36.78 7.03
N VAL I 285 -7.58 35.63 6.41
CA VAL I 285 -6.53 34.99 5.63
C VAL I 285 -7.00 34.84 4.20
N VAL I 286 -6.23 35.39 3.26
CA VAL I 286 -6.62 35.39 1.86
C VAL I 286 -5.62 34.55 1.07
N ILE I 287 -6.13 33.55 0.36
CA ILE I 287 -5.36 32.56 -0.38
C ILE I 287 -5.57 32.81 -1.86
N THR I 288 -4.49 32.72 -2.64
CA THR I 288 -4.54 32.96 -4.07
C THR I 288 -4.02 31.75 -4.83
N ASN I 289 -4.82 31.28 -5.78
CA ASN I 289 -4.55 30.06 -6.53
C ASN I 289 -4.16 30.36 -7.96
N GLN I 290 -4.02 29.29 -8.74
CA GLN I 290 -3.87 29.34 -10.18
C GLN I 290 -4.89 28.41 -10.80
N VAL I 291 -4.80 28.21 -12.10
CA VAL I 291 -5.81 27.46 -12.83
C VAL I 291 -5.14 26.45 -13.74
N VAL I 292 -5.53 25.18 -13.63
CA VAL I 292 -5.19 24.16 -14.60
C VAL I 292 -6.32 24.04 -15.61
N ALA I 293 -5.99 24.12 -16.90
CA ALA I 293 -6.98 23.96 -17.96
C ALA I 293 -7.23 22.48 -18.14
N GLN I 294 -8.45 22.05 -17.86
CA GLN I 294 -8.77 20.63 -17.82
C GLN I 294 -8.93 20.09 -19.23
N VAL I 295 -8.42 18.88 -19.46
CA VAL I 295 -8.32 18.33 -20.80
C VAL I 295 -9.38 17.25 -20.95
N ASP I 296 -10.44 17.60 -21.68
CA ASP I 296 -11.45 16.65 -22.12
C ASP I 296 -11.83 17.04 -23.54
N GLY I 297 -12.99 16.58 -24.01
CA GLY I 297 -13.37 16.77 -25.40
C GLY I 297 -13.66 18.19 -25.83
N ALA I 298 -14.80 18.73 -25.45
CA ALA I 298 -15.14 20.11 -25.82
C ALA I 298 -15.59 20.95 -24.64
N ALA I 299 -16.33 20.39 -23.69
CA ALA I 299 -16.94 21.19 -22.64
C ALA I 299 -15.96 21.49 -21.52
N MET I 300 -15.06 20.56 -21.24
CA MET I 300 -14.08 20.77 -20.19
C MET I 300 -12.76 20.06 -20.54
N PRO I 305 -15.46 27.65 -16.92
CA PRO I 305 -15.06 26.30 -17.31
C PRO I 305 -13.58 26.08 -17.09
N LYS I 306 -13.06 26.52 -15.94
CA LYS I 306 -11.62 26.65 -15.79
C LYS I 306 -11.00 25.66 -14.82
N LYS I 307 -11.72 25.22 -13.78
CA LYS I 307 -11.31 24.14 -12.88
C LYS I 307 -10.00 24.43 -12.15
N PRO I 308 -10.05 25.15 -11.03
CA PRO I 308 -8.85 25.51 -10.26
C PRO I 308 -7.93 24.38 -9.85
N ILE I 309 -6.75 24.74 -9.36
CA ILE I 309 -5.79 23.79 -8.85
C ILE I 309 -6.24 23.39 -7.46
N GLY I 310 -5.63 22.34 -6.90
CA GLY I 310 -5.84 21.99 -5.52
C GLY I 310 -6.67 20.75 -5.38
N GLY I 311 -7.70 20.62 -6.21
CA GLY I 311 -8.43 19.38 -6.16
C GLY I 311 -9.45 19.41 -5.04
N ASN I 312 -9.34 18.45 -4.13
CA ASN I 312 -10.36 18.35 -3.09
C ASN I 312 -9.80 18.68 -1.72
N ILE I 313 -8.49 18.86 -1.60
CA ILE I 313 -7.93 19.27 -0.32
C ILE I 313 -8.15 20.76 -0.11
N ILE I 314 -7.82 21.56 -1.11
CA ILE I 314 -7.95 23.01 -0.94
C ILE I 314 -9.39 23.44 -1.06
N ALA I 315 -10.25 22.62 -1.67
CA ALA I 315 -11.60 23.09 -1.97
C ALA I 315 -12.47 23.04 -0.73
N HIS I 316 -12.15 22.14 0.18
CA HIS I 316 -13.02 21.95 1.31
C HIS I 316 -12.78 23.00 2.38
N ALA I 317 -11.53 23.11 2.83
CA ALA I 317 -11.24 23.83 4.05
C ALA I 317 -11.38 25.34 3.87
N SER I 318 -11.28 25.82 2.65
CA SER I 318 -11.50 27.24 2.39
C SER I 318 -12.95 27.58 2.59
N THR I 319 -13.20 28.72 3.24
CA THR I 319 -14.57 29.06 3.57
C THR I 319 -15.32 29.56 2.34
N THR I 320 -14.89 30.69 1.78
CA THR I 320 -15.48 31.22 0.56
C THR I 320 -14.42 31.30 -0.52
N ARG I 321 -14.80 30.95 -1.74
CA ARG I 321 -13.91 31.06 -2.88
C ARG I 321 -14.46 32.09 -3.84
N LEU I 322 -13.57 32.75 -4.57
CA LEU I 322 -13.96 33.83 -5.45
C LEU I 322 -13.37 33.57 -6.82
N TYR I 323 -14.24 33.49 -7.82
CA TYR I 323 -13.84 33.24 -9.19
C TYR I 323 -13.71 34.57 -9.92
N LEU I 324 -12.74 34.66 -10.81
CA LEU I 324 -12.35 35.96 -11.38
C LEU I 324 -12.24 35.88 -12.90
N ARG I 325 -13.25 36.42 -13.59
CA ARG I 325 -13.36 36.35 -15.03
C ARG I 325 -12.95 37.67 -15.67
N LYS I 326 -12.23 37.55 -16.78
CA LYS I 326 -11.85 38.72 -17.56
C LYS I 326 -13.05 39.27 -18.32
N GLY I 327 -13.30 40.58 -18.16
CA GLY I 327 -14.25 41.29 -18.98
C GLY I 327 -13.55 42.15 -20.02
N ARG I 328 -14.31 43.05 -20.62
CA ARG I 328 -13.77 43.90 -21.67
C ARG I 328 -13.27 45.21 -21.09
N GLY I 329 -12.19 45.73 -21.66
CA GLY I 329 -11.55 46.87 -21.05
C GLY I 329 -10.76 46.45 -19.82
N GLU I 330 -10.68 47.36 -18.85
CA GLU I 330 -10.09 47.01 -17.56
C GLU I 330 -11.10 46.40 -16.61
N THR I 331 -12.34 46.20 -17.05
CA THR I 331 -13.32 45.50 -16.24
C THR I 331 -12.95 44.04 -16.10
N ARG I 332 -13.01 43.54 -14.87
CA ARG I 332 -12.94 42.12 -14.60
C ARG I 332 -14.21 41.73 -13.86
N ILE I 333 -14.54 40.45 -13.88
CA ILE I 333 -15.81 39.96 -13.39
C ILE I 333 -15.57 38.97 -12.27
N CYS I 334 -16.24 39.17 -11.14
CA CYS I 334 -16.11 38.33 -9.97
C CYS I 334 -17.35 37.46 -9.83
N LYS I 335 -17.23 36.37 -9.07
CA LYS I 335 -18.37 35.51 -8.79
C LYS I 335 -18.11 34.71 -7.52
N ILE I 336 -19.20 34.39 -6.83
CA ILE I 336 -19.18 33.63 -5.59
C ILE I 336 -18.98 32.15 -5.90
N TYR I 337 -18.37 31.43 -4.98
CA TYR I 337 -18.04 30.04 -5.18
C TYR I 337 -17.84 29.45 -3.79
N ASP I 338 -18.70 28.50 -3.37
CA ASP I 338 -18.62 27.78 -2.10
C ASP I 338 -18.82 28.67 -0.86
N SER I 339 -19.33 29.87 -1.02
CA SER I 339 -19.49 30.72 0.16
C SER I 339 -20.66 30.22 1.00
N PRO I 340 -20.44 29.87 2.27
CA PRO I 340 -21.49 29.17 3.03
C PRO I 340 -22.64 30.05 3.44
N CYS I 341 -22.44 31.36 3.51
CA CYS I 341 -23.48 32.30 3.86
C CYS I 341 -24.00 33.10 2.67
N LEU I 342 -23.12 33.49 1.76
CA LEU I 342 -23.53 34.35 0.67
C LEU I 342 -24.13 33.52 -0.46
N PRO I 343 -25.13 34.05 -1.14
CA PRO I 343 -25.64 33.38 -2.35
C PRO I 343 -24.68 33.60 -3.51
N GLU I 344 -24.93 32.88 -4.59
CA GLU I 344 -24.12 32.97 -5.81
C GLU I 344 -24.55 34.21 -6.58
N ALA I 345 -23.61 35.15 -6.75
CA ALA I 345 -23.89 36.34 -7.53
C ALA I 345 -22.62 36.76 -8.26
N GLU I 346 -22.78 37.65 -9.23
CA GLU I 346 -21.69 38.10 -10.08
C GLU I 346 -21.44 39.57 -9.84
N ALA I 347 -20.18 39.93 -9.63
CA ALA I 347 -19.79 41.29 -9.31
C ALA I 347 -18.86 41.85 -10.37
N MET I 348 -19.09 43.09 -10.74
CA MET I 348 -18.27 43.80 -11.71
C MET I 348 -17.35 44.75 -10.96
N PHE I 349 -16.10 44.81 -11.39
CA PHE I 349 -15.13 45.67 -10.75
C PHE I 349 -14.02 45.95 -11.75
N ALA I 350 -13.38 47.11 -11.60
CA ALA I 350 -12.38 47.53 -12.55
C ALA I 350 -11.10 47.88 -11.82
N ILE I 351 -9.98 47.31 -12.28
CA ILE I 351 -8.67 47.75 -11.83
C ILE I 351 -8.46 49.18 -12.33
N ASN I 352 -8.40 50.13 -11.42
CA ASN I 352 -8.16 51.49 -11.81
C ASN I 352 -6.66 51.71 -11.99
N ALA I 353 -6.28 52.96 -12.25
CA ALA I 353 -4.88 53.33 -12.16
C ALA I 353 -4.39 53.14 -10.74
N ASP I 354 -5.19 53.54 -9.77
CA ASP I 354 -4.92 53.28 -8.37
C ASP I 354 -5.74 52.07 -7.92
N GLY I 355 -5.14 50.89 -8.02
CA GLY I 355 -5.71 49.70 -7.43
C GLY I 355 -7.00 49.19 -8.04
N VAL I 356 -8.09 49.25 -7.30
CA VAL I 356 -9.35 48.66 -7.74
C VAL I 356 -10.43 49.72 -7.81
N GLY I 357 -11.65 49.30 -8.12
CA GLY I 357 -12.76 50.22 -8.18
C GLY I 357 -13.90 49.66 -9.02
N ASP I 358 -14.98 50.43 -9.06
CA ASP I 358 -16.17 50.03 -9.81
C ASP I 358 -16.44 50.99 -10.96
N PRO J 44 25.43 35.92 -5.10
CA PRO J 44 26.38 35.18 -5.94
C PRO J 44 27.41 34.41 -5.14
N GLN J 45 27.06 34.06 -3.90
CA GLN J 45 28.04 33.46 -3.01
C GLN J 45 28.18 31.97 -3.30
N PRO J 46 29.37 31.50 -3.65
CA PRO J 46 29.53 30.11 -4.06
C PRO J 46 29.61 29.16 -2.87
N ILE J 47 29.67 27.87 -3.21
CA ILE J 47 29.73 26.80 -2.21
C ILE J 47 31.13 26.66 -1.63
N SER J 48 32.12 27.37 -2.17
CA SER J 48 33.40 27.47 -1.46
C SER J 48 33.25 28.25 -0.18
N ARG J 49 32.27 29.15 -0.13
CA ARG J 49 31.92 29.81 1.12
C ARG J 49 31.18 28.88 2.07
N LEU J 50 30.58 27.81 1.55
CA LEU J 50 29.78 26.92 2.37
C LEU J 50 30.62 25.99 3.26
N GLU J 51 31.89 25.78 2.93
CA GLU J 51 32.74 24.81 3.66
C GLU J 51 33.08 25.39 5.03
N GLN J 52 32.16 25.16 5.97
CA GLN J 52 32.19 25.80 7.28
C GLN J 52 31.23 25.08 8.21
N CYS J 53 31.67 24.91 9.46
CA CYS J 53 30.83 24.47 10.59
C CYS J 53 30.25 23.07 10.35
N GLY J 54 31.15 22.08 10.37
CA GLY J 54 30.71 20.69 10.25
C GLY J 54 30.30 20.30 8.85
N ILE J 55 30.98 20.86 7.85
CA ILE J 55 30.70 20.57 6.44
C ILE J 55 31.97 20.05 5.79
N ASN J 56 31.86 18.89 5.16
CA ASN J 56 32.96 18.26 4.45
C ASN J 56 32.96 18.66 2.98
N ALA J 57 34.14 18.65 2.38
CA ALA J 57 34.34 19.08 1.01
C ALA J 57 33.97 18.03 -0.02
N ASN J 58 33.89 16.76 0.38
CA ASN J 58 33.46 15.73 -0.56
C ASN J 58 31.94 15.76 -0.77
N ASP J 59 31.22 16.55 0.03
CA ASP J 59 29.81 16.74 -0.25
C ASP J 59 29.58 17.98 -1.10
N VAL J 60 30.56 18.88 -1.15
CA VAL J 60 30.45 20.10 -1.95
C VAL J 60 30.38 19.74 -3.43
N LYS J 61 31.21 18.78 -3.85
CA LYS J 61 31.13 18.27 -5.20
C LYS J 61 29.85 17.49 -5.44
N LYS J 62 29.23 16.99 -4.38
CA LYS J 62 27.96 16.28 -4.54
C LYS J 62 26.80 17.27 -4.64
N LEU J 63 27.05 18.54 -4.32
CA LEU J 63 26.07 19.57 -4.67
C LEU J 63 26.29 20.03 -6.09
N GLU J 64 27.54 20.01 -6.55
CA GLU J 64 27.88 20.54 -7.86
C GLU J 64 27.38 19.64 -8.98
N GLU J 65 27.09 18.38 -8.67
CA GLU J 65 26.67 17.45 -9.71
C GLU J 65 25.23 17.71 -10.14
N ALA J 66 24.45 18.37 -9.30
CA ALA J 66 23.10 18.75 -9.68
C ALA J 66 22.99 20.20 -10.14
N GLY J 67 24.07 20.77 -10.67
CA GLY J 67 24.03 22.11 -11.18
C GLY J 67 24.05 23.21 -10.13
N TYR J 68 24.18 22.88 -8.86
CA TYR J 68 24.24 23.87 -7.79
C TYR J 68 25.66 24.38 -7.73
N HIS J 69 25.84 25.68 -7.99
CA HIS J 69 27.15 26.30 -8.01
C HIS J 69 27.28 27.39 -6.95
N THR J 70 26.24 27.67 -6.19
CA THR J 70 26.23 28.75 -5.25
C THR J 70 25.48 28.32 -3.99
N VAL J 71 25.64 29.09 -2.92
CA VAL J 71 25.00 28.70 -1.67
C VAL J 71 23.54 29.12 -1.67
N GLU J 72 23.18 30.14 -2.46
CA GLU J 72 21.82 30.66 -2.44
C GLU J 72 20.84 29.72 -3.12
N ALA J 73 21.27 29.00 -4.14
CA ALA J 73 20.40 28.04 -4.79
C ALA J 73 20.19 26.82 -3.92
N VAL J 74 21.22 26.44 -3.16
CA VAL J 74 21.08 25.34 -2.22
C VAL J 74 20.17 25.76 -1.06
N ALA J 75 20.22 27.04 -0.71
CA ALA J 75 19.27 27.57 0.27
C ALA J 75 17.86 27.54 -0.28
N TYR J 76 17.71 27.67 -1.59
CA TYR J 76 16.40 27.62 -2.21
C TYR J 76 15.90 26.19 -2.39
N ALA J 77 16.66 25.20 -1.98
CA ALA J 77 16.29 23.82 -2.29
C ALA J 77 15.34 23.28 -1.24
N PRO J 78 14.27 22.59 -1.64
CA PRO J 78 13.49 21.82 -0.67
C PRO J 78 14.24 20.58 -0.23
N LYS J 79 13.83 20.07 0.94
CA LYS J 79 14.51 18.93 1.56
C LYS J 79 14.38 17.66 0.70
N LYS J 80 13.24 17.51 0.02
CA LYS J 80 13.06 16.40 -0.89
C LYS J 80 14.00 16.50 -2.07
N GLU J 81 14.30 17.71 -2.52
CA GLU J 81 15.13 17.88 -3.72
C GLU J 81 16.57 17.50 -3.44
N LEU J 82 17.09 17.85 -2.26
CA LEU J 82 18.49 17.61 -1.96
C LEU J 82 18.78 16.18 -1.51
N ILE J 83 17.79 15.47 -0.95
CA ILE J 83 18.03 14.07 -0.62
C ILE J 83 17.99 13.19 -1.86
N ASN J 84 17.45 13.69 -2.97
CA ASN J 84 17.46 12.93 -4.22
C ASN J 84 18.87 12.74 -4.74
N ILE J 85 19.77 13.67 -4.44
CA ILE J 85 21.20 13.47 -4.65
C ILE J 85 21.65 12.45 -3.62
N LYS J 86 22.04 11.26 -4.07
CA LYS J 86 22.54 10.28 -3.13
C LYS J 86 24.05 10.37 -2.98
N GLY J 87 24.52 10.04 -1.79
CA GLY J 87 25.82 10.44 -1.33
C GLY J 87 25.77 11.57 -0.33
N ILE J 88 24.58 12.13 -0.09
CA ILE J 88 24.38 13.24 0.82
C ILE J 88 23.89 12.69 2.15
N SER J 89 24.64 12.95 3.22
CA SER J 89 24.19 12.57 4.55
C SER J 89 23.00 13.43 4.95
N GLU J 90 21.88 12.75 5.25
CA GLU J 90 20.61 13.42 5.41
C GLU J 90 20.53 14.17 6.73
N ALA J 91 21.21 13.66 7.75
CA ALA J 91 21.36 14.42 8.99
C ALA J 91 22.26 15.63 8.76
N LYS J 92 23.32 15.44 7.96
CA LYS J 92 24.14 16.58 7.54
C LYS J 92 23.38 17.48 6.59
N ALA J 93 22.42 16.92 5.83
CA ALA J 93 21.65 17.73 4.89
C ALA J 93 20.76 18.72 5.63
N ASP J 94 20.36 18.40 6.86
CA ASP J 94 19.64 19.38 7.65
C ASP J 94 20.58 20.46 8.16
N LYS J 95 21.85 20.12 8.39
CA LYS J 95 22.85 21.14 8.72
C LYS J 95 23.08 22.07 7.54
N ILE J 96 22.96 21.53 6.32
CA ILE J 96 23.17 22.32 5.10
C ILE J 96 22.15 23.44 5.01
N LEU J 97 20.90 23.13 5.35
CA LEU J 97 19.84 24.13 5.34
C LEU J 97 20.09 25.19 6.40
N THR J 98 20.47 24.76 7.60
CA THR J 98 20.72 25.72 8.68
C THR J 98 21.99 26.51 8.44
N GLU J 99 22.98 25.92 7.78
CA GLU J 99 24.19 26.67 7.43
C GLU J 99 23.88 27.72 6.38
N ALA J 100 23.08 27.36 5.38
CA ALA J 100 22.71 28.32 4.35
C ALA J 100 21.79 29.40 4.89
N ALA J 101 20.94 29.03 5.85
CA ALA J 101 20.07 30.02 6.48
C ALA J 101 20.86 31.01 7.32
N LYS J 102 22.02 30.60 7.81
CA LYS J 102 22.92 31.54 8.47
C LYS J 102 23.43 32.57 7.46
N LEU J 103 23.82 32.12 6.29
CA LEU J 103 24.51 32.98 5.36
C LEU J 103 23.57 33.86 4.55
N VAL J 104 22.32 33.46 4.37
CA VAL J 104 21.40 34.20 3.51
C VAL J 104 20.19 34.59 4.35
N PRO J 105 19.65 35.81 4.21
CA PRO J 105 18.38 36.13 4.86
C PRO J 105 17.22 35.34 4.28
N MET J 106 16.68 34.42 5.07
CA MET J 106 15.55 33.59 4.68
C MET J 106 14.31 33.91 5.49
N GLY J 107 14.21 35.12 6.02
CA GLY J 107 13.14 35.46 6.95
C GLY J 107 12.38 36.70 6.55
N PHE J 108 11.60 37.19 7.52
CA PHE J 108 10.72 38.32 7.29
C PHE J 108 11.48 39.61 7.28
N THR J 109 10.79 40.67 6.87
CA THR J 109 11.34 42.02 6.85
C THR J 109 10.20 43.00 6.76
N THR J 110 10.53 44.27 6.87
CA THR J 110 9.54 45.29 6.62
C THR J 110 9.55 45.67 5.14
N ALA J 111 8.47 46.31 4.72
CA ALA J 111 8.25 46.50 3.30
C ALA J 111 9.11 47.61 2.73
N THR J 112 9.34 48.66 3.52
CA THR J 112 10.21 49.73 3.06
C THR J 112 11.62 49.25 2.86
N GLU J 113 12.06 48.26 3.66
CA GLU J 113 13.33 47.62 3.42
C GLU J 113 13.36 46.94 2.06
N PHE J 114 12.26 46.27 1.70
CA PHE J 114 12.14 45.75 0.34
C PHE J 114 12.02 46.88 -0.67
N HIS J 115 11.36 47.97 -0.27
CA HIS J 115 11.32 49.13 -1.15
C HIS J 115 12.69 49.78 -1.25
N GLN J 116 13.48 49.69 -0.19
CA GLN J 116 14.87 50.10 -0.30
C GLN J 116 15.70 49.04 -0.99
N ARG J 117 15.15 47.84 -1.15
CA ARG J 117 15.82 46.85 -1.97
C ARG J 117 15.47 47.03 -3.44
N ARG J 118 14.21 47.36 -3.73
CA ARG J 118 13.76 47.45 -5.12
C ARG J 118 14.20 48.75 -5.78
N SER J 119 14.48 49.80 -4.99
CA SER J 119 14.67 51.12 -5.58
C SER J 119 15.98 51.23 -6.36
N GLU J 120 16.88 50.28 -6.20
CA GLU J 120 18.11 50.26 -6.97
C GLU J 120 18.18 49.09 -7.95
N ILE J 121 17.02 48.60 -8.40
CA ILE J 121 17.01 47.65 -9.51
C ILE J 121 17.45 48.39 -10.77
N ILE J 122 18.13 47.65 -11.66
CA ILE J 122 18.75 48.22 -12.86
C ILE J 122 17.71 48.90 -13.75
N GLN J 123 16.66 48.17 -14.12
CA GLN J 123 15.60 48.61 -15.04
C GLN J 123 16.19 49.09 -16.37
N ILE J 124 16.73 48.11 -17.11
CA ILE J 124 17.49 48.40 -18.32
C ILE J 124 16.55 48.91 -19.42
N THR J 125 17.16 49.58 -20.41
CA THR J 125 16.42 50.22 -21.49
C THR J 125 16.69 49.52 -22.80
N THR J 126 15.68 49.54 -23.68
CA THR J 126 15.81 48.96 -25.00
C THR J 126 16.54 49.86 -25.98
N GLY J 127 16.71 51.14 -25.65
CA GLY J 127 17.19 52.11 -26.61
C GLY J 127 16.10 52.75 -27.44
N SER J 128 14.87 52.25 -27.35
CA SER J 128 13.71 52.90 -27.93
C SER J 128 12.97 53.61 -26.79
N LYS J 129 12.97 54.93 -26.82
CA LYS J 129 12.59 55.69 -25.63
C LYS J 129 11.11 55.60 -25.37
N GLU J 130 10.28 55.66 -26.41
CA GLU J 130 8.83 55.63 -26.22
C GLU J 130 8.36 54.26 -25.77
N LEU J 131 9.12 53.20 -26.09
CA LEU J 131 8.86 51.91 -25.48
C LEU J 131 9.21 51.95 -24.01
N ASP J 132 10.30 52.63 -23.65
CA ASP J 132 10.65 52.76 -22.25
C ASP J 132 9.76 53.79 -21.56
N LYS J 133 9.06 54.61 -22.33
CA LYS J 133 7.98 55.38 -21.74
C LYS J 133 6.81 54.47 -21.39
N LEU J 134 6.61 53.41 -22.15
CA LEU J 134 5.57 52.45 -21.78
C LEU J 134 5.99 51.62 -20.58
N LEU J 135 7.22 51.14 -20.58
CA LEU J 135 7.69 50.32 -19.48
C LEU J 135 8.28 51.12 -18.33
N GLN J 136 8.16 52.45 -18.39
CA GLN J 136 8.50 53.36 -17.28
C GLN J 136 9.95 53.22 -16.86
N GLY J 137 10.82 52.99 -17.82
CA GLY J 137 12.21 52.75 -17.53
C GLY J 137 12.74 51.54 -18.27
N GLY J 138 11.91 51.00 -19.13
CA GLY J 138 12.34 49.85 -19.88
C GLY J 138 12.28 48.58 -19.04
N ILE J 139 12.97 47.56 -19.54
CA ILE J 139 12.85 46.22 -18.98
C ILE J 139 13.65 46.13 -17.68
N GLU J 140 13.02 45.59 -16.65
CA GLU J 140 13.59 45.51 -15.32
C GLU J 140 14.30 44.19 -15.08
N THR J 141 15.28 44.22 -14.19
CA THR J 141 15.94 42.98 -13.82
C THR J 141 15.22 42.32 -12.65
N GLY J 142 15.62 41.09 -12.37
CA GLY J 142 15.03 40.32 -11.28
C GLY J 142 13.57 40.02 -11.51
N SER J 143 13.20 39.68 -12.74
CA SER J 143 11.81 39.42 -13.08
C SER J 143 11.79 38.42 -14.23
N ILE J 144 10.60 38.16 -14.74
CA ILE J 144 10.43 37.38 -15.97
C ILE J 144 9.68 38.22 -16.98
N THR J 145 10.32 38.47 -18.10
CA THR J 145 9.72 39.24 -19.19
C THR J 145 9.44 38.31 -20.34
N GLU J 146 8.22 38.35 -20.84
CA GLU J 146 7.87 37.55 -22.00
C GLU J 146 7.33 38.47 -23.09
N MET J 147 7.77 38.24 -24.32
CA MET J 147 7.16 38.88 -25.47
C MET J 147 6.63 37.80 -26.39
N PHE J 148 5.59 38.11 -27.14
CA PHE J 148 5.02 37.16 -28.07
C PHE J 148 4.42 37.92 -29.25
N GLY J 149 4.85 37.56 -30.46
CA GLY J 149 4.30 38.10 -31.68
C GLY J 149 3.95 36.97 -32.60
N GLU J 150 3.14 37.28 -33.62
CA GLU J 150 2.58 36.24 -34.48
C GLU J 150 3.67 35.58 -35.33
N PHE J 151 4.51 36.40 -35.94
CA PHE J 151 5.70 36.07 -36.73
C PHE J 151 6.25 37.41 -37.14
N ARG J 152 7.56 37.49 -37.46
CA ARG J 152 8.16 38.62 -38.17
C ARG J 152 8.17 39.94 -37.38
N THR J 153 7.53 39.95 -36.20
CA THR J 153 7.16 41.19 -35.55
C THR J 153 8.33 41.85 -34.86
N GLY J 154 9.41 41.11 -34.61
CA GLY J 154 10.59 41.73 -34.06
C GLY J 154 11.12 41.02 -32.84
N LYS J 155 10.64 39.80 -32.64
CA LYS J 155 10.86 39.01 -31.43
C LYS J 155 12.33 38.73 -31.23
N THR J 156 12.98 38.16 -32.23
CA THR J 156 14.42 38.02 -32.17
C THR J 156 15.12 39.33 -32.45
N GLN J 157 14.42 40.25 -33.11
CA GLN J 157 15.04 41.52 -33.48
C GLN J 157 15.28 42.39 -32.28
N ILE J 158 14.31 42.42 -31.36
CA ILE J 158 14.48 43.22 -30.15
C ILE J 158 15.52 42.60 -29.23
N CYS J 159 15.69 41.28 -29.33
CA CYS J 159 16.63 40.60 -28.45
C CYS J 159 18.05 40.94 -28.81
N HIS J 160 18.29 41.29 -30.07
CA HIS J 160 19.61 41.70 -30.47
C HIS J 160 19.95 43.08 -29.92
N THR J 161 18.96 43.98 -29.87
CA THR J 161 19.21 45.29 -29.27
C THR J 161 19.41 45.17 -27.78
N LEU J 162 18.66 44.28 -27.12
CA LEU J 162 18.85 44.06 -25.69
C LEU J 162 20.18 43.39 -25.41
N ALA J 163 20.70 42.63 -26.37
CA ALA J 163 22.05 42.09 -26.21
C ALA J 163 23.10 43.18 -26.34
N VAL J 164 22.79 44.27 -27.01
CA VAL J 164 23.76 45.34 -27.19
C VAL J 164 23.72 46.31 -26.02
N THR J 165 22.52 46.66 -25.55
CA THR J 165 22.34 47.74 -24.59
C THR J 165 23.00 47.46 -23.24
N CYS J 166 23.05 46.20 -22.82
CA CYS J 166 23.53 45.88 -21.48
C CYS J 166 25.01 46.17 -21.30
N GLN J 167 25.76 46.21 -22.39
CA GLN J 167 27.15 46.65 -22.33
C GLN J 167 27.28 48.11 -21.92
N LEU J 168 26.28 48.93 -22.21
CA LEU J 168 26.34 50.33 -21.84
C LEU J 168 26.18 50.49 -20.33
N PRO J 169 26.67 51.59 -19.77
CA PRO J 169 26.45 51.82 -18.33
C PRO J 169 25.02 52.26 -18.04
N ILE J 170 24.76 52.42 -16.74
CA ILE J 170 23.40 52.58 -16.24
C ILE J 170 22.82 53.91 -16.66
N ASP J 171 23.66 54.95 -16.66
CA ASP J 171 23.22 56.28 -17.06
C ASP J 171 22.87 56.34 -18.53
N ARG J 172 23.57 55.57 -19.36
CA ARG J 172 23.24 55.43 -20.76
C ARG J 172 21.94 54.67 -20.99
N GLY J 173 21.47 53.93 -19.99
CA GLY J 173 20.35 53.04 -20.12
C GLY J 173 20.71 51.58 -20.20
N GLY J 174 21.96 51.25 -19.93
CA GLY J 174 22.40 49.87 -19.99
C GLY J 174 22.51 49.22 -18.64
N GLY J 175 23.29 48.15 -18.59
CA GLY J 175 23.37 47.30 -17.42
C GLY J 175 24.70 47.18 -16.73
N GLU J 176 25.77 47.79 -17.29
CA GLU J 176 27.14 47.72 -16.76
C GLU J 176 27.61 46.27 -16.59
N GLY J 177 27.21 45.42 -17.52
CA GLY J 177 27.61 44.02 -17.47
C GLY J 177 27.26 43.33 -18.76
N LYS J 178 28.04 42.30 -19.07
CA LYS J 178 27.71 41.44 -20.21
C LYS J 178 26.42 40.70 -19.94
N ALA J 179 25.69 40.37 -20.99
CA ALA J 179 24.56 39.48 -20.87
C ALA J 179 24.95 38.11 -21.40
N MET J 180 23.97 37.22 -21.44
CA MET J 180 24.13 35.95 -22.13
C MET J 180 23.03 35.87 -23.17
N TYR J 181 23.27 35.05 -24.18
CA TYR J 181 22.29 34.84 -25.22
C TYR J 181 22.31 33.34 -25.50
N ILE J 182 21.12 32.76 -25.59
CA ILE J 182 20.97 31.48 -26.26
C ILE J 182 19.84 31.63 -27.25
N ASP J 183 19.86 30.80 -28.30
CA ASP J 183 18.71 30.68 -29.16
C ASP J 183 18.60 29.23 -29.59
N THR J 184 17.36 28.74 -29.64
CA THR J 184 17.08 27.44 -30.22
C THR J 184 16.43 27.54 -31.59
N GLU J 185 15.88 28.71 -31.94
CA GLU J 185 15.42 28.98 -33.29
C GLU J 185 16.57 29.06 -34.29
N GLY J 186 17.79 29.27 -33.80
CA GLY J 186 18.94 29.45 -34.67
C GLY J 186 19.01 30.79 -35.35
N THR J 187 18.12 31.71 -35.01
CA THR J 187 17.96 33.00 -35.68
C THR J 187 18.94 34.07 -35.18
N PHE J 188 20.01 33.69 -34.50
CA PHE J 188 20.96 34.69 -34.04
C PHE J 188 21.89 35.09 -35.17
N ARG J 189 22.08 36.40 -35.32
CA ARG J 189 23.00 36.97 -36.30
C ARG J 189 23.93 37.93 -35.57
N PRO J 190 25.22 37.60 -35.47
CA PRO J 190 26.15 38.50 -34.77
C PRO J 190 26.40 39.80 -35.50
N GLU J 191 26.27 39.83 -36.84
CA GLU J 191 26.45 41.06 -37.58
C GLU J 191 25.33 42.05 -37.28
N ARG J 192 24.17 41.54 -36.87
CA ARG J 192 23.04 42.38 -36.54
C ARG J 192 23.31 43.12 -35.23
N LEU J 193 24.23 42.60 -34.42
CA LEU J 193 24.68 43.33 -33.26
C LEU J 193 25.56 44.50 -33.64
N LEU J 194 26.29 44.39 -34.76
CA LEU J 194 27.29 45.41 -35.08
C LEU J 194 26.65 46.73 -35.47
N ALA J 195 25.50 46.67 -36.14
CA ALA J 195 24.81 47.90 -36.51
C ALA J 195 24.19 48.55 -35.28
N VAL J 196 23.76 47.76 -34.32
CA VAL J 196 23.25 48.32 -33.08
C VAL J 196 24.41 48.77 -32.20
N ALA J 197 25.57 48.13 -32.34
CA ALA J 197 26.77 48.69 -31.76
C ALA J 197 27.21 49.94 -32.50
N GLU J 198 26.86 50.03 -33.79
CA GLU J 198 27.20 51.20 -34.57
C GLU J 198 26.36 52.40 -34.19
N ARG J 199 25.06 52.18 -33.94
CA ARG J 199 24.15 53.29 -33.70
C ARG J 199 24.39 53.94 -32.35
N TYR J 200 25.12 53.26 -31.46
CA TYR J 200 25.50 53.82 -30.18
C TYR J 200 26.97 54.13 -30.09
N GLY J 201 27.71 53.99 -31.20
CA GLY J 201 29.03 54.53 -31.34
C GLY J 201 30.15 53.69 -30.76
N LEU J 202 29.87 52.87 -29.75
CA LEU J 202 30.91 52.11 -29.09
C LEU J 202 31.43 50.98 -29.98
N SER J 203 32.50 50.35 -29.53
CA SER J 203 33.14 49.28 -30.28
C SER J 203 32.22 48.07 -30.40
N GLY J 204 32.43 47.30 -31.45
CA GLY J 204 31.68 46.07 -31.63
C GLY J 204 32.56 44.89 -31.34
N SER J 205 33.85 45.15 -31.20
CA SER J 205 34.80 44.09 -30.88
C SER J 205 34.54 43.56 -29.47
N ASP J 206 34.55 44.45 -28.49
CA ASP J 206 34.30 44.07 -27.10
C ASP J 206 32.89 43.52 -26.91
N VAL J 207 31.93 44.03 -27.67
CA VAL J 207 30.57 43.47 -27.64
C VAL J 207 30.57 42.07 -28.21
N LEU J 208 31.42 41.82 -29.20
CA LEU J 208 31.58 40.45 -29.67
C LEU J 208 32.40 39.64 -28.68
N ASP J 209 33.32 40.28 -27.96
CA ASP J 209 33.96 39.61 -26.82
C ASP J 209 32.96 39.41 -25.69
N ASN J 210 31.94 40.25 -25.65
CA ASN J 210 30.77 40.07 -24.80
C ASN J 210 29.83 39.08 -25.46
N VAL J 211 28.54 39.22 -25.17
CA VAL J 211 27.56 38.19 -24.82
C VAL J 211 27.74 36.82 -25.49
N ALA J 212 27.74 35.78 -24.66
CA ALA J 212 28.02 34.44 -25.17
C ALA J 212 26.82 33.90 -25.93
N TYR J 213 27.05 32.85 -26.71
CA TYR J 213 26.00 32.26 -27.53
C TYR J 213 25.94 30.75 -27.30
N ALA J 214 24.73 30.23 -27.22
CA ALA J 214 24.56 28.79 -27.20
C ALA J 214 23.31 28.43 -27.99
N ARG J 215 23.21 27.15 -28.34
CA ARG J 215 22.09 26.62 -29.10
C ARG J 215 21.49 25.44 -28.36
N GLY J 216 20.20 25.54 -28.06
CA GLY J 216 19.52 24.43 -27.44
C GLY J 216 18.99 23.49 -28.51
N PHE J 217 19.44 22.25 -28.47
CA PHE J 217 19.00 21.25 -29.42
C PHE J 217 17.80 20.46 -28.92
N ASN J 218 17.76 20.17 -27.63
CA ASN J 218 16.66 19.42 -27.04
C ASN J 218 16.11 20.20 -25.86
N THR J 219 14.91 19.79 -25.44
CA THR J 219 14.26 20.45 -24.32
C THR J 219 15.03 20.20 -23.02
N ASP J 220 15.54 18.99 -22.84
CA ASP J 220 16.40 18.77 -21.70
C ASP J 220 17.80 19.31 -21.94
N HIS J 221 18.17 19.50 -23.21
CA HIS J 221 19.43 20.20 -23.47
C HIS J 221 19.32 21.67 -23.15
N GLN J 222 18.10 22.22 -23.17
CA GLN J 222 17.89 23.57 -22.66
C GLN J 222 18.22 23.64 -21.17
N THR J 223 17.62 22.77 -20.38
CA THR J 223 17.90 22.76 -18.95
C THR J 223 19.30 22.25 -18.65
N GLN J 224 19.90 21.49 -19.57
CA GLN J 224 21.33 21.20 -19.47
C GLN J 224 22.15 22.47 -19.64
N LEU J 225 21.76 23.32 -20.59
CA LEU J 225 22.53 24.53 -20.86
C LEU J 225 22.40 25.54 -19.72
N LEU J 226 21.31 25.47 -18.95
CA LEU J 226 21.19 26.34 -17.79
C LEU J 226 22.21 25.96 -16.72
N TYR J 227 22.56 24.68 -16.65
CA TYR J 227 23.58 24.25 -15.70
C TYR J 227 24.94 24.79 -16.08
N GLN J 228 25.24 24.82 -17.38
CA GLN J 228 26.43 25.54 -17.84
C GLN J 228 26.29 27.03 -17.59
N ALA J 229 25.06 27.55 -17.75
CA ALA J 229 24.84 28.99 -17.59
C ALA J 229 24.91 29.40 -16.13
N GLU J 230 24.25 28.63 -15.26
CA GLU J 230 24.28 28.91 -13.83
C GLU J 230 25.65 29.34 -13.34
N ASP J 231 26.59 28.42 -13.34
CA ASP J 231 27.94 28.75 -12.86
C ASP J 231 28.50 29.89 -13.66
N MET J 232 28.20 29.89 -14.96
CA MET J 232 28.68 30.98 -15.80
C MET J 232 28.26 32.31 -15.18
N MET J 233 27.41 32.25 -14.17
CA MET J 233 27.03 33.49 -13.50
C MET J 233 27.79 33.70 -12.21
N VAL J 234 28.46 32.67 -11.71
CA VAL J 234 29.13 32.76 -10.41
C VAL J 234 30.43 33.53 -10.52
N GLU J 235 31.30 33.12 -11.44
CA GLU J 235 32.60 33.75 -11.54
C GLU J 235 32.56 35.07 -12.27
N SER J 236 31.53 35.35 -13.05
CA SER J 236 31.50 36.51 -13.92
C SER J 236 30.24 37.30 -13.69
N ARG J 237 30.38 38.62 -13.69
CA ARG J 237 29.23 39.51 -13.58
C ARG J 237 28.43 39.47 -14.87
N TYR J 238 27.15 39.18 -14.74
CA TYR J 238 26.30 39.10 -15.91
C TYR J 238 25.05 39.95 -15.73
N ALA J 239 24.56 40.49 -16.84
CA ALA J 239 23.44 41.41 -16.81
C ALA J 239 22.12 40.73 -17.16
N LEU J 240 22.03 40.11 -18.33
CA LEU J 240 20.75 39.64 -18.85
C LEU J 240 20.85 38.24 -19.43
N LEU J 241 19.68 37.66 -19.65
CA LEU J 241 19.53 36.28 -20.08
C LEU J 241 18.52 36.24 -21.20
N ILE J 242 18.94 35.75 -22.36
CA ILE J 242 18.13 35.82 -23.57
C ILE J 242 17.91 34.41 -24.09
N VAL J 243 16.65 34.01 -24.17
CA VAL J 243 16.21 32.79 -24.84
C VAL J 243 14.95 33.17 -25.61
N ASP J 244 14.78 32.64 -26.82
CA ASP J 244 13.63 33.12 -27.59
C ASP J 244 12.81 32.03 -28.26
N SER J 245 13.22 30.78 -28.20
CA SER J 245 12.37 29.74 -28.74
C SER J 245 12.39 28.53 -27.84
N ALA J 246 12.31 28.76 -26.52
CA ALA J 246 12.28 27.67 -25.57
C ALA J 246 10.97 26.91 -25.67
N THR J 247 9.88 27.60 -25.93
CA THR J 247 8.59 26.94 -26.07
C THR J 247 8.38 26.35 -27.46
N ALA J 248 9.29 26.59 -28.40
CA ALA J 248 9.20 25.94 -29.69
C ALA J 248 9.58 24.47 -29.59
N LEU J 249 10.66 24.16 -28.86
CA LEU J 249 11.13 22.79 -28.76
C LEU J 249 10.18 21.92 -27.96
N TYR J 250 9.41 22.54 -27.04
CA TYR J 250 8.35 21.80 -26.37
C TYR J 250 7.26 21.41 -27.35
N ARG J 251 7.04 22.24 -28.36
CA ARG J 251 6.05 21.90 -29.37
C ARG J 251 6.57 20.84 -30.33
N THR J 252 7.89 20.68 -30.41
CA THR J 252 8.42 19.77 -31.41
C THR J 252 9.08 18.53 -30.81
N ASP J 253 9.17 18.45 -29.48
CA ASP J 253 9.63 17.21 -28.88
C ASP J 253 8.48 16.45 -28.25
N TYR J 254 7.42 17.15 -27.88
CA TYR J 254 6.27 16.51 -27.26
C TYR J 254 5.14 16.40 -28.27
N SER J 255 4.04 15.79 -27.86
CA SER J 255 2.89 15.57 -28.73
C SER J 255 1.62 16.01 -28.02
N GLY J 256 0.48 15.66 -28.62
CA GLY J 256 -0.83 15.97 -28.08
C GLY J 256 -1.92 15.40 -28.97
N ARG J 257 -3.00 14.83 -28.41
CA ARG J 257 -3.26 14.68 -26.98
C ARG J 257 -2.46 13.51 -26.41
N GLY J 258 -2.18 13.54 -25.13
CA GLY J 258 -1.18 12.64 -24.63
C GLY J 258 0.20 13.27 -24.74
N GLU J 259 1.08 12.92 -23.78
CA GLU J 259 2.41 13.48 -23.58
C GLU J 259 2.36 14.98 -23.29
N LEU J 260 1.19 15.49 -22.91
CA LEU J 260 1.05 16.92 -22.65
C LEU J 260 1.45 17.25 -21.23
N SER J 261 1.05 16.41 -20.27
CA SER J 261 1.46 16.61 -18.89
C SER J 261 2.96 16.44 -18.74
N ALA J 262 3.55 15.52 -19.50
CA ALA J 262 5.01 15.36 -19.47
C ALA J 262 5.71 16.57 -20.06
N ARG J 263 5.05 17.27 -20.99
CA ARG J 263 5.58 18.54 -21.45
C ARG J 263 5.49 19.59 -20.36
N GLN J 264 4.34 19.66 -19.69
CA GLN J 264 4.13 20.66 -18.64
C GLN J 264 5.03 20.42 -17.45
N MET J 265 5.46 19.17 -17.23
CA MET J 265 6.38 18.91 -16.14
C MET J 265 7.80 19.32 -16.51
N HIS J 266 8.13 19.30 -17.80
CA HIS J 266 9.44 19.80 -18.18
C HIS J 266 9.38 21.29 -18.47
N LEU J 267 8.18 21.85 -18.58
CA LEU J 267 8.10 23.26 -18.89
C LEU J 267 8.19 24.10 -17.62
N ALA J 268 7.49 23.71 -16.57
CA ALA J 268 7.42 24.53 -15.37
C ALA J 268 8.72 24.47 -14.60
N ARG J 269 9.38 23.31 -14.59
CA ARG J 269 10.68 23.20 -13.95
C ARG J 269 11.69 24.08 -14.66
N PHE J 270 11.56 24.19 -15.97
CA PHE J 270 12.38 25.12 -16.73
C PHE J 270 12.12 26.56 -16.32
N LEU J 271 10.86 26.89 -16.02
CA LEU J 271 10.53 28.26 -15.66
C LEU J 271 11.02 28.60 -14.27
N ARG J 272 10.79 27.69 -13.32
CA ARG J 272 11.26 27.91 -11.95
C ARG J 272 12.77 28.04 -11.94
N MET J 273 13.43 27.37 -12.88
CA MET J 273 14.88 27.49 -12.97
C MET J 273 15.23 28.94 -13.18
N LEU J 274 14.48 29.60 -14.07
CA LEU J 274 14.71 31.02 -14.32
C LEU J 274 14.49 31.81 -13.04
N LEU J 275 13.60 31.34 -12.18
CA LEU J 275 13.38 32.00 -10.90
C LEU J 275 14.59 31.86 -10.02
N ARG J 276 15.20 30.68 -10.01
CA ARG J 276 16.48 30.49 -9.35
C ARG J 276 17.54 31.33 -10.01
N LEU J 277 17.46 31.50 -11.33
CA LEU J 277 18.42 32.33 -12.03
C LEU J 277 18.18 33.81 -11.76
N ALA J 278 16.91 34.22 -11.72
CA ALA J 278 16.63 35.65 -11.60
C ALA J 278 16.86 36.13 -10.17
N ASP J 279 16.33 35.41 -9.19
CA ASP J 279 16.16 36.01 -7.87
C ASP J 279 17.46 36.02 -7.08
N GLU J 280 18.43 35.18 -7.45
CA GLU J 280 19.69 35.22 -6.73
C GLU J 280 20.74 36.05 -7.45
N PHE J 281 20.50 36.43 -8.70
CA PHE J 281 21.50 37.10 -9.50
C PHE J 281 21.13 38.51 -9.92
N GLY J 282 19.88 38.90 -9.80
CA GLY J 282 19.46 40.22 -10.25
C GLY J 282 19.56 40.35 -11.74
N VAL J 283 19.29 39.28 -12.47
CA VAL J 283 19.46 39.21 -13.91
C VAL J 283 18.09 39.21 -14.54
N ALA J 284 17.85 40.12 -15.47
CA ALA J 284 16.62 40.07 -16.25
C ALA J 284 16.67 38.91 -17.22
N VAL J 285 15.55 38.21 -17.34
CA VAL J 285 15.42 37.18 -18.35
C VAL J 285 14.41 37.66 -19.37
N VAL J 286 14.50 37.09 -20.56
CA VAL J 286 13.64 37.43 -21.68
C VAL J 286 13.33 36.12 -22.37
N ILE J 287 12.05 35.82 -22.56
CA ILE J 287 11.66 34.68 -23.36
C ILE J 287 10.61 35.11 -24.39
N THR J 288 10.88 34.76 -25.64
CA THR J 288 9.91 34.92 -26.70
C THR J 288 9.10 33.65 -26.79
N ASN J 289 7.78 33.78 -26.74
CA ASN J 289 6.87 32.66 -26.96
C ASN J 289 6.27 32.83 -28.34
N GLN J 290 6.28 31.77 -29.14
CA GLN J 290 5.52 31.82 -30.37
C GLN J 290 4.06 31.52 -30.04
N VAL J 291 3.19 31.79 -30.99
CA VAL J 291 1.75 31.79 -30.72
C VAL J 291 1.02 31.12 -31.87
N VAL J 292 0.06 30.25 -31.53
CA VAL J 292 -0.84 29.64 -32.49
C VAL J 292 -2.17 30.41 -32.48
N ALA J 293 -2.97 30.17 -33.51
CA ALA J 293 -4.18 30.94 -33.71
C ALA J 293 -5.32 30.46 -32.82
N GLN J 294 -6.52 30.94 -33.13
CA GLN J 294 -7.69 30.73 -32.27
C GLN J 294 -8.79 29.97 -33.02
N VAL J 295 -8.94 28.69 -32.70
CA VAL J 295 -9.90 27.82 -33.37
C VAL J 295 -11.09 27.61 -32.45
N ASP J 296 -11.37 28.62 -31.62
CA ASP J 296 -12.58 28.64 -30.80
C ASP J 296 -13.85 28.52 -31.65
N GLY J 297 -13.87 29.16 -32.82
CA GLY J 297 -14.97 29.00 -33.75
C GLY J 297 -16.22 29.77 -33.38
N PRO J 305 -9.31 36.54 -29.49
CA PRO J 305 -8.08 36.35 -28.72
C PRO J 305 -6.86 36.13 -29.62
N LYS J 306 -5.70 35.87 -29.02
CA LYS J 306 -4.53 35.46 -29.78
C LYS J 306 -3.94 34.22 -29.14
N LYS J 307 -3.96 34.17 -27.80
CA LYS J 307 -3.73 33.01 -26.94
C LYS J 307 -2.43 32.28 -27.22
N PRO J 308 -1.30 32.81 -26.72
CA PRO J 308 0.01 32.18 -26.95
C PRO J 308 0.10 30.76 -26.39
N ILE J 309 1.16 30.06 -26.82
CA ILE J 309 1.33 28.66 -26.49
C ILE J 309 1.97 28.56 -25.11
N GLY J 310 1.94 27.36 -24.53
CA GLY J 310 2.34 27.13 -23.18
C GLY J 310 1.20 27.11 -22.19
N GLY J 311 0.03 27.60 -22.59
CA GLY J 311 -1.20 27.55 -21.81
C GLY J 311 -1.10 28.33 -20.52
N ASN J 312 -1.62 27.73 -19.45
CA ASN J 312 -1.66 28.42 -18.16
C ASN J 312 -0.34 28.34 -17.43
N ILE J 313 0.49 27.36 -17.73
CA ILE J 313 1.74 27.21 -16.98
C ILE J 313 2.75 28.25 -17.42
N ILE J 314 2.58 28.81 -18.63
CA ILE J 314 3.42 29.95 -19.02
C ILE J 314 2.70 31.25 -18.70
N ALA J 315 1.38 31.20 -18.48
CA ALA J 315 0.62 32.41 -18.24
C ALA J 315 0.76 32.90 -16.82
N HIS J 316 1.47 32.17 -15.97
CA HIS J 316 1.62 32.60 -14.60
C HIS J 316 3.05 32.94 -14.22
N ALA J 317 4.02 32.21 -14.75
CA ALA J 317 5.40 32.56 -14.47
C ALA J 317 5.82 33.84 -15.19
N SER J 318 5.07 34.23 -16.21
CA SER J 318 5.32 35.51 -16.86
C SER J 318 4.99 36.64 -15.91
N THR J 319 6.01 37.30 -15.39
CA THR J 319 5.79 38.46 -14.56
C THR J 319 5.41 39.68 -15.37
N THR J 320 5.80 39.73 -16.64
CA THR J 320 5.37 40.75 -17.57
C THR J 320 5.18 40.08 -18.92
N ARG J 321 4.28 40.64 -19.73
CA ARG J 321 3.92 39.99 -20.98
C ARG J 321 3.66 41.02 -22.07
N LEU J 322 4.30 40.81 -23.22
CA LEU J 322 4.33 41.79 -24.29
C LEU J 322 3.68 41.24 -25.56
N TYR J 323 2.50 41.76 -25.88
CA TYR J 323 1.82 41.44 -27.14
C TYR J 323 2.41 42.33 -28.22
N LEU J 324 3.00 41.72 -29.23
CA LEU J 324 3.67 42.44 -30.31
C LEU J 324 2.79 42.42 -31.55
N ARG J 325 2.19 43.57 -31.87
CA ARG J 325 1.28 43.68 -33.00
C ARG J 325 1.93 44.41 -34.16
N LYS J 326 1.56 44.00 -35.37
CA LYS J 326 2.21 44.48 -36.59
C LYS J 326 1.35 45.58 -37.20
N GLY J 327 1.91 46.80 -37.26
CA GLY J 327 1.27 47.90 -37.95
C GLY J 327 1.71 47.99 -39.38
N ARG J 328 1.60 49.20 -39.93
CA ARG J 328 1.96 49.43 -41.32
C ARG J 328 3.47 49.45 -41.48
N GLY J 329 3.99 48.52 -42.28
CA GLY J 329 5.42 48.47 -42.52
C GLY J 329 6.19 48.01 -41.29
N GLU J 330 7.33 48.66 -41.06
CA GLU J 330 8.19 48.33 -39.94
C GLU J 330 7.69 48.88 -38.60
N THR J 331 6.64 49.70 -38.61
CA THR J 331 6.03 50.15 -37.37
C THR J 331 5.32 48.99 -36.70
N ARG J 332 5.74 48.67 -35.48
CA ARG J 332 5.11 47.58 -34.74
C ARG J 332 4.53 48.12 -33.45
N ILE J 333 3.45 47.49 -33.00
CA ILE J 333 2.78 47.85 -31.76
C ILE J 333 3.21 46.85 -30.70
N CYS J 334 3.42 47.33 -29.47
CA CYS J 334 3.77 46.48 -28.33
C CYS J 334 2.72 46.67 -27.25
N LYS J 335 1.87 45.65 -27.05
CA LYS J 335 0.77 45.75 -26.11
C LYS J 335 1.09 45.00 -24.82
N ILE J 336 0.70 45.59 -23.71
CA ILE J 336 1.10 45.15 -22.38
C ILE J 336 0.07 44.15 -21.85
N TYR J 337 0.54 42.98 -21.41
CA TYR J 337 -0.27 42.03 -20.68
C TYR J 337 0.45 41.64 -19.40
N ASP J 338 -0.33 41.16 -18.42
CA ASP J 338 0.13 40.40 -17.24
C ASP J 338 1.26 41.10 -16.50
N SER J 339 1.08 42.36 -16.21
CA SER J 339 2.20 43.13 -15.67
C SER J 339 1.71 43.89 -14.45
N PRO J 340 1.98 43.41 -13.24
CA PRO J 340 1.32 43.96 -12.06
C PRO J 340 1.82 45.33 -11.65
N CYS J 341 2.85 45.85 -12.29
CA CYS J 341 3.29 47.20 -12.04
C CYS J 341 2.68 48.19 -13.02
N LEU J 342 2.18 47.72 -14.15
CA LEU J 342 1.90 48.58 -15.28
C LEU J 342 0.45 48.49 -15.74
N PRO J 343 -0.16 49.60 -16.12
CA PRO J 343 -1.44 49.53 -16.82
C PRO J 343 -1.26 48.97 -18.21
N GLU J 344 -2.35 48.48 -18.78
CA GLU J 344 -2.31 47.99 -20.15
C GLU J 344 -2.32 49.17 -21.10
N ALA J 345 -1.21 49.38 -21.79
CA ALA J 345 -1.10 50.44 -22.78
C ALA J 345 -0.05 50.03 -23.79
N GLU J 346 0.01 50.76 -24.90
CA GLU J 346 0.85 50.37 -26.03
C GLU J 346 1.59 51.57 -26.59
N ALA J 347 2.53 51.28 -27.49
CA ALA J 347 3.23 52.31 -28.23
C ALA J 347 3.40 51.86 -29.68
N MET J 348 4.22 52.59 -30.44
CA MET J 348 4.44 52.27 -31.85
C MET J 348 5.93 52.45 -32.13
N PHE J 349 6.68 51.36 -32.00
CA PHE J 349 8.11 51.38 -32.29
C PHE J 349 8.34 50.78 -33.67
N ALA J 350 9.58 50.87 -34.12
CA ALA J 350 9.89 50.50 -35.49
C ALA J 350 11.15 49.65 -35.54
N ILE J 351 11.26 48.89 -36.61
CA ILE J 351 12.44 48.09 -36.91
C ILE J 351 13.16 48.78 -38.05
N ASN J 352 14.26 49.46 -37.74
CA ASN J 352 15.04 50.11 -38.77
C ASN J 352 16.33 49.33 -39.02
N ALA J 353 17.16 49.88 -39.91
CA ALA J 353 18.38 49.18 -40.29
C ALA J 353 19.45 49.32 -39.22
N ASP J 354 19.43 50.41 -38.47
CA ASP J 354 20.34 50.55 -37.34
C ASP J 354 19.94 49.65 -36.19
N GLY J 355 18.67 49.27 -36.11
CA GLY J 355 18.13 48.47 -35.04
C GLY J 355 16.69 48.85 -34.78
N VAL J 356 16.30 48.79 -33.51
CA VAL J 356 14.96 49.21 -33.12
C VAL J 356 14.85 50.71 -33.20
N GLY J 357 13.90 51.20 -34.00
CA GLY J 357 13.70 52.62 -34.14
C GLY J 357 12.30 53.04 -33.76
N ASP J 358 11.96 54.29 -34.04
CA ASP J 358 10.64 54.82 -33.68
C ASP J 358 9.75 54.96 -34.91
#